data_5U95
#
_entry.id   5U95
#
_cell.length_a   108.259
_cell.length_b   108.259
_cell.length_c   183.220
_cell.angle_alpha   90.00
_cell.angle_beta   90.00
_cell.angle_gamma   90.00
#
_symmetry.space_group_name_H-M   'P 41'
#
loop_
_entity.id
_entity.type
_entity.pdbx_description
1 polymer '4-coumarate--CoA ligase 2'
2 non-polymer 'CALCIUM ION'
3 water water
#
_entity_poly.entity_id   1
_entity_poly.type   'polypeptide(L)'
_entity_poly.pdbx_seq_one_letter_code
;MEKDTKQVDIIFRSKLPDIYIPNHLPLHSYCFENISEFSSRPCLINGANKQIYTYADVELNSRKVAAGLHKQGIQPKDTI
MILLPNSPEFVFAFIGASYLGAISTMANPLFTPAEVVKQAKASSAKIIVTQACHVNKVKDYAFENDVKIICIDSAPEGCL
HFSVLTQANEHDIPEVEIQPDDVVALPYSSGTTGLPKGVMLTHKGLVTSVAQQVDGENPNLYIHSEDVMLCVLPLFHIYS
LNSVLLCGLRVGAAILIMQKFDIVSFLELIQSYKVTIGPFVPPIVLAIAKSPMVDDYDLSSVRTVMSGAAPLGKELEDTV
RAKFPNAKLGQGYGMTEAGPVLAMCLAFAKEPFEIKSGACGTVVRNAEMKIVDPKTGNSLPRNQSGEICIRGDQIMKGYL
NDPEATARTIDKEGWLYTGDIGYIDDDDELFIVDRLKELIKYKGFQVAPAELEALLLNHPNISDAAVVPMKDEQAGEVPV
AFVVRSNGSTITEDEVKDFISKQVIFYKRIKRVFFVDAIPKSPSGKILRKDLRAKLAAGLPN
;
_entity_poly.pdbx_strand_id   A,B,C,D
#
# COMPACT_ATOMS: atom_id res chain seq x y z
N VAL A 8 21.17 -8.42 -34.44
CA VAL A 8 21.12 -9.67 -35.19
C VAL A 8 22.17 -10.67 -34.70
N ASP A 9 21.93 -11.22 -33.52
CA ASP A 9 22.79 -12.29 -33.04
C ASP A 9 22.52 -13.56 -33.82
N ILE A 10 23.33 -14.58 -33.54
CA ILE A 10 23.07 -15.94 -33.99
C ILE A 10 22.19 -16.59 -32.90
N ILE A 11 20.89 -16.71 -33.21
CA ILE A 11 19.86 -17.19 -32.28
C ILE A 11 19.38 -18.57 -32.73
N PHE A 12 19.18 -19.46 -31.76
CA PHE A 12 18.70 -20.81 -32.00
C PHE A 12 17.33 -21.00 -31.35
N ARG A 13 16.50 -21.81 -32.00
CA ARG A 13 15.14 -22.09 -31.52
C ARG A 13 14.87 -23.58 -31.67
N SER A 14 13.70 -24.00 -31.19
CA SER A 14 13.35 -25.41 -31.21
C SER A 14 13.11 -25.89 -32.64
N LYS A 15 13.33 -27.20 -32.85
CA LYS A 15 12.90 -27.81 -34.11
C LYS A 15 11.38 -27.88 -34.24
N LEU A 16 10.64 -27.80 -33.12
CA LEU A 16 9.18 -27.80 -33.17
C LEU A 16 8.70 -26.39 -33.42
N PRO A 17 7.49 -26.23 -33.95
CA PRO A 17 6.90 -24.89 -34.05
C PRO A 17 6.51 -24.36 -32.68
N ASP A 18 6.33 -23.03 -32.58
CA ASP A 18 5.75 -22.49 -31.37
C ASP A 18 4.29 -22.91 -31.22
N ILE A 19 3.79 -22.78 -30.00
CA ILE A 19 2.41 -23.10 -29.67
C ILE A 19 1.80 -21.92 -28.93
N TYR A 20 0.48 -21.91 -28.91
CA TYR A 20 -0.20 -20.96 -28.06
C TYR A 20 -0.02 -21.41 -26.62
N ILE A 21 0.35 -20.46 -25.75
CA ILE A 21 0.63 -20.75 -24.35
C ILE A 21 -0.27 -19.85 -23.51
N PRO A 22 -1.18 -20.36 -22.81
CA PRO A 22 -2.09 -19.48 -22.04
C PRO A 22 -1.46 -19.03 -20.73
N ASN A 23 -0.32 -18.33 -20.80
CA ASN A 23 0.35 -17.99 -19.56
C ASN A 23 -0.23 -16.76 -18.86
N HIS A 24 -1.42 -16.28 -19.26
CA HIS A 24 -2.19 -15.36 -18.42
C HIS A 24 -3.00 -16.06 -17.33
N LEU A 25 -3.08 -17.40 -17.35
CA LEU A 25 -3.81 -18.15 -16.33
C LEU A 25 -2.94 -18.38 -15.08
N PRO A 26 -3.51 -18.29 -13.88
CA PRO A 26 -2.79 -18.77 -12.70
C PRO A 26 -2.42 -20.24 -12.85
N LEU A 27 -1.34 -20.64 -12.14
CA LEU A 27 -0.81 -21.99 -12.29
C LEU A 27 -1.87 -23.09 -12.09
N HIS A 28 -2.69 -22.97 -11.02
CA HIS A 28 -3.69 -24.00 -10.73
C HIS A 28 -4.78 -24.06 -11.79
N SER A 29 -5.31 -22.90 -12.20
CA SER A 29 -6.28 -22.86 -13.29
C SER A 29 -5.71 -23.48 -14.56
N TYR A 30 -4.40 -23.37 -14.78
CA TYR A 30 -3.84 -23.96 -15.99
C TYR A 30 -3.65 -25.47 -15.84
N CYS A 31 -3.07 -25.90 -14.73
CA CYS A 31 -2.84 -27.34 -14.54
C CYS A 31 -4.13 -28.14 -14.55
N PHE A 32 -5.23 -27.56 -14.09
CA PHE A 32 -6.51 -28.23 -13.99
C PHE A 32 -7.48 -27.81 -15.08
N GLU A 33 -7.00 -27.10 -16.10
CA GLU A 33 -7.88 -26.57 -17.13
C GLU A 33 -8.68 -27.68 -17.81
N ASN A 34 -8.07 -28.85 -17.99
CA ASN A 34 -8.71 -29.97 -18.64
C ASN A 34 -9.07 -31.07 -17.65
N ILE A 35 -9.33 -30.68 -16.39
CA ILE A 35 -9.66 -31.66 -15.35
C ILE A 35 -10.95 -32.42 -15.66
N SER A 36 -11.89 -31.80 -16.38
CA SER A 36 -13.16 -32.48 -16.62
C SER A 36 -12.99 -33.71 -17.50
N GLU A 37 -11.95 -33.72 -18.35
CA GLU A 37 -11.68 -34.88 -19.17
C GLU A 37 -11.14 -36.05 -18.36
N PHE A 38 -10.58 -35.79 -17.16
CA PHE A 38 -10.04 -36.89 -16.36
C PHE A 38 -10.40 -36.79 -14.87
N SER A 39 -11.51 -36.09 -14.54
CA SER A 39 -11.99 -35.91 -13.17
C SER A 39 -11.86 -37.15 -12.29
N SER A 40 -12.19 -38.33 -12.82
CA SER A 40 -12.29 -39.52 -11.99
C SER A 40 -11.07 -40.43 -12.10
N ARG A 41 -10.06 -40.04 -12.87
CA ARG A 41 -8.86 -40.84 -13.03
C ARG A 41 -7.96 -40.70 -11.80
N PRO A 42 -7.09 -41.68 -11.57
CA PRO A 42 -6.11 -41.53 -10.49
C PRO A 42 -5.17 -40.35 -10.76
N CYS A 43 -4.90 -39.58 -9.72
CA CYS A 43 -4.03 -38.43 -9.82
C CYS A 43 -2.76 -38.63 -8.99
N LEU A 44 -2.86 -38.67 -7.66
CA LEU A 44 -1.73 -38.98 -6.77
C LEU A 44 -1.94 -40.36 -6.19
N ILE A 45 -0.95 -41.24 -6.34
CA ILE A 45 -0.97 -42.54 -5.70
C ILE A 45 0.16 -42.56 -4.69
N ASN A 46 -0.18 -42.90 -3.45
CA ASN A 46 0.76 -42.97 -2.35
C ASN A 46 1.28 -44.40 -2.35
N GLY A 47 2.58 -44.55 -2.68
CA GLY A 47 3.13 -45.89 -2.86
C GLY A 47 3.15 -46.71 -1.60
N ALA A 48 3.29 -46.06 -0.45
CA ALA A 48 3.44 -46.79 0.81
C ALA A 48 2.12 -47.40 1.26
N ASN A 49 1.05 -46.61 1.29
CA ASN A 49 -0.26 -47.08 1.76
C ASN A 49 -1.29 -47.31 0.66
N LYS A 50 -0.92 -47.12 -0.61
CA LYS A 50 -1.74 -47.45 -1.77
C LYS A 50 -2.96 -46.55 -1.91
N GLN A 51 -3.07 -45.48 -1.12
CA GLN A 51 -4.22 -44.60 -1.23
C GLN A 51 -4.20 -43.85 -2.57
N ILE A 52 -5.37 -43.74 -3.18
CA ILE A 52 -5.52 -43.10 -4.48
C ILE A 52 -6.44 -41.89 -4.31
N TYR A 53 -5.95 -40.71 -4.70
CA TYR A 53 -6.75 -39.51 -4.86
C TYR A 53 -6.98 -39.31 -6.36
N THR A 54 -8.25 -39.24 -6.77
CA THR A 54 -8.53 -38.88 -8.15
C THR A 54 -8.18 -37.42 -8.40
N TYR A 55 -8.33 -36.99 -9.66
CA TYR A 55 -8.14 -35.57 -9.96
C TYR A 55 -9.16 -34.70 -9.23
N ALA A 56 -10.39 -35.18 -9.11
CA ALA A 56 -11.40 -34.42 -8.37
C ALA A 56 -11.00 -34.26 -6.91
N ASP A 57 -10.55 -35.35 -6.27
CA ASP A 57 -10.11 -35.26 -4.88
C ASP A 57 -8.93 -34.30 -4.75
N VAL A 58 -8.01 -34.30 -5.72
CA VAL A 58 -6.79 -33.51 -5.57
C VAL A 58 -7.11 -32.02 -5.63
N GLU A 59 -7.94 -31.63 -6.61
CA GLU A 59 -8.36 -30.24 -6.69
C GLU A 59 -9.16 -29.84 -5.46
N LEU A 60 -10.11 -30.67 -5.04
CA LEU A 60 -10.90 -30.30 -3.87
C LEU A 60 -10.01 -30.17 -2.64
N ASN A 61 -9.09 -31.13 -2.46
CA ASN A 61 -8.19 -31.06 -1.32
C ASN A 61 -7.35 -29.78 -1.33
N SER A 62 -6.82 -29.42 -2.52
CA SER A 62 -6.02 -28.21 -2.64
C SER A 62 -6.84 -26.96 -2.33
N ARG A 63 -8.08 -26.90 -2.81
CA ARG A 63 -8.90 -25.74 -2.48
C ARG A 63 -9.22 -25.72 -0.99
N LYS A 64 -9.49 -26.88 -0.40
CA LYS A 64 -9.72 -26.90 1.05
C LYS A 64 -8.49 -26.35 1.77
N VAL A 65 -7.31 -26.85 1.38
CA VAL A 65 -6.09 -26.38 2.02
C VAL A 65 -5.96 -24.87 1.86
N ALA A 66 -6.36 -24.35 0.71
CA ALA A 66 -6.27 -22.91 0.46
C ALA A 66 -7.11 -22.12 1.46
N ALA A 67 -8.38 -22.52 1.61
CA ALA A 67 -9.22 -21.90 2.61
C ALA A 67 -8.62 -22.04 4.00
N GLY A 68 -8.06 -23.22 4.30
CA GLY A 68 -7.41 -23.41 5.58
C GLY A 68 -6.25 -22.44 5.79
N LEU A 69 -5.38 -22.30 4.77
CA LEU A 69 -4.28 -21.35 4.87
C LEU A 69 -4.80 -19.95 5.09
N HIS A 70 -5.89 -19.60 4.41
CA HIS A 70 -6.51 -18.30 4.59
C HIS A 70 -6.95 -18.11 6.02
N LYS A 71 -7.64 -19.11 6.58
CA LYS A 71 -8.02 -19.02 7.99
C LYS A 71 -6.81 -18.97 8.90
N GLN A 72 -5.64 -19.39 8.42
CA GLN A 72 -4.44 -19.29 9.22
C GLN A 72 -3.70 -17.97 9.02
N GLY A 73 -4.28 -17.04 8.25
CA GLY A 73 -3.69 -15.71 8.04
C GLY A 73 -2.81 -15.54 6.80
N ILE A 74 -2.64 -16.56 5.97
CA ILE A 74 -1.91 -16.38 4.72
C ILE A 74 -2.70 -15.48 3.77
N GLN A 75 -2.15 -14.32 3.45
CA GLN A 75 -2.69 -13.42 2.43
C GLN A 75 -1.91 -13.57 1.12
N PRO A 76 -2.38 -12.99 0.01
CA PRO A 76 -1.57 -13.02 -1.21
C PRO A 76 -0.18 -12.44 -0.97
N LYS A 77 0.82 -13.08 -1.61
CA LYS A 77 2.25 -12.74 -1.53
C LYS A 77 2.88 -13.14 -0.21
N ASP A 78 2.12 -13.69 0.73
CA ASP A 78 2.77 -14.31 1.87
C ASP A 78 3.36 -15.66 1.48
N THR A 79 4.29 -16.13 2.31
CA THR A 79 5.09 -17.29 1.98
C THR A 79 4.87 -18.36 3.03
N ILE A 80 4.72 -19.60 2.56
CA ILE A 80 4.76 -20.77 3.45
C ILE A 80 5.96 -21.60 3.03
N MET A 81 6.50 -22.35 4.00
CA MET A 81 7.60 -23.26 3.71
C MET A 81 7.12 -24.70 3.82
N ILE A 82 7.46 -25.50 2.83
CA ILE A 82 7.15 -26.92 2.85
C ILE A 82 8.45 -27.66 3.15
N LEU A 83 8.45 -28.43 4.24
CA LEU A 83 9.60 -29.21 4.69
C LEU A 83 9.16 -30.67 4.81
N LEU A 84 8.93 -31.30 3.67
CA LEU A 84 8.20 -32.55 3.56
C LEU A 84 8.89 -33.48 2.57
N PRO A 85 8.86 -34.79 2.79
CA PRO A 85 9.20 -35.72 1.70
C PRO A 85 8.10 -35.71 0.66
N ASN A 86 8.33 -36.42 -0.44
CA ASN A 86 7.24 -36.62 -1.40
C ASN A 86 6.04 -37.25 -0.71
N SER A 87 4.91 -36.57 -0.81
CA SER A 87 3.68 -37.00 -0.16
C SER A 87 2.53 -36.21 -0.77
N PRO A 88 1.30 -36.73 -0.68
CA PRO A 88 0.14 -35.94 -1.10
C PRO A 88 0.10 -34.57 -0.46
N GLU A 89 0.52 -34.45 0.81
CA GLU A 89 0.36 -33.20 1.53
C GLU A 89 1.21 -32.12 0.93
N PHE A 90 2.37 -32.51 0.39
CA PHE A 90 3.21 -31.57 -0.34
C PHE A 90 2.41 -30.89 -1.44
N VAL A 91 1.68 -31.70 -2.23
CA VAL A 91 0.94 -31.17 -3.37
C VAL A 91 -0.16 -30.25 -2.89
N PHE A 92 -0.90 -30.67 -1.86
CA PHE A 92 -2.04 -29.89 -1.39
C PHE A 92 -1.58 -28.56 -0.85
N ALA A 93 -0.48 -28.57 -0.10
CA ALA A 93 0.11 -27.33 0.40
C ALA A 93 0.52 -26.43 -0.77
N PHE A 94 1.26 -27.00 -1.72
CA PHE A 94 1.78 -26.17 -2.80
C PHE A 94 0.65 -25.55 -3.59
N ILE A 95 -0.33 -26.37 -3.99
CA ILE A 95 -1.43 -25.86 -4.80
C ILE A 95 -2.38 -24.98 -3.96
N GLY A 96 -2.56 -25.31 -2.68
CA GLY A 96 -3.32 -24.44 -1.79
C GLY A 96 -2.76 -23.03 -1.72
N ALA A 97 -1.44 -22.91 -1.51
CA ALA A 97 -0.83 -21.59 -1.51
C ALA A 97 -1.03 -20.87 -2.86
N SER A 98 -0.99 -21.61 -3.98
CA SER A 98 -1.22 -20.97 -5.27
C SER A 98 -2.65 -20.44 -5.41
N TYR A 99 -3.65 -21.16 -4.89
CA TYR A 99 -5.02 -20.65 -4.97
C TYR A 99 -5.18 -19.29 -4.32
N LEU A 100 -4.41 -19.02 -3.26
CA LEU A 100 -4.45 -17.76 -2.54
C LEU A 100 -3.58 -16.69 -3.19
N GLY A 101 -2.83 -17.01 -4.24
CA GLY A 101 -1.81 -16.09 -4.69
C GLY A 101 -0.66 -15.95 -3.71
N ALA A 102 -0.36 -17.00 -2.96
CA ALA A 102 0.76 -17.00 -2.01
C ALA A 102 1.90 -17.85 -2.57
N ILE A 103 3.00 -17.90 -1.83
CA ILE A 103 4.25 -18.43 -2.32
C ILE A 103 4.64 -19.66 -1.51
N SER A 104 5.09 -20.72 -2.19
CA SER A 104 5.64 -21.90 -1.53
C SER A 104 7.14 -21.94 -1.73
N THR A 105 7.87 -21.86 -0.62
CA THR A 105 9.29 -22.17 -0.61
C THR A 105 9.42 -23.59 -0.05
N MET A 106 10.21 -24.42 -0.73
CA MET A 106 10.35 -25.83 -0.36
C MET A 106 11.80 -26.08 0.02
N ALA A 107 12.01 -27.03 0.94
CA ALA A 107 13.34 -27.30 1.48
C ALA A 107 13.46 -28.79 1.76
N ASN A 108 14.69 -29.27 1.76
CA ASN A 108 14.97 -30.67 2.01
C ASN A 108 14.70 -30.94 3.49
N PRO A 109 13.78 -31.85 3.84
CA PRO A 109 13.52 -32.12 5.27
C PRO A 109 14.72 -32.66 6.02
N LEU A 110 15.76 -33.15 5.32
CA LEU A 110 16.96 -33.65 5.96
C LEU A 110 18.00 -32.55 6.21
N PHE A 111 17.69 -31.31 5.86
CA PHE A 111 18.51 -30.14 6.24
C PHE A 111 18.77 -30.11 7.75
N THR A 112 19.85 -29.46 8.16
CA THR A 112 20.11 -29.21 9.56
C THR A 112 19.13 -28.16 10.09
N PRO A 113 18.98 -28.06 11.42
CA PRO A 113 18.33 -26.88 12.01
C PRO A 113 18.82 -25.55 11.45
N ALA A 114 20.14 -25.35 11.39
CA ALA A 114 20.67 -24.08 10.89
C ALA A 114 20.29 -23.85 9.42
N GLU A 115 20.32 -24.92 8.62
CA GLU A 115 19.93 -24.81 7.22
C GLU A 115 18.44 -24.46 7.10
N VAL A 116 17.56 -25.18 7.80
CA VAL A 116 16.12 -24.91 7.64
C VAL A 116 15.79 -23.51 8.11
N VAL A 117 16.38 -23.08 9.22
CA VAL A 117 16.04 -21.79 9.78
C VAL A 117 16.54 -20.66 8.89
N LYS A 118 17.72 -20.82 8.27
CA LYS A 118 18.22 -19.75 7.41
C LYS A 118 17.29 -19.51 6.23
N GLN A 119 16.79 -20.60 5.62
CA GLN A 119 15.86 -20.45 4.51
C GLN A 119 14.52 -19.89 4.99
N ALA A 120 14.07 -20.31 6.18
CA ALA A 120 12.82 -19.83 6.74
C ALA A 120 12.83 -18.32 6.93
N LYS A 121 13.99 -17.74 7.29
CA LYS A 121 14.05 -16.31 7.54
C LYS A 121 14.34 -15.49 6.28
N ALA A 122 15.15 -16.03 5.37
CA ALA A 122 15.35 -15.34 4.10
C ALA A 122 14.05 -15.23 3.30
N SER A 123 13.19 -16.24 3.43
CA SER A 123 11.94 -16.33 2.67
C SER A 123 10.75 -15.70 3.39
N SER A 124 10.89 -15.34 4.65
CA SER A 124 9.81 -14.70 5.40
C SER A 124 8.60 -15.62 5.54
N ALA A 125 8.87 -16.91 5.77
CA ALA A 125 7.80 -17.90 5.78
C ALA A 125 6.91 -17.72 7.00
N LYS A 126 5.60 -17.65 6.76
CA LYS A 126 4.64 -17.50 7.84
C LYS A 126 4.27 -18.84 8.47
N ILE A 127 4.33 -19.92 7.70
CA ILE A 127 4.00 -21.24 8.17
C ILE A 127 5.06 -22.22 7.70
N ILE A 128 5.40 -23.20 8.55
CA ILE A 128 6.19 -24.35 8.16
C ILE A 128 5.29 -25.58 8.21
N VAL A 129 5.15 -26.27 7.08
CA VAL A 129 4.44 -27.55 7.01
C VAL A 129 5.48 -28.66 7.04
N THR A 130 5.35 -29.60 7.98
CA THR A 130 6.47 -30.52 8.23
C THR A 130 5.93 -31.84 8.77
N GLN A 131 6.86 -32.71 9.14
CA GLN A 131 6.55 -33.91 9.91
C GLN A 131 6.87 -33.68 11.39
N ALA A 132 6.14 -34.38 12.25
CA ALA A 132 6.42 -34.33 13.68
C ALA A 132 7.91 -34.51 13.94
N CYS A 133 8.53 -35.48 13.26
CA CYS A 133 9.91 -35.81 13.59
C CYS A 133 10.89 -34.67 13.31
N HIS A 134 10.52 -33.67 12.50
CA HIS A 134 11.42 -32.58 12.17
C HIS A 134 11.14 -31.30 12.94
N VAL A 135 10.10 -31.27 13.78
CA VAL A 135 9.68 -30.02 14.40
C VAL A 135 10.78 -29.44 15.31
N ASN A 136 11.65 -30.31 15.85
CA ASN A 136 12.72 -29.83 16.73
C ASN A 136 13.59 -28.78 16.04
N LYS A 137 13.86 -28.97 14.74
CA LYS A 137 14.74 -28.07 13.99
C LYS A 137 14.21 -26.64 13.93
N VAL A 138 12.91 -26.43 14.10
CA VAL A 138 12.37 -25.09 13.88
C VAL A 138 11.48 -24.65 15.04
N LYS A 139 11.16 -25.56 15.97
CA LYS A 139 10.06 -25.30 16.89
C LYS A 139 10.31 -24.03 17.71
N ASP A 140 11.54 -23.84 18.17
CA ASP A 140 11.81 -22.65 18.94
C ASP A 140 12.24 -21.46 18.09
N TYR A 141 12.67 -21.68 16.85
CA TYR A 141 12.71 -20.55 15.91
C TYR A 141 11.31 -20.06 15.60
N ALA A 142 10.45 -20.96 15.15
CA ALA A 142 9.06 -20.62 14.89
C ALA A 142 8.44 -19.86 16.05
N PHE A 143 8.70 -20.36 17.27
CA PHE A 143 8.06 -19.80 18.46
C PHE A 143 8.35 -18.31 18.61
N GLU A 144 9.60 -17.92 18.40
CA GLU A 144 9.99 -16.55 18.73
C GLU A 144 9.60 -15.56 17.65
N ASN A 145 9.37 -16.02 16.43
CA ASN A 145 9.05 -15.12 15.32
C ASN A 145 7.64 -15.33 14.80
N ASP A 146 6.74 -15.84 15.65
CA ASP A 146 5.30 -15.94 15.36
C ASP A 146 5.02 -16.71 14.07
N VAL A 147 5.85 -17.71 13.80
CA VAL A 147 5.69 -18.59 12.65
C VAL A 147 4.97 -19.85 13.10
N LYS A 148 3.86 -20.17 12.44
CA LYS A 148 3.09 -21.37 12.80
C LYS A 148 3.78 -22.62 12.29
N ILE A 149 3.56 -23.75 12.98
CA ILE A 149 4.05 -25.05 12.56
C ILE A 149 2.86 -25.97 12.37
N ILE A 150 2.77 -26.60 11.22
CA ILE A 150 1.71 -27.55 10.94
C ILE A 150 2.34 -28.88 10.54
N CYS A 151 1.93 -29.96 11.21
CA CYS A 151 2.49 -31.29 10.98
C CYS A 151 1.47 -32.17 10.29
N ILE A 152 1.96 -32.94 9.32
CA ILE A 152 1.09 -33.77 8.50
C ILE A 152 0.72 -35.10 9.17
N ASP A 153 1.45 -35.53 10.18
CA ASP A 153 1.13 -36.79 10.84
C ASP A 153 0.59 -36.63 12.26
N SER A 154 1.09 -35.66 13.03
CA SER A 154 0.59 -35.45 14.38
C SER A 154 1.22 -34.23 15.06
N ALA A 155 0.42 -33.43 15.64
CA ALA A 155 0.93 -32.19 16.20
C ALA A 155 1.56 -32.44 17.56
N PRO A 156 2.74 -31.87 17.81
CA PRO A 156 3.27 -31.79 19.18
C PRO A 156 2.79 -30.52 19.87
N GLU A 157 2.98 -30.47 21.19
CA GLU A 157 2.51 -29.34 21.98
C GLU A 157 3.00 -28.02 21.41
N GLY A 158 2.11 -27.32 20.71
CA GLY A 158 2.43 -26.06 20.07
C GLY A 158 2.35 -26.07 18.56
N CYS A 159 1.92 -27.17 17.93
CA CYS A 159 1.75 -27.22 16.49
C CYS A 159 0.32 -27.65 16.14
N LEU A 160 -0.09 -27.39 14.90
CA LEU A 160 -1.39 -27.80 14.43
C LEU A 160 -1.27 -29.01 13.52
N HIS A 161 -2.29 -29.88 13.53
CA HIS A 161 -2.29 -30.98 12.60
C HIS A 161 -2.86 -30.54 11.24
N PHE A 162 -2.32 -31.14 10.16
CA PHE A 162 -2.61 -30.68 8.79
C PHE A 162 -4.09 -30.81 8.45
N SER A 163 -4.86 -31.55 9.26
CA SER A 163 -6.30 -31.59 9.09
C SER A 163 -6.96 -30.22 9.29
N VAL A 164 -6.32 -29.31 10.03
CA VAL A 164 -6.89 -27.98 10.18
C VAL A 164 -6.94 -27.26 8.85
N LEU A 165 -6.17 -27.73 7.86
CA LEU A 165 -6.22 -27.19 6.51
C LEU A 165 -7.06 -28.04 5.58
N THR A 166 -6.87 -29.37 5.61
CA THR A 166 -7.53 -30.26 4.66
C THR A 166 -9.03 -30.36 4.90
N GLN A 167 -9.50 -29.99 6.09
CA GLN A 167 -10.91 -30.05 6.41
C GLN A 167 -11.59 -28.67 6.34
N ALA A 168 -10.85 -27.65 5.90
CA ALA A 168 -11.45 -26.33 5.86
C ALA A 168 -12.43 -26.25 4.70
N ASN A 169 -13.26 -25.21 4.72
CA ASN A 169 -14.35 -25.06 3.75
C ASN A 169 -13.83 -24.42 2.46
N GLU A 170 -13.85 -25.18 1.37
CA GLU A 170 -13.29 -24.71 0.09
C GLU A 170 -13.88 -23.38 -0.37
N HIS A 171 -15.14 -23.08 -0.03
CA HIS A 171 -15.76 -21.83 -0.48
C HIS A 171 -15.36 -20.63 0.36
N ASP A 172 -14.51 -20.81 1.36
CA ASP A 172 -13.98 -19.67 2.08
C ASP A 172 -12.67 -19.17 1.48
N ILE A 173 -12.31 -19.63 0.29
CA ILE A 173 -11.20 -19.02 -0.45
C ILE A 173 -11.59 -17.59 -0.83
N PRO A 174 -10.83 -16.59 -0.41
CA PRO A 174 -11.19 -15.21 -0.76
C PRO A 174 -11.05 -15.02 -2.26
N GLU A 175 -11.92 -14.17 -2.80
CA GLU A 175 -11.73 -13.68 -4.15
C GLU A 175 -10.37 -12.99 -4.24
N VAL A 176 -9.60 -13.36 -5.26
CA VAL A 176 -8.24 -12.88 -5.40
C VAL A 176 -7.98 -12.57 -6.87
N GLU A 177 -7.08 -11.61 -7.11
CA GLU A 177 -6.73 -11.19 -8.47
C GLU A 177 -5.27 -11.52 -8.70
N ILE A 178 -4.99 -12.75 -9.11
CA ILE A 178 -3.61 -13.16 -9.32
C ILE A 178 -3.13 -12.62 -10.65
N GLN A 179 -1.89 -12.15 -10.67
CA GLN A 179 -1.27 -11.60 -11.85
C GLN A 179 -0.27 -12.60 -12.43
N PRO A 180 -0.01 -12.56 -13.75
CA PRO A 180 0.97 -13.50 -14.34
C PRO A 180 2.35 -13.45 -13.71
N ASP A 181 2.84 -12.26 -13.38
CA ASP A 181 4.17 -12.10 -12.81
C ASP A 181 4.18 -12.28 -11.29
N ASP A 182 3.06 -12.69 -10.67
CA ASP A 182 3.08 -12.98 -9.24
C ASP A 182 3.92 -14.22 -8.96
N VAL A 183 4.75 -14.13 -7.93
CA VAL A 183 5.55 -15.28 -7.53
C VAL A 183 4.62 -16.37 -7.01
N VAL A 184 4.96 -17.63 -7.30
CA VAL A 184 4.24 -18.77 -6.72
C VAL A 184 5.17 -19.81 -6.12
N ALA A 185 6.42 -19.89 -6.53
CA ALA A 185 7.31 -20.94 -6.05
C ALA A 185 8.68 -20.33 -5.82
N LEU A 186 9.28 -20.67 -4.69
CA LEU A 186 10.55 -20.08 -4.29
C LEU A 186 11.54 -21.18 -3.85
N PRO A 187 11.99 -22.02 -4.78
CA PRO A 187 13.12 -22.89 -4.46
C PRO A 187 14.39 -22.07 -4.27
N TYR A 188 15.31 -22.62 -3.51
CA TYR A 188 16.61 -21.98 -3.30
C TYR A 188 17.68 -22.70 -4.12
N SER A 189 18.66 -21.93 -4.59
CA SER A 189 19.81 -22.47 -5.32
C SER A 189 21.10 -21.77 -4.93
N PRO A 196 23.29 -19.50 -1.20
CA PRO A 196 21.91 -19.91 -1.46
C PRO A 196 21.02 -18.70 -1.75
N LYS A 197 20.31 -18.73 -2.87
CA LYS A 197 19.51 -17.61 -3.35
C LYS A 197 18.09 -18.09 -3.60
N GLY A 198 17.12 -17.27 -3.18
CA GLY A 198 15.73 -17.58 -3.42
C GLY A 198 15.38 -17.27 -4.85
N VAL A 199 14.96 -18.28 -5.60
CA VAL A 199 14.69 -18.15 -7.03
C VAL A 199 13.20 -17.97 -7.19
N MET A 200 12.77 -16.78 -7.60
CA MET A 200 11.36 -16.41 -7.69
C MET A 200 10.77 -16.93 -9.00
N LEU A 201 10.02 -18.02 -8.95
CA LEU A 201 9.32 -18.54 -10.13
C LEU A 201 7.87 -18.07 -10.07
N THR A 202 7.33 -17.60 -11.20
CA THR A 202 6.02 -16.97 -11.26
C THR A 202 4.99 -17.91 -11.87
N HIS A 203 3.71 -17.52 -11.73
CA HIS A 203 2.63 -18.20 -12.44
C HIS A 203 2.91 -18.24 -13.94
N LYS A 204 3.31 -17.11 -14.50
CA LYS A 204 3.56 -17.04 -15.93
C LYS A 204 4.71 -17.95 -16.34
N GLY A 205 5.81 -17.87 -15.58
CA GLY A 205 6.95 -18.72 -15.89
C GLY A 205 6.59 -20.19 -15.89
N LEU A 206 5.95 -20.66 -14.81
CA LEU A 206 5.72 -22.09 -14.67
C LEU A 206 4.69 -22.58 -15.67
N VAL A 207 3.67 -21.77 -15.95
CA VAL A 207 2.72 -22.17 -16.98
C VAL A 207 3.43 -22.27 -18.33
N THR A 208 4.27 -21.30 -18.66
CA THR A 208 5.00 -21.36 -19.91
C THR A 208 5.85 -22.62 -19.96
N SER A 209 6.61 -22.87 -18.88
CA SER A 209 7.54 -24.00 -18.85
C SER A 209 6.76 -25.30 -19.03
N VAL A 210 5.60 -25.41 -18.35
CA VAL A 210 4.82 -26.65 -18.46
C VAL A 210 4.27 -26.80 -19.87
N ALA A 211 3.77 -25.71 -20.46
CA ALA A 211 3.26 -25.80 -21.82
C ALA A 211 4.38 -26.13 -22.80
N GLN A 212 5.56 -25.50 -22.66
CA GLN A 212 6.67 -25.83 -23.56
C GLN A 212 7.00 -27.31 -23.48
N GLN A 213 6.70 -27.95 -22.34
CA GLN A 213 7.07 -29.35 -22.22
C GLN A 213 6.00 -30.31 -22.74
N VAL A 214 4.72 -30.12 -22.39
CA VAL A 214 3.71 -31.15 -22.64
C VAL A 214 2.52 -30.68 -23.47
N ASP A 215 2.41 -29.40 -23.81
CA ASP A 215 1.27 -28.97 -24.62
C ASP A 215 1.60 -28.99 -26.11
N GLY A 216 0.57 -28.91 -26.92
CA GLY A 216 0.68 -28.71 -28.35
C GLY A 216 0.37 -29.98 -29.13
N GLU A 217 0.13 -29.81 -30.43
CA GLU A 217 -0.24 -30.94 -31.26
C GLU A 217 0.86 -32.00 -31.31
N ASN A 218 2.14 -31.59 -31.29
CA ASN A 218 3.25 -32.51 -31.09
C ASN A 218 4.01 -32.06 -29.85
N PRO A 219 3.68 -32.58 -28.66
CA PRO A 219 4.33 -32.12 -27.43
C PRO A 219 5.77 -32.57 -27.37
N ASN A 220 6.62 -31.69 -26.82
CA ASN A 220 8.05 -32.01 -26.76
C ASN A 220 8.29 -33.27 -25.92
N LEU A 221 7.59 -33.38 -24.79
CA LEU A 221 7.54 -34.61 -24.02
C LEU A 221 6.10 -35.11 -24.04
N TYR A 222 5.87 -36.21 -24.73
CA TYR A 222 4.54 -36.77 -24.90
C TYR A 222 4.16 -37.54 -23.65
N ILE A 223 3.23 -37.00 -22.86
CA ILE A 223 2.59 -37.77 -21.81
C ILE A 223 1.09 -37.52 -21.84
N HIS A 224 0.32 -38.55 -21.52
CA HIS A 224 -1.14 -38.50 -21.62
C HIS A 224 -1.73 -39.08 -20.35
N SER A 225 -3.06 -39.15 -20.31
CA SER A 225 -3.76 -39.36 -19.06
C SER A 225 -3.81 -40.82 -18.64
N GLU A 226 -3.29 -41.75 -19.44
CA GLU A 226 -3.19 -43.13 -18.97
C GLU A 226 -1.75 -43.50 -18.58
N ASP A 227 -0.84 -42.54 -18.61
CA ASP A 227 0.49 -42.79 -18.07
C ASP A 227 0.50 -42.83 -16.56
N VAL A 228 1.51 -43.51 -16.04
CA VAL A 228 1.79 -43.59 -14.62
C VAL A 228 3.20 -43.06 -14.43
N MET A 229 3.34 -41.97 -13.68
CA MET A 229 4.62 -41.32 -13.48
C MET A 229 5.15 -41.61 -12.11
N LEU A 230 6.38 -42.12 -12.06
CA LEU A 230 7.02 -42.38 -10.79
C LEU A 230 7.56 -41.08 -10.27
N CYS A 231 7.22 -40.75 -9.04
CA CYS A 231 7.63 -39.50 -8.42
C CYS A 231 8.49 -39.86 -7.21
N VAL A 232 9.73 -40.25 -7.49
CA VAL A 232 10.71 -40.58 -6.46
C VAL A 232 11.75 -39.49 -6.29
N LEU A 233 12.11 -38.79 -7.35
CA LEU A 233 12.92 -37.60 -7.24
C LEU A 233 12.20 -36.57 -6.36
N PRO A 234 12.93 -35.80 -5.56
CA PRO A 234 12.28 -35.04 -4.48
C PRO A 234 11.52 -33.84 -5.00
N LEU A 235 10.27 -33.68 -4.52
CA LEU A 235 9.46 -32.57 -4.98
C LEU A 235 9.98 -31.24 -4.47
N PHE A 236 10.84 -31.23 -3.46
CA PHE A 236 11.39 -29.95 -3.05
C PHE A 236 12.48 -29.43 -3.99
N HIS A 237 12.88 -30.20 -5.01
CA HIS A 237 13.68 -29.68 -6.11
C HIS A 237 12.77 -29.32 -7.27
N ILE A 238 13.08 -28.19 -7.92
CA ILE A 238 12.24 -27.69 -8.99
C ILE A 238 12.11 -28.72 -10.10
N TYR A 239 13.14 -29.53 -10.34
CA TYR A 239 13.09 -30.47 -11.46
C TYR A 239 11.83 -31.33 -11.39
N SER A 240 11.54 -31.90 -10.21
CA SER A 240 10.38 -32.78 -10.11
C SER A 240 9.10 -32.00 -9.90
N LEU A 241 9.17 -30.95 -9.09
CA LEU A 241 8.00 -30.09 -8.89
C LEU A 241 7.38 -29.75 -10.23
N ASN A 242 8.23 -29.27 -11.14
CA ASN A 242 7.80 -28.88 -12.48
C ASN A 242 7.58 -30.09 -13.39
N SER A 243 8.66 -30.81 -13.74
CA SER A 243 8.55 -31.78 -14.84
C SER A 243 7.79 -33.05 -14.48
N VAL A 244 7.62 -33.37 -13.20
CA VAL A 244 6.80 -34.54 -12.86
C VAL A 244 5.43 -34.11 -12.38
N LEU A 245 5.37 -33.41 -11.24
CA LEU A 245 4.07 -33.07 -10.68
C LEU A 245 3.28 -32.18 -11.65
N LEU A 246 3.80 -31.00 -11.98
CA LEU A 246 3.02 -30.00 -12.69
C LEU A 246 2.64 -30.46 -14.09
N CYS A 247 3.62 -30.92 -14.87
CA CYS A 247 3.38 -31.52 -16.18
C CYS A 247 2.43 -32.71 -16.10
N GLY A 248 2.60 -33.58 -15.09
CA GLY A 248 1.68 -34.70 -14.94
C GLY A 248 0.25 -34.26 -14.70
N LEU A 249 0.05 -33.27 -13.82
CA LEU A 249 -1.28 -32.75 -13.58
C LEU A 249 -1.89 -32.22 -14.87
N ARG A 250 -1.10 -31.49 -15.66
CA ARG A 250 -1.60 -30.85 -16.88
C ARG A 250 -2.29 -31.85 -17.78
N VAL A 251 -1.67 -33.00 -18.01
CA VAL A 251 -2.18 -33.96 -19.01
C VAL A 251 -3.07 -35.03 -18.39
N GLY A 252 -3.17 -35.08 -17.06
CA GLY A 252 -4.09 -36.01 -16.44
C GLY A 252 -3.47 -37.35 -16.12
N ALA A 253 -2.15 -37.45 -16.13
CA ALA A 253 -1.45 -38.67 -15.78
C ALA A 253 -1.56 -38.95 -14.27
N ALA A 254 -1.31 -40.21 -13.92
CA ALA A 254 -1.23 -40.64 -12.53
C ALA A 254 0.17 -40.38 -11.99
N ILE A 255 0.24 -39.77 -10.82
CA ILE A 255 1.52 -39.49 -10.19
C ILE A 255 1.68 -40.43 -9.01
N LEU A 256 2.41 -41.52 -9.24
CA LEU A 256 2.71 -42.51 -8.20
C LEU A 256 3.84 -42.02 -7.30
N ILE A 257 3.49 -41.63 -6.10
CA ILE A 257 4.43 -41.00 -5.18
C ILE A 257 5.17 -42.07 -4.41
N MET A 258 6.49 -41.98 -4.40
CA MET A 258 7.33 -42.74 -3.48
C MET A 258 7.97 -41.75 -2.51
N GLN A 259 7.85 -42.02 -1.20
CA GLN A 259 8.34 -41.08 -0.21
C GLN A 259 9.85 -41.17 0.01
N LYS A 260 10.43 -42.36 -0.15
CA LYS A 260 11.89 -42.48 -0.16
C LYS A 260 12.29 -43.72 -0.93
N PHE A 261 13.40 -43.62 -1.65
CA PHE A 261 13.84 -44.70 -2.52
C PHE A 261 14.49 -45.82 -1.72
N ASP A 262 14.07 -47.05 -2.03
CA ASP A 262 14.90 -48.23 -1.87
C ASP A 262 14.55 -49.16 -3.03
N ILE A 263 15.53 -49.95 -3.45
CA ILE A 263 15.45 -50.60 -4.77
C ILE A 263 14.26 -51.56 -4.84
N VAL A 264 13.95 -52.25 -3.73
CA VAL A 264 12.96 -53.32 -3.79
C VAL A 264 11.56 -52.76 -4.05
N SER A 265 11.09 -51.87 -3.19
CA SER A 265 9.79 -51.25 -3.40
C SER A 265 9.76 -50.44 -4.69
N PHE A 266 10.92 -49.94 -5.15
CA PHE A 266 10.97 -49.23 -6.43
C PHE A 266 10.62 -50.17 -7.57
N LEU A 267 11.26 -51.34 -7.62
CA LEU A 267 10.88 -52.35 -8.62
C LEU A 267 9.45 -52.85 -8.38
N GLU A 268 9.09 -53.04 -7.11
CA GLU A 268 7.72 -53.45 -6.78
C GLU A 268 6.71 -52.45 -7.34
N LEU A 269 6.90 -51.16 -7.05
CA LEU A 269 5.94 -50.16 -7.52
C LEU A 269 5.91 -50.07 -9.03
N ILE A 270 7.04 -50.30 -9.70
CA ILE A 270 7.03 -50.19 -11.15
C ILE A 270 6.23 -51.33 -11.77
N GLN A 271 6.40 -52.54 -11.25
CA GLN A 271 5.64 -53.68 -11.77
C GLN A 271 4.16 -53.56 -11.39
N SER A 272 3.88 -53.29 -10.11
CA SER A 272 2.50 -53.36 -9.65
C SER A 272 1.67 -52.25 -10.26
N TYR A 273 2.24 -51.07 -10.41
CA TYR A 273 1.49 -49.95 -10.97
C TYR A 273 1.76 -49.76 -12.45
N LYS A 274 2.68 -50.54 -13.01
CA LYS A 274 3.03 -50.46 -14.42
C LYS A 274 3.41 -49.03 -14.80
N VAL A 275 4.34 -48.48 -14.02
CA VAL A 275 4.90 -47.15 -14.27
C VAL A 275 5.31 -47.03 -15.73
N THR A 276 4.82 -45.99 -16.40
CA THR A 276 5.22 -45.82 -17.78
C THR A 276 6.27 -44.72 -17.99
N ILE A 277 6.46 -43.82 -17.01
CA ILE A 277 7.35 -42.69 -17.14
C ILE A 277 8.27 -42.68 -15.94
N GLY A 278 9.58 -42.77 -16.19
CA GLY A 278 10.56 -42.99 -15.14
C GLY A 278 11.60 -41.89 -15.04
N PRO A 279 11.34 -40.90 -14.18
CA PRO A 279 12.36 -39.90 -13.90
C PRO A 279 13.42 -40.43 -12.93
N PHE A 280 14.57 -40.83 -13.45
CA PHE A 280 15.64 -41.45 -12.68
C PHE A 280 16.87 -40.52 -12.62
N VAL A 281 17.82 -40.93 -11.79
CA VAL A 281 19.08 -40.21 -11.61
C VAL A 281 20.18 -41.25 -11.40
N PRO A 282 21.43 -40.90 -11.67
CA PRO A 282 22.52 -41.90 -11.64
C PRO A 282 22.48 -42.77 -10.39
N PRO A 283 22.24 -42.22 -9.20
CA PRO A 283 22.19 -43.11 -8.01
C PRO A 283 21.12 -44.18 -8.08
N ILE A 284 20.00 -43.90 -8.77
CA ILE A 284 18.96 -44.92 -8.93
C ILE A 284 19.45 -46.03 -9.86
N VAL A 285 20.02 -45.65 -11.02
CA VAL A 285 20.40 -46.68 -11.98
C VAL A 285 21.56 -47.52 -11.44
N LEU A 286 22.42 -46.95 -10.60
CA LEU A 286 23.46 -47.74 -9.96
C LEU A 286 22.88 -48.76 -8.98
N ALA A 287 21.87 -48.36 -8.21
CA ALA A 287 21.13 -49.32 -7.40
C ALA A 287 20.55 -50.43 -8.26
N ILE A 288 19.98 -50.06 -9.41
CA ILE A 288 19.47 -51.05 -10.34
C ILE A 288 20.59 -51.95 -10.84
N ALA A 289 21.75 -51.35 -11.16
CA ALA A 289 22.86 -52.15 -11.69
C ALA A 289 23.25 -53.24 -10.71
N LYS A 290 23.36 -52.92 -9.43
CA LYS A 290 23.92 -53.85 -8.45
C LYS A 290 22.89 -54.79 -7.84
N SER A 291 21.61 -54.45 -7.89
CA SER A 291 20.59 -55.25 -7.21
C SER A 291 20.38 -56.56 -7.96
N PRO A 292 20.62 -57.71 -7.34
CA PRO A 292 20.36 -58.99 -8.02
C PRO A 292 18.90 -59.15 -8.43
N MET A 293 17.95 -58.62 -7.68
CA MET A 293 16.55 -58.95 -7.93
C MET A 293 15.94 -58.24 -9.12
N VAL A 294 16.67 -57.32 -9.78
CA VAL A 294 16.08 -56.52 -10.85
C VAL A 294 15.57 -57.40 -11.98
N ASP A 295 16.28 -58.50 -12.28
CA ASP A 295 15.93 -59.44 -13.34
C ASP A 295 14.69 -60.27 -13.04
N ASP A 296 14.13 -60.14 -11.84
CA ASP A 296 12.96 -60.90 -11.44
C ASP A 296 11.68 -60.07 -11.50
N TYR A 297 11.69 -58.92 -12.19
CA TYR A 297 10.52 -58.05 -12.25
C TYR A 297 10.20 -57.67 -13.69
N ASP A 298 8.92 -57.65 -14.02
CA ASP A 298 8.47 -57.04 -15.27
C ASP A 298 8.59 -55.52 -15.16
N LEU A 299 9.48 -54.94 -15.95
CA LEU A 299 9.62 -53.49 -16.08
C LEU A 299 9.29 -53.04 -17.49
N SER A 300 8.70 -53.92 -18.30
CA SER A 300 8.35 -53.60 -19.68
C SER A 300 7.33 -52.47 -19.79
N SER A 301 6.65 -52.09 -18.69
CA SER A 301 5.71 -50.97 -18.76
C SER A 301 6.42 -49.63 -18.99
N VAL A 302 7.67 -49.49 -18.53
CA VAL A 302 8.34 -48.19 -18.62
C VAL A 302 8.67 -47.90 -20.07
N ARG A 303 8.11 -46.81 -20.61
CA ARG A 303 8.36 -46.48 -22.01
C ARG A 303 9.23 -45.25 -22.18
N THR A 304 9.43 -44.45 -21.13
CA THR A 304 10.22 -43.23 -21.22
C THR A 304 11.03 -43.08 -19.94
N VAL A 305 12.34 -42.96 -20.08
CA VAL A 305 13.22 -42.69 -18.96
C VAL A 305 13.92 -41.36 -19.20
N MET A 306 13.94 -40.51 -18.18
CA MET A 306 14.50 -39.18 -18.30
C MET A 306 15.46 -38.96 -17.14
N SER A 307 16.56 -38.27 -17.39
CA SER A 307 17.48 -37.94 -16.30
C SER A 307 17.14 -36.57 -15.75
N GLY A 308 17.16 -36.46 -14.42
CA GLY A 308 16.83 -35.23 -13.73
C GLY A 308 18.02 -34.52 -13.10
N ALA A 309 19.23 -35.07 -13.29
CA ALA A 309 20.43 -34.45 -12.75
C ALA A 309 21.56 -34.51 -13.75
N ALA A 310 22.69 -35.07 -13.35
CA ALA A 310 23.82 -35.21 -14.25
C ALA A 310 23.56 -36.34 -15.26
N PRO A 311 24.22 -36.30 -16.43
CA PRO A 311 23.97 -37.35 -17.42
C PRO A 311 24.42 -38.72 -16.92
N LEU A 312 23.69 -39.75 -17.36
CA LEU A 312 23.90 -41.10 -16.83
C LEU A 312 25.30 -41.61 -17.13
N GLY A 313 25.76 -41.42 -18.36
CA GLY A 313 26.98 -42.07 -18.82
C GLY A 313 26.67 -43.33 -19.60
N LYS A 314 27.74 -43.92 -20.15
CA LYS A 314 27.57 -45.04 -21.07
C LYS A 314 27.15 -46.32 -20.34
N GLU A 315 27.80 -46.65 -19.22
CA GLU A 315 27.44 -47.87 -18.52
C GLU A 315 26.03 -47.79 -17.95
N LEU A 316 25.69 -46.67 -17.34
CA LEU A 316 24.36 -46.56 -16.75
C LEU A 316 23.30 -46.55 -17.84
N GLU A 317 23.59 -45.94 -19.00
CA GLU A 317 22.65 -45.99 -20.10
C GLU A 317 22.43 -47.43 -20.55
N ASP A 318 23.50 -48.22 -20.59
CA ASP A 318 23.36 -49.63 -20.95
C ASP A 318 22.51 -50.38 -19.92
N THR A 319 22.66 -50.03 -18.64
CA THR A 319 21.81 -50.66 -17.63
C THR A 319 20.33 -50.40 -17.90
N VAL A 320 19.98 -49.15 -18.22
CA VAL A 320 18.58 -48.83 -18.49
C VAL A 320 18.08 -49.59 -19.71
N ARG A 321 18.90 -49.67 -20.76
CA ARG A 321 18.48 -50.39 -21.95
C ARG A 321 18.35 -51.90 -21.70
N ALA A 322 19.16 -52.47 -20.80
CA ALA A 322 19.06 -53.91 -20.56
C ALA A 322 17.92 -54.26 -19.62
N LYS A 323 17.57 -53.37 -18.68
CA LYS A 323 16.54 -53.68 -17.68
C LYS A 323 15.15 -53.14 -18.05
N PHE A 324 15.09 -52.08 -18.85
CA PHE A 324 13.83 -51.49 -19.26
C PHE A 324 13.69 -51.64 -20.77
N PRO A 325 13.13 -52.75 -21.25
CA PRO A 325 13.23 -53.06 -22.68
C PRO A 325 12.47 -52.09 -23.58
N ASN A 326 11.38 -51.46 -23.12
CA ASN A 326 10.63 -50.56 -23.99
C ASN A 326 10.90 -49.09 -23.72
N ALA A 327 11.95 -48.79 -22.96
CA ALA A 327 12.17 -47.44 -22.45
C ALA A 327 12.96 -46.62 -23.46
N LYS A 328 12.38 -45.53 -23.94
CA LYS A 328 13.18 -44.57 -24.66
C LYS A 328 14.06 -43.85 -23.66
N LEU A 329 15.29 -43.56 -24.06
CA LEU A 329 16.27 -42.95 -23.17
C LEU A 329 16.71 -41.62 -23.76
N GLY A 330 16.83 -40.61 -22.91
CA GLY A 330 17.29 -39.32 -23.41
C GLY A 330 17.56 -38.35 -22.29
N GLN A 331 18.33 -37.32 -22.62
CA GLN A 331 18.83 -36.33 -21.68
C GLN A 331 18.35 -34.92 -22.06
N GLY A 332 17.85 -34.18 -21.08
CA GLY A 332 17.51 -32.77 -21.22
C GLY A 332 18.57 -31.88 -20.57
N TYR A 333 18.19 -30.62 -20.32
CA TYR A 333 19.09 -29.69 -19.66
C TYR A 333 18.27 -28.68 -18.87
N GLY A 334 18.62 -28.51 -17.61
CA GLY A 334 17.79 -27.70 -16.70
C GLY A 334 18.63 -26.89 -15.74
N MET A 335 18.06 -25.77 -15.32
CA MET A 335 18.67 -24.96 -14.29
C MET A 335 17.57 -24.17 -13.60
N THR A 336 17.64 -24.11 -12.26
CA THR A 336 16.55 -23.58 -11.44
C THR A 336 16.11 -22.19 -11.90
N GLU A 337 17.08 -21.30 -12.14
CA GLU A 337 16.77 -19.94 -12.59
C GLU A 337 16.07 -19.93 -13.93
N ALA A 338 16.25 -20.98 -14.73
CA ALA A 338 15.71 -20.99 -16.09
C ALA A 338 14.27 -21.47 -16.14
N GLY A 339 13.72 -21.96 -15.05
CA GLY A 339 12.32 -22.31 -15.10
C GLY A 339 11.78 -23.64 -14.65
N PRO A 340 12.60 -24.74 -14.67
CA PRO A 340 14.04 -24.93 -14.93
C PRO A 340 14.49 -25.36 -16.35
N VAL A 341 13.56 -25.78 -17.21
CA VAL A 341 13.88 -26.53 -18.42
C VAL A 341 14.36 -25.60 -19.53
N LEU A 342 15.62 -25.74 -19.94
CA LEU A 342 16.08 -25.05 -21.14
C LEU A 342 15.96 -25.93 -22.38
N ALA A 343 16.23 -27.23 -22.24
CA ALA A 343 16.26 -28.08 -23.43
C ALA A 343 15.67 -29.44 -23.10
N MET A 344 15.00 -30.02 -24.10
CA MET A 344 14.31 -31.29 -23.94
C MET A 344 14.69 -32.26 -25.05
N CYS A 345 14.72 -33.53 -24.67
CA CYS A 345 15.05 -34.59 -25.59
C CYS A 345 13.90 -34.79 -26.58
N LEU A 346 14.17 -34.57 -27.87
CA LEU A 346 13.10 -34.65 -28.86
C LEU A 346 12.72 -36.10 -29.20
N ALA A 347 13.52 -37.09 -28.81
CA ALA A 347 13.07 -38.47 -28.91
C ALA A 347 11.81 -38.75 -28.10
N PHE A 348 11.44 -37.88 -27.15
CA PHE A 348 10.26 -38.10 -26.33
C PHE A 348 9.01 -37.46 -26.92
N ALA A 349 9.16 -36.73 -28.03
CA ALA A 349 8.03 -36.04 -28.63
C ALA A 349 7.01 -37.03 -29.16
N LYS A 350 5.76 -36.56 -29.30
CA LYS A 350 4.68 -37.42 -29.77
C LYS A 350 4.99 -37.99 -31.13
N GLU A 351 5.49 -37.16 -32.04
CA GLU A 351 6.10 -37.54 -33.30
C GLU A 351 7.60 -37.39 -33.12
N PRO A 352 8.34 -38.45 -32.78
CA PRO A 352 9.72 -38.29 -32.30
C PRO A 352 10.69 -37.80 -33.36
N PHE A 353 11.80 -37.22 -32.88
CA PHE A 353 12.95 -36.83 -33.68
C PHE A 353 14.14 -37.72 -33.33
N GLU A 354 15.08 -37.85 -34.26
CA GLU A 354 16.31 -38.54 -33.94
C GLU A 354 17.14 -37.74 -32.93
N ILE A 355 17.94 -38.45 -32.13
CA ILE A 355 18.84 -37.84 -31.17
C ILE A 355 20.23 -38.49 -31.30
N LYS A 356 21.15 -38.04 -30.44
CA LYS A 356 22.54 -38.48 -30.51
C LYS A 356 23.11 -38.65 -29.10
N SER A 357 23.85 -39.75 -28.91
CA SER A 357 24.44 -40.02 -27.60
C SER A 357 25.24 -38.83 -27.12
N GLY A 358 25.10 -38.51 -25.84
CA GLY A 358 25.80 -37.39 -25.25
C GLY A 358 25.09 -36.06 -25.35
N ALA A 359 24.02 -35.96 -26.13
CA ALA A 359 23.36 -34.68 -26.30
C ALA A 359 22.38 -34.46 -25.15
N CYS A 360 22.15 -33.18 -24.84
CA CYS A 360 21.28 -32.76 -23.74
C CYS A 360 20.01 -32.10 -24.24
N GLY A 361 19.58 -32.42 -25.46
CA GLY A 361 18.27 -32.07 -25.97
C GLY A 361 18.28 -30.88 -26.90
N THR A 362 17.08 -30.38 -27.17
CA THR A 362 16.89 -29.25 -28.05
C THR A 362 16.18 -28.14 -27.29
N VAL A 363 16.62 -26.90 -27.50
CA VAL A 363 16.03 -25.80 -26.74
C VAL A 363 14.51 -25.87 -26.85
N VAL A 364 13.82 -25.50 -25.77
CA VAL A 364 12.37 -25.54 -25.77
C VAL A 364 11.80 -24.59 -26.81
N ARG A 365 10.63 -24.95 -27.30
CA ARG A 365 9.83 -24.07 -28.15
C ARG A 365 9.39 -22.83 -27.38
N ASN A 366 8.96 -21.81 -28.13
CA ASN A 366 8.55 -20.53 -27.56
C ASN A 366 9.69 -19.93 -26.73
N ALA A 367 10.89 -19.94 -27.29
CA ALA A 367 12.05 -19.44 -26.58
C ALA A 367 13.20 -19.26 -27.56
N GLU A 368 14.24 -18.57 -27.09
CA GLU A 368 15.42 -18.38 -27.89
C GLU A 368 16.65 -18.74 -27.06
N MET A 369 17.64 -19.30 -27.75
CA MET A 369 18.90 -19.67 -27.14
C MET A 369 20.04 -19.13 -28.00
N LYS A 370 21.13 -18.74 -27.35
CA LYS A 370 22.36 -18.48 -28.08
C LYS A 370 23.54 -18.89 -27.21
N ILE A 371 24.71 -18.86 -27.83
CA ILE A 371 25.97 -19.30 -27.24
C ILE A 371 26.94 -18.14 -27.29
N VAL A 372 27.37 -17.68 -26.13
CA VAL A 372 28.07 -16.41 -26.02
C VAL A 372 29.49 -16.70 -25.59
N ASP A 373 30.41 -16.42 -26.49
CA ASP A 373 31.80 -16.41 -26.15
C ASP A 373 32.00 -15.52 -24.92
N PRO A 374 32.61 -16.02 -23.85
CA PRO A 374 32.68 -15.24 -22.60
C PRO A 374 33.70 -14.12 -22.63
N LYS A 375 34.74 -14.19 -23.48
CA LYS A 375 35.65 -13.06 -23.62
C LYS A 375 34.98 -11.92 -24.38
N THR A 376 34.55 -12.16 -25.62
CA THR A 376 33.90 -11.11 -26.41
C THR A 376 32.57 -10.66 -25.79
N GLY A 377 31.66 -11.60 -25.56
CA GLY A 377 30.27 -11.30 -25.37
C GLY A 377 29.43 -11.47 -26.62
N ASN A 378 29.99 -11.98 -27.70
CA ASN A 378 29.32 -12.09 -28.98
C ASN A 378 28.81 -13.50 -29.24
N SER A 379 27.64 -13.57 -29.87
CA SER A 379 27.02 -14.87 -30.16
C SER A 379 27.87 -15.65 -31.15
N LEU A 380 27.88 -16.95 -30.98
CA LEU A 380 28.75 -17.85 -31.71
C LEU A 380 27.98 -18.68 -32.73
N PRO A 381 28.64 -19.12 -33.81
CA PRO A 381 27.99 -20.08 -34.71
C PRO A 381 27.75 -21.44 -34.06
N ARG A 382 27.16 -22.37 -34.81
CA ARG A 382 27.15 -23.78 -34.43
C ARG A 382 28.55 -24.32 -34.24
N ASN A 383 28.63 -25.36 -33.40
CA ASN A 383 29.80 -26.21 -33.20
C ASN A 383 30.96 -25.45 -32.58
N GLN A 384 30.67 -24.36 -31.85
CA GLN A 384 31.68 -23.67 -31.08
C GLN A 384 31.16 -23.41 -29.69
N SER A 385 32.04 -23.56 -28.71
CA SER A 385 31.70 -23.54 -27.30
C SER A 385 31.63 -22.12 -26.74
N GLY A 386 30.61 -21.88 -25.95
CA GLY A 386 30.49 -20.64 -25.21
C GLY A 386 29.41 -20.80 -24.16
N GLU A 387 29.08 -19.69 -23.51
CA GLU A 387 28.13 -19.77 -22.42
C GLU A 387 26.72 -19.87 -22.97
N ILE A 388 25.96 -20.84 -22.49
CA ILE A 388 24.56 -21.02 -22.90
C ILE A 388 23.70 -19.92 -22.32
N CYS A 389 22.90 -19.28 -23.16
CA CYS A 389 21.96 -18.26 -22.71
C CYS A 389 20.60 -18.58 -23.29
N ILE A 390 19.54 -18.30 -22.55
CA ILE A 390 18.19 -18.59 -22.99
C ILE A 390 17.31 -17.39 -22.64
N ARG A 391 16.24 -17.22 -23.41
CA ARG A 391 15.27 -16.14 -23.18
C ARG A 391 13.88 -16.64 -23.55
N GLY A 392 12.89 -16.24 -22.77
CA GLY A 392 11.52 -16.69 -22.90
C GLY A 392 10.75 -16.42 -21.63
N ASP A 393 9.42 -16.54 -21.73
CA ASP A 393 8.58 -16.29 -20.57
C ASP A 393 8.79 -17.31 -19.43
N GLN A 394 9.53 -18.40 -19.65
CA GLN A 394 9.60 -19.43 -18.60
C GLN A 394 10.61 -19.11 -17.52
N ILE A 395 11.50 -18.14 -17.73
CA ILE A 395 12.65 -18.00 -16.83
C ILE A 395 12.21 -17.31 -15.55
N MET A 396 13.06 -17.31 -14.54
CA MET A 396 12.69 -16.74 -13.26
C MET A 396 12.46 -15.24 -13.38
N LYS A 397 11.77 -14.69 -12.39
CA LYS A 397 11.63 -13.24 -12.25
C LYS A 397 12.90 -12.66 -11.65
N GLY A 398 13.59 -13.42 -10.83
CA GLY A 398 14.81 -12.92 -10.22
C GLY A 398 15.09 -13.68 -8.95
N TYR A 399 16.20 -13.32 -8.32
CA TYR A 399 16.52 -13.76 -6.98
C TYR A 399 15.88 -12.86 -5.95
N LEU A 400 15.33 -13.46 -4.90
CA LEU A 400 14.54 -12.69 -3.94
C LEU A 400 15.43 -11.70 -3.18
N ASN A 401 15.01 -10.43 -3.15
CA ASN A 401 15.70 -9.42 -2.36
C ASN A 401 17.17 -9.27 -2.72
N ASP A 402 17.55 -9.68 -3.92
CA ASP A 402 18.94 -9.57 -4.38
C ASP A 402 18.95 -9.06 -5.82
N PRO A 403 18.56 -7.81 -6.03
CA PRO A 403 18.49 -7.28 -7.40
C PRO A 403 19.81 -7.25 -8.13
N GLU A 404 20.92 -7.14 -7.39
CA GLU A 404 22.24 -7.12 -8.03
C GLU A 404 22.60 -8.48 -8.61
N ALA A 405 22.46 -9.55 -7.82
CA ALA A 405 22.74 -10.88 -8.37
C ALA A 405 21.79 -11.21 -9.53
N THR A 406 20.55 -10.71 -9.47
CA THR A 406 19.66 -10.81 -10.63
C THR A 406 20.25 -10.07 -11.83
N ALA A 407 20.72 -8.83 -11.65
CA ALA A 407 21.19 -8.07 -12.79
C ALA A 407 22.41 -8.72 -13.44
N ARG A 408 23.23 -9.46 -12.68
CA ARG A 408 24.35 -10.20 -13.25
C ARG A 408 23.96 -11.52 -13.90
N THR A 409 22.69 -11.94 -13.81
CA THR A 409 22.24 -13.22 -14.32
C THR A 409 21.26 -13.10 -15.47
N ILE A 410 20.41 -12.07 -15.48
CA ILE A 410 19.53 -11.79 -16.59
C ILE A 410 19.86 -10.40 -17.10
N ASP A 411 20.27 -10.29 -18.35
CA ASP A 411 20.66 -8.97 -18.86
C ASP A 411 19.41 -8.14 -19.18
N LYS A 412 19.62 -7.01 -19.85
CA LYS A 412 18.57 -6.03 -20.12
C LYS A 412 17.64 -6.46 -21.23
N GLU A 413 18.10 -7.30 -22.16
CA GLU A 413 17.27 -7.82 -23.24
C GLU A 413 16.55 -9.10 -22.85
N GLY A 414 16.61 -9.48 -21.57
CA GLY A 414 15.92 -10.66 -21.06
C GLY A 414 16.70 -11.96 -21.17
N TRP A 415 18.01 -11.91 -21.39
CA TRP A 415 18.80 -13.11 -21.60
C TRP A 415 19.31 -13.65 -20.26
N LEU A 416 19.04 -14.92 -19.98
CA LEU A 416 19.56 -15.54 -18.78
C LEU A 416 20.86 -16.29 -19.10
N TYR A 417 21.92 -15.97 -18.36
CA TYR A 417 23.24 -16.56 -18.57
C TYR A 417 23.42 -17.72 -17.59
N THR A 418 23.49 -18.94 -18.13
CA THR A 418 23.47 -20.13 -17.27
C THR A 418 24.79 -20.35 -16.54
N GLY A 419 25.90 -19.82 -17.06
CA GLY A 419 27.22 -20.13 -16.55
C GLY A 419 27.78 -21.47 -17.00
N ASP A 420 27.09 -22.19 -17.89
CA ASP A 420 27.49 -23.49 -18.40
C ASP A 420 27.98 -23.34 -19.82
N ILE A 421 29.03 -24.08 -20.17
CA ILE A 421 29.64 -24.01 -21.49
C ILE A 421 29.13 -25.18 -22.33
N GLY A 422 28.60 -24.86 -23.50
CA GLY A 422 28.21 -25.86 -24.47
C GLY A 422 28.23 -25.33 -25.90
N TYR A 423 27.69 -26.12 -26.83
CA TYR A 423 27.54 -25.73 -28.22
C TYR A 423 26.29 -26.41 -28.79
N ILE A 424 25.87 -25.91 -29.95
CA ILE A 424 24.74 -26.47 -30.66
C ILE A 424 25.25 -26.95 -32.01
N ASP A 425 24.89 -28.16 -32.38
CA ASP A 425 25.49 -28.73 -33.56
C ASP A 425 24.57 -28.51 -34.75
N ASP A 426 24.86 -29.18 -35.86
CA ASP A 426 24.10 -28.99 -37.09
C ASP A 426 22.66 -29.49 -36.99
N ASP A 427 22.34 -30.35 -36.01
CA ASP A 427 20.96 -30.83 -35.89
C ASP A 427 20.19 -30.15 -34.75
N ASP A 428 20.63 -28.98 -34.28
CA ASP A 428 19.95 -28.24 -33.20
C ASP A 428 19.94 -29.04 -31.89
N GLU A 429 20.99 -29.85 -31.70
CA GLU A 429 21.19 -30.62 -30.49
C GLU A 429 22.25 -29.93 -29.63
N LEU A 430 21.92 -29.72 -28.36
CA LEU A 430 22.78 -29.06 -27.39
C LEU A 430 23.72 -30.08 -26.78
N PHE A 431 25.00 -29.69 -26.70
CA PHE A 431 26.02 -30.50 -26.03
C PHE A 431 26.66 -29.62 -24.99
N ILE A 432 26.78 -30.13 -23.79
CA ILE A 432 27.36 -29.40 -22.68
C ILE A 432 28.74 -29.97 -22.39
N VAL A 433 29.74 -29.10 -22.35
CA VAL A 433 31.11 -29.53 -22.15
C VAL A 433 31.69 -29.08 -20.81
N ASP A 434 31.06 -28.12 -20.11
CA ASP A 434 31.55 -27.70 -18.80
C ASP A 434 30.40 -27.15 -17.97
N ARG A 435 30.07 -27.86 -16.88
CA ARG A 435 29.09 -27.39 -15.91
C ARG A 435 29.71 -26.84 -14.64
N LEU A 436 31.01 -26.99 -14.43
CA LEU A 436 31.66 -26.54 -13.21
C LEU A 436 32.02 -25.07 -13.33
N LYS A 437 31.30 -24.23 -12.59
CA LYS A 437 31.38 -22.79 -12.74
C LYS A 437 32.73 -22.21 -12.24
N ASP B 9 -21.74 35.63 -39.34
CA ASP B 9 -21.28 34.25 -39.15
C ASP B 9 -22.37 33.39 -38.52
N ILE B 10 -22.53 32.17 -39.03
CA ILE B 10 -23.46 31.19 -38.48
C ILE B 10 -22.71 30.39 -37.42
N ILE B 11 -23.22 30.41 -36.19
CA ILE B 11 -22.49 29.94 -35.02
C ILE B 11 -23.25 28.79 -34.36
N PHE B 12 -22.52 27.71 -34.07
CA PHE B 12 -23.07 26.54 -33.41
C PHE B 12 -22.57 26.46 -31.98
N ARG B 13 -23.45 26.09 -31.06
CA ARG B 13 -23.04 25.94 -29.68
C ARG B 13 -23.46 24.57 -29.18
N SER B 14 -23.31 24.35 -27.88
CA SER B 14 -23.57 23.08 -27.26
C SER B 14 -25.06 22.90 -26.99
N LYS B 15 -25.53 21.64 -26.98
CA LYS B 15 -26.88 21.36 -26.50
C LYS B 15 -27.00 21.59 -25.00
N LEU B 16 -25.85 21.68 -24.24
CA LEU B 16 -25.73 21.91 -22.80
C LEU B 16 -25.69 23.41 -22.50
N PRO B 17 -26.28 23.85 -21.39
CA PRO B 17 -26.17 25.25 -21.01
C PRO B 17 -24.71 25.57 -20.71
N ASP B 18 -24.36 26.85 -20.79
CA ASP B 18 -23.04 27.21 -20.31
C ASP B 18 -23.02 27.17 -18.79
N ILE B 19 -21.82 27.10 -18.23
CA ILE B 19 -21.62 26.93 -16.80
C ILE B 19 -20.61 27.97 -16.33
N TYR B 20 -20.54 28.16 -15.01
CA TYR B 20 -19.50 28.98 -14.43
C TYR B 20 -18.18 28.23 -14.47
N ILE B 21 -17.11 28.92 -14.86
CA ILE B 21 -15.77 28.34 -14.93
C ILE B 21 -14.84 29.24 -14.15
N PRO B 22 -14.25 28.79 -13.11
CA PRO B 22 -13.33 29.64 -12.33
C PRO B 22 -11.97 29.75 -12.97
N ASN B 23 -11.94 30.30 -14.19
CA ASN B 23 -10.71 30.34 -14.99
C ASN B 23 -9.66 31.35 -14.48
N HIS B 24 -9.91 31.91 -13.30
CA HIS B 24 -8.92 32.66 -12.53
C HIS B 24 -8.07 31.78 -11.61
N LEU B 25 -8.49 30.55 -11.38
CA LEU B 25 -7.66 29.68 -10.56
C LEU B 25 -6.54 29.08 -11.39
N PRO B 26 -5.33 29.01 -10.83
CA PRO B 26 -4.27 28.21 -11.46
C PRO B 26 -4.70 26.75 -11.61
N LEU B 27 -4.05 26.05 -12.55
CA LEU B 27 -4.50 24.70 -12.90
C LEU B 27 -4.44 23.77 -11.68
N HIS B 28 -3.40 23.88 -10.85
CA HIS B 28 -3.32 23.01 -9.68
C HIS B 28 -4.40 23.35 -8.67
N SER B 29 -4.66 24.64 -8.46
CA SER B 29 -5.73 25.03 -7.56
C SER B 29 -7.09 24.56 -8.08
N TYR B 30 -7.27 24.56 -9.40
CA TYR B 30 -8.58 24.15 -9.89
C TYR B 30 -8.75 22.63 -9.82
N CYS B 31 -7.72 21.88 -10.23
CA CYS B 31 -7.85 20.42 -10.25
C CYS B 31 -7.98 19.82 -8.85
N PHE B 32 -7.38 20.45 -7.84
CA PHE B 32 -7.48 20.01 -6.46
C PHE B 32 -8.49 20.77 -5.65
N GLU B 33 -9.36 21.58 -6.28
CA GLU B 33 -10.20 22.48 -5.49
C GLU B 33 -11.05 21.72 -4.48
N ASN B 34 -11.56 20.56 -4.86
CA ASN B 34 -12.45 19.78 -4.00
C ASN B 34 -11.74 18.60 -3.36
N ILE B 35 -10.42 18.70 -3.17
CA ILE B 35 -9.63 17.59 -2.67
C ILE B 35 -10.10 17.17 -1.27
N SER B 36 -10.65 18.13 -0.49
CA SER B 36 -11.15 17.79 0.84
C SER B 36 -12.21 16.68 0.77
N GLU B 37 -12.97 16.63 -0.32
CA GLU B 37 -14.02 15.63 -0.45
C GLU B 37 -13.49 14.25 -0.87
N PHE B 38 -12.22 14.14 -1.26
CA PHE B 38 -11.65 12.82 -1.56
C PHE B 38 -10.21 12.69 -1.09
N SER B 39 -9.84 13.35 0.01
CA SER B 39 -8.45 13.36 0.44
C SER B 39 -7.87 11.95 0.52
N SER B 40 -8.63 11.00 1.05
CA SER B 40 -8.08 9.68 1.34
C SER B 40 -8.42 8.64 0.28
N ARG B 41 -9.10 9.02 -0.79
CA ARG B 41 -9.38 8.04 -1.82
C ARG B 41 -8.17 7.82 -2.73
N PRO B 42 -8.09 6.66 -3.36
CA PRO B 42 -7.02 6.41 -4.34
C PRO B 42 -7.08 7.39 -5.50
N CYS B 43 -5.91 7.94 -5.83
CA CYS B 43 -5.74 8.90 -6.91
C CYS B 43 -4.95 8.31 -8.08
N LEU B 44 -3.69 7.96 -7.85
CA LEU B 44 -2.87 7.30 -8.86
C LEU B 44 -2.60 5.86 -8.44
N ILE B 45 -2.89 4.92 -9.34
CA ILE B 45 -2.58 3.52 -9.13
C ILE B 45 -1.52 3.13 -10.14
N ASN B 46 -0.35 2.77 -9.63
CA ASN B 46 0.74 2.29 -10.46
C ASN B 46 0.44 0.83 -10.77
N GLY B 47 -0.01 0.56 -11.99
CA GLY B 47 -0.38 -0.81 -12.34
C GLY B 47 0.80 -1.77 -12.32
N ALA B 48 2.02 -1.26 -12.57
CA ALA B 48 3.19 -2.13 -12.56
C ALA B 48 3.42 -2.70 -11.18
N ASN B 49 3.78 -1.87 -10.20
CA ASN B 49 4.17 -2.32 -8.86
C ASN B 49 3.03 -2.34 -7.86
N LYS B 50 1.80 -2.04 -8.30
CA LYS B 50 0.57 -2.00 -7.52
C LYS B 50 0.54 -0.91 -6.43
N GLN B 51 1.49 0.03 -6.44
CA GLN B 51 1.50 1.09 -5.44
C GLN B 51 0.36 2.08 -5.65
N ILE B 52 -0.29 2.45 -4.56
CA ILE B 52 -1.41 3.37 -4.56
C ILE B 52 -1.00 4.68 -3.87
N TYR B 53 -1.24 5.80 -4.55
CA TYR B 53 -1.13 7.15 -3.99
C TYR B 53 -2.52 7.71 -3.80
N THR B 54 -2.84 8.18 -2.59
CA THR B 54 -4.13 8.84 -2.40
C THR B 54 -4.07 10.27 -2.92
N TYR B 55 -5.22 10.94 -2.88
CA TYR B 55 -5.27 12.33 -3.33
C TYR B 55 -4.40 13.22 -2.44
N ALA B 56 -4.47 13.01 -1.12
CA ALA B 56 -3.59 13.71 -0.20
C ALA B 56 -2.13 13.43 -0.54
N ASP B 57 -1.79 12.17 -0.80
CA ASP B 57 -0.42 11.87 -1.23
C ASP B 57 -0.06 12.62 -2.50
N VAL B 58 -0.98 12.69 -3.47
CA VAL B 58 -0.58 13.26 -4.76
C VAL B 58 -0.42 14.77 -4.65
N GLU B 59 -1.32 15.44 -3.93
CA GLU B 59 -1.16 16.88 -3.75
C GLU B 59 0.12 17.20 -2.98
N LEU B 60 0.47 16.37 -1.99
CA LEU B 60 1.70 16.63 -1.24
C LEU B 60 2.93 16.39 -2.11
N ASN B 61 2.95 15.26 -2.83
CA ASN B 61 4.11 14.93 -3.63
C ASN B 61 4.34 15.96 -4.74
N SER B 62 3.26 16.46 -5.35
CA SER B 62 3.38 17.53 -6.32
C SER B 62 3.95 18.79 -5.67
N ARG B 63 3.50 19.10 -4.44
CA ARG B 63 4.04 20.26 -3.73
C ARG B 63 5.50 20.05 -3.37
N LYS B 64 5.89 18.83 -2.98
CA LYS B 64 7.30 18.59 -2.71
C LYS B 64 8.12 18.65 -4.00
N VAL B 65 7.64 18.06 -5.10
CA VAL B 65 8.38 18.14 -6.35
C VAL B 65 8.54 19.59 -6.79
N ALA B 66 7.51 20.42 -6.54
CA ALA B 66 7.61 21.86 -6.80
C ALA B 66 8.75 22.51 -6.02
N ALA B 67 8.86 22.18 -4.73
CA ALA B 67 9.94 22.73 -3.94
C ALA B 67 11.29 22.25 -4.44
N GLY B 68 11.38 20.97 -4.83
CA GLY B 68 12.61 20.46 -5.41
C GLY B 68 12.97 21.18 -6.68
N LEU B 69 11.99 21.37 -7.57
CA LEU B 69 12.27 22.09 -8.82
C LEU B 69 12.76 23.50 -8.54
N HIS B 70 12.23 24.13 -7.50
CA HIS B 70 12.69 25.47 -7.14
C HIS B 70 14.12 25.45 -6.62
N LYS B 71 14.45 24.45 -5.79
CA LYS B 71 15.82 24.33 -5.32
C LYS B 71 16.79 24.10 -6.46
N GLN B 72 16.32 23.49 -7.56
CA GLN B 72 17.20 23.29 -8.69
C GLN B 72 17.31 24.51 -9.60
N GLY B 73 16.60 25.60 -9.29
CA GLY B 73 16.71 26.83 -10.05
C GLY B 73 15.52 27.14 -10.95
N ILE B 74 14.51 26.29 -11.01
CA ILE B 74 13.34 26.61 -11.83
C ILE B 74 12.58 27.79 -11.22
N GLN B 75 12.37 28.84 -12.00
CA GLN B 75 11.59 30.01 -11.61
C GLN B 75 10.35 30.12 -12.50
N PRO B 76 9.37 30.96 -12.16
CA PRO B 76 8.23 31.17 -13.05
C PRO B 76 8.68 31.44 -14.48
N LYS B 77 7.96 30.85 -15.43
CA LYS B 77 8.12 30.97 -16.87
C LYS B 77 9.28 30.11 -17.37
N ASP B 78 10.07 29.50 -16.48
CA ASP B 78 11.03 28.50 -16.91
C ASP B 78 10.32 27.23 -17.40
N THR B 79 11.08 26.36 -18.08
CA THR B 79 10.54 25.15 -18.68
C THR B 79 11.35 23.95 -18.25
N ILE B 80 10.67 22.87 -17.86
CA ILE B 80 11.27 21.56 -17.73
C ILE B 80 10.66 20.68 -18.81
N MET B 81 11.39 19.64 -19.19
CA MET B 81 10.94 18.70 -20.20
C MET B 81 10.70 17.35 -19.55
N ILE B 82 9.52 16.78 -19.78
CA ILE B 82 9.19 15.45 -19.28
C ILE B 82 9.33 14.46 -20.42
N LEU B 83 10.27 13.54 -20.27
CA LEU B 83 10.55 12.52 -21.26
C LEU B 83 10.34 11.17 -20.60
N LEU B 84 9.08 10.87 -20.28
CA LEU B 84 8.75 9.72 -19.45
C LEU B 84 7.55 8.98 -20.02
N PRO B 85 7.51 7.66 -19.85
CA PRO B 85 6.24 6.95 -20.03
C PRO B 85 5.32 7.29 -18.87
N ASN B 86 4.08 6.81 -18.95
CA ASN B 86 3.15 7.10 -17.87
C ASN B 86 3.69 6.53 -16.58
N SER B 87 3.59 7.30 -15.50
CA SER B 87 4.27 7.02 -14.25
C SER B 87 3.78 8.05 -13.25
N PRO B 88 3.80 7.77 -11.96
CA PRO B 88 3.37 8.80 -11.01
C PRO B 88 4.30 9.99 -11.02
N GLU B 89 5.57 9.75 -11.37
CA GLU B 89 6.54 10.83 -11.46
C GLU B 89 6.20 11.82 -12.58
N PHE B 90 5.64 11.33 -13.68
CA PHE B 90 5.17 12.25 -14.73
C PHE B 90 4.22 13.28 -14.12
N VAL B 91 3.24 12.80 -13.36
CA VAL B 91 2.23 13.69 -12.78
C VAL B 91 2.86 14.66 -11.77
N PHE B 92 3.69 14.16 -10.86
CA PHE B 92 4.30 15.03 -9.86
C PHE B 92 5.13 16.11 -10.53
N ALA B 93 5.85 15.73 -11.59
CA ALA B 93 6.62 16.72 -12.34
C ALA B 93 5.69 17.76 -12.96
N PHE B 94 4.60 17.31 -13.59
CA PHE B 94 3.74 18.25 -14.28
C PHE B 94 3.06 19.20 -13.32
N ILE B 95 2.47 18.65 -12.26
CA ILE B 95 1.82 19.52 -11.30
C ILE B 95 2.85 20.33 -10.53
N GLY B 96 3.98 19.71 -10.17
CA GLY B 96 5.04 20.44 -9.50
C GLY B 96 5.44 21.70 -10.23
N ALA B 97 5.64 21.59 -11.55
CA ALA B 97 5.99 22.77 -12.33
C ALA B 97 4.86 23.79 -12.32
N SER B 98 3.62 23.33 -12.28
CA SER B 98 2.51 24.27 -12.28
C SER B 98 2.50 25.15 -11.04
N TYR B 99 2.90 24.59 -9.88
CA TYR B 99 2.93 25.38 -8.64
C TYR B 99 3.94 26.52 -8.68
N LEU B 100 5.02 26.36 -9.43
CA LEU B 100 6.03 27.40 -9.54
C LEU B 100 5.67 28.44 -10.59
N GLY B 101 4.58 28.23 -11.32
CA GLY B 101 4.28 29.05 -12.47
C GLY B 101 5.19 28.76 -13.63
N ALA B 102 5.75 27.55 -13.69
CA ALA B 102 6.66 27.15 -14.74
C ALA B 102 5.91 26.33 -15.78
N ILE B 103 6.64 25.90 -16.81
CA ILE B 103 6.07 25.24 -17.98
C ILE B 103 6.61 23.82 -18.08
N SER B 104 5.73 22.88 -18.40
CA SER B 104 6.12 21.51 -18.76
C SER B 104 5.89 21.29 -20.25
N THR B 105 6.97 20.95 -20.96
CA THR B 105 6.90 20.38 -22.29
C THR B 105 7.12 18.87 -22.15
N MET B 106 6.36 18.09 -22.92
CA MET B 106 6.39 16.64 -22.81
C MET B 106 6.72 16.01 -24.16
N ALA B 107 7.49 14.94 -24.13
CA ALA B 107 7.92 14.30 -25.36
C ALA B 107 7.85 12.79 -25.20
N ASN B 108 7.75 12.13 -26.34
CA ASN B 108 7.74 10.67 -26.41
C ASN B 108 9.12 10.13 -26.09
N PRO B 109 9.28 9.30 -25.06
CA PRO B 109 10.63 8.80 -24.75
C PRO B 109 11.22 7.92 -25.83
N LEU B 110 10.43 7.51 -26.84
CA LEU B 110 10.95 6.74 -27.95
C LEU B 110 11.42 7.62 -29.09
N PHE B 111 11.44 8.94 -28.92
CA PHE B 111 11.99 9.81 -29.94
C PHE B 111 13.48 9.52 -30.17
N THR B 112 13.94 9.75 -31.42
CA THR B 112 15.37 9.72 -31.71
C THR B 112 16.07 10.73 -30.83
N PRO B 113 17.37 10.56 -30.59
CA PRO B 113 18.10 11.63 -29.91
C PRO B 113 17.89 12.97 -30.61
N ALA B 114 17.77 12.96 -31.94
CA ALA B 114 17.62 14.23 -32.68
C ALA B 114 16.29 14.91 -32.35
N GLU B 115 15.16 14.17 -32.33
CA GLU B 115 13.89 14.81 -32.00
C GLU B 115 13.88 15.32 -30.58
N VAL B 116 14.45 14.55 -29.64
CA VAL B 116 14.44 14.99 -28.25
C VAL B 116 15.29 16.24 -28.09
N VAL B 117 16.45 16.29 -28.75
CA VAL B 117 17.33 17.44 -28.58
C VAL B 117 16.71 18.67 -29.26
N LYS B 118 16.07 18.49 -30.41
CA LYS B 118 15.42 19.61 -31.07
C LYS B 118 14.33 20.21 -30.21
N GLN B 119 13.47 19.36 -29.62
CA GLN B 119 12.41 19.90 -28.78
C GLN B 119 12.95 20.51 -27.49
N ALA B 120 14.03 19.94 -26.93
CA ALA B 120 14.63 20.54 -25.74
C ALA B 120 15.15 21.95 -26.02
N LYS B 121 15.77 22.15 -27.19
CA LYS B 121 16.28 23.47 -27.54
C LYS B 121 15.13 24.44 -27.78
N ALA B 122 14.14 24.01 -28.57
CA ALA B 122 13.05 24.91 -28.92
C ALA B 122 12.24 25.30 -27.68
N SER B 123 12.11 24.40 -26.70
CA SER B 123 11.33 24.71 -25.51
C SER B 123 12.11 25.47 -24.44
N SER B 124 13.42 25.64 -24.62
CA SER B 124 14.29 26.25 -23.62
C SER B 124 14.25 25.49 -22.29
N ALA B 125 14.18 24.16 -22.36
CA ALA B 125 14.04 23.36 -21.16
C ALA B 125 15.31 23.45 -20.30
N LYS B 126 15.13 23.71 -19.01
CA LYS B 126 16.29 23.78 -18.12
C LYS B 126 16.57 22.47 -17.43
N ILE B 127 15.57 21.59 -17.31
CA ILE B 127 15.72 20.29 -16.68
C ILE B 127 15.03 19.26 -17.57
N ILE B 128 15.61 18.06 -17.65
CA ILE B 128 15.01 16.94 -18.38
C ILE B 128 14.77 15.82 -17.37
N VAL B 129 13.50 15.49 -17.15
CA VAL B 129 13.15 14.36 -16.30
C VAL B 129 12.92 13.17 -17.20
N THR B 130 13.65 12.10 -16.96
CA THR B 130 13.65 10.99 -17.89
C THR B 130 14.05 9.72 -17.14
N GLN B 131 14.26 8.65 -17.89
CA GLN B 131 14.74 7.38 -17.39
C GLN B 131 16.22 7.21 -17.69
N ALA B 132 16.85 6.31 -16.94
CA ALA B 132 18.27 6.02 -17.15
C ALA B 132 18.53 5.55 -18.57
N CYS B 133 17.64 4.69 -19.09
CA CYS B 133 17.85 4.10 -20.40
C CYS B 133 17.86 5.14 -21.52
N HIS B 134 17.38 6.36 -21.25
CA HIS B 134 17.30 7.40 -22.26
C HIS B 134 18.30 8.52 -22.08
N VAL B 135 19.20 8.44 -21.09
CA VAL B 135 20.09 9.57 -20.83
C VAL B 135 21.06 9.76 -22.00
N ASN B 136 21.51 8.66 -22.59
CA ASN B 136 22.41 8.71 -23.75
C ASN B 136 21.86 9.58 -24.87
N LYS B 137 20.54 9.76 -24.94
CA LYS B 137 19.97 10.54 -26.03
C LYS B 137 20.19 12.04 -25.86
N VAL B 138 20.51 12.51 -24.64
CA VAL B 138 20.54 13.95 -24.39
C VAL B 138 21.79 14.34 -23.59
N LYS B 139 22.44 13.37 -22.94
CA LYS B 139 23.47 13.70 -21.96
C LYS B 139 24.56 14.57 -22.58
N ASP B 140 24.99 14.28 -23.81
CA ASP B 140 26.01 15.12 -24.42
C ASP B 140 25.47 16.54 -24.67
N TYR B 141 24.24 16.67 -25.18
CA TYR B 141 23.66 18.00 -25.34
C TYR B 141 23.40 18.69 -24.00
N ALA B 142 22.99 17.95 -22.98
CA ALA B 142 22.61 18.60 -21.72
C ALA B 142 23.80 19.25 -21.04
N PHE B 143 24.99 18.66 -21.17
CA PHE B 143 26.18 19.23 -20.56
C PHE B 143 26.65 20.52 -21.24
N GLU B 144 26.14 20.85 -22.43
CA GLU B 144 26.58 22.09 -23.10
C GLU B 144 25.68 23.28 -22.81
N ASN B 145 24.37 23.09 -22.61
CA ASN B 145 23.51 24.13 -22.04
C ASN B 145 23.49 24.15 -20.52
N ASP B 146 24.29 23.31 -19.86
CA ASP B 146 24.18 23.16 -18.41
C ASP B 146 22.70 22.93 -18.08
N VAL B 147 22.15 21.89 -18.72
CA VAL B 147 20.79 21.43 -18.48
C VAL B 147 20.91 20.18 -17.62
N LYS B 148 20.16 20.16 -16.52
CA LYS B 148 20.25 19.07 -15.56
C LYS B 148 19.32 17.94 -15.98
N ILE B 149 19.80 16.73 -15.77
CA ILE B 149 19.05 15.53 -16.13
C ILE B 149 18.67 14.81 -14.84
N ILE B 150 17.38 14.55 -14.67
CA ILE B 150 16.84 13.89 -13.50
C ILE B 150 16.21 12.57 -13.93
N CYS B 151 16.69 11.46 -13.39
CA CYS B 151 16.24 10.12 -13.73
C CYS B 151 15.32 9.57 -12.63
N ILE B 152 14.23 8.89 -13.05
CA ILE B 152 13.25 8.43 -12.06
C ILE B 152 13.57 7.06 -11.48
N ASP B 153 14.47 6.31 -12.09
CA ASP B 153 14.80 4.96 -11.65
C ASP B 153 16.17 4.90 -10.98
N SER B 154 17.22 5.32 -11.68
CA SER B 154 18.55 5.40 -11.09
C SER B 154 19.34 6.45 -11.86
N ALA B 155 20.31 7.05 -11.19
CA ALA B 155 21.02 8.17 -11.79
C ALA B 155 22.35 7.72 -12.36
N PRO B 156 22.56 7.77 -13.67
CA PRO B 156 23.92 7.69 -14.22
C PRO B 156 24.76 8.86 -13.73
N GLU B 157 26.08 8.76 -13.95
CA GLU B 157 26.98 9.86 -13.61
C GLU B 157 26.54 11.16 -14.26
N GLY B 158 26.61 12.26 -13.49
CA GLY B 158 26.19 13.56 -13.96
C GLY B 158 24.71 13.85 -13.86
N CYS B 159 23.89 12.87 -13.50
CA CYS B 159 22.45 13.06 -13.41
C CYS B 159 22.02 13.06 -11.95
N LEU B 160 20.81 13.56 -11.73
CA LEU B 160 20.17 13.50 -10.42
C LEU B 160 19.05 12.47 -10.42
N HIS B 161 18.86 11.83 -9.29
CA HIS B 161 17.72 10.93 -9.15
C HIS B 161 16.50 11.74 -8.72
N PHE B 162 15.32 11.25 -9.10
CA PHE B 162 14.07 11.98 -8.90
C PHE B 162 13.74 12.20 -7.43
N SER B 163 14.35 11.45 -6.52
CA SER B 163 14.14 11.71 -5.10
C SER B 163 14.56 13.13 -4.72
N VAL B 164 15.52 13.73 -5.43
CA VAL B 164 15.93 15.08 -5.05
C VAL B 164 14.78 16.07 -5.13
N LEU B 165 13.69 15.68 -5.80
CA LEU B 165 12.46 16.48 -5.82
C LEU B 165 11.40 15.95 -4.88
N THR B 166 11.09 14.65 -4.92
CA THR B 166 10.03 14.13 -4.06
C THR B 166 10.37 14.22 -2.58
N GLN B 167 11.64 14.38 -2.21
CA GLN B 167 11.98 14.45 -0.79
C GLN B 167 12.23 15.87 -0.29
N ALA B 168 12.03 16.87 -1.15
CA ALA B 168 12.23 18.27 -0.77
C ALA B 168 11.12 18.72 0.19
N ASN B 169 11.41 19.81 0.92
CA ASN B 169 10.46 20.38 1.86
C ASN B 169 9.40 21.20 1.12
N GLU B 170 8.15 20.71 1.14
CA GLU B 170 7.03 21.33 0.43
C GLU B 170 6.84 22.81 0.80
N HIS B 171 7.29 23.24 1.99
CA HIS B 171 7.07 24.61 2.43
C HIS B 171 8.13 25.58 1.95
N ASP B 172 9.04 25.14 1.09
CA ASP B 172 9.96 26.05 0.46
C ASP B 172 9.51 26.43 -0.96
N ILE B 173 8.25 26.14 -1.30
CA ILE B 173 7.66 26.67 -2.53
C ILE B 173 7.69 28.19 -2.42
N PRO B 174 8.28 28.88 -3.39
CA PRO B 174 8.29 30.35 -3.34
C PRO B 174 6.86 30.87 -3.39
N GLU B 175 6.68 32.12 -2.97
CA GLU B 175 5.44 32.80 -3.34
C GLU B 175 5.48 33.13 -4.84
N VAL B 176 4.31 33.14 -5.47
CA VAL B 176 4.24 33.29 -6.91
C VAL B 176 2.91 33.96 -7.26
N GLU B 177 2.92 34.73 -8.36
CA GLU B 177 1.77 35.47 -8.84
C GLU B 177 1.38 34.95 -10.22
N ILE B 178 0.66 33.83 -10.24
CA ILE B 178 0.30 33.22 -11.52
C ILE B 178 -0.92 33.94 -12.08
N GLN B 179 -0.82 34.34 -13.24
CA GLN B 179 -1.92 34.93 -13.98
C GLN B 179 -2.53 33.91 -14.93
N PRO B 180 -3.82 34.06 -15.24
CA PRO B 180 -4.51 33.01 -16.01
C PRO B 180 -3.94 32.74 -17.40
N ASP B 181 -3.25 33.70 -18.03
CA ASP B 181 -2.64 33.43 -19.33
C ASP B 181 -1.18 32.97 -19.24
N ASP B 182 -0.66 32.68 -18.04
CA ASP B 182 0.65 32.05 -17.94
C ASP B 182 0.58 30.65 -18.55
N VAL B 183 1.57 30.32 -19.37
CA VAL B 183 1.67 28.99 -19.95
C VAL B 183 1.97 27.98 -18.85
N VAL B 184 1.41 26.79 -18.97
CA VAL B 184 1.65 25.73 -17.99
C VAL B 184 1.97 24.41 -18.70
N ALA B 185 1.41 24.19 -19.90
CA ALA B 185 1.74 23.00 -20.68
C ALA B 185 2.12 23.39 -22.10
N LEU B 186 3.14 22.70 -22.64
CA LEU B 186 3.67 23.00 -23.98
C LEU B 186 3.92 21.71 -24.75
N PRO B 187 2.86 21.02 -25.16
CA PRO B 187 3.05 19.90 -26.09
C PRO B 187 3.40 20.44 -27.46
N TYR B 188 4.08 19.60 -28.23
CA TYR B 188 4.49 19.96 -29.58
C TYR B 188 3.63 19.19 -30.57
N SER B 189 3.30 19.85 -31.66
CA SER B 189 2.41 19.26 -32.65
C SER B 189 2.85 19.75 -34.01
N SER B 190 2.63 18.93 -35.03
CA SER B 190 2.89 19.41 -36.39
C SER B 190 1.95 20.55 -36.70
N GLY B 191 0.78 20.57 -36.06
CA GLY B 191 -0.18 21.62 -36.23
C GLY B 191 -1.14 21.34 -37.36
N THR B 192 -1.62 22.40 -37.98
CA THR B 192 -2.27 22.27 -39.27
C THR B 192 -1.24 22.08 -40.39
N THR B 193 -0.01 22.55 -40.16
CA THR B 193 1.02 22.62 -41.18
C THR B 193 1.78 21.31 -41.35
N GLY B 194 2.96 21.19 -40.74
CA GLY B 194 3.77 19.99 -40.86
C GLY B 194 5.00 19.98 -39.97
N LEU B 195 5.54 21.17 -39.65
CA LEU B 195 6.65 21.33 -38.73
C LEU B 195 6.15 21.27 -37.29
N PRO B 196 6.91 20.66 -36.37
CA PRO B 196 6.50 20.66 -34.96
C PRO B 196 6.56 22.07 -34.40
N LYS B 197 5.50 22.47 -33.73
CA LYS B 197 5.52 23.73 -33.01
C LYS B 197 5.05 23.52 -31.58
N GLY B 198 5.54 24.38 -30.70
CA GLY B 198 5.20 24.31 -29.30
C GLY B 198 3.85 24.96 -29.04
N VAL B 199 2.87 24.16 -28.67
CA VAL B 199 1.54 24.68 -28.39
C VAL B 199 1.52 25.13 -26.93
N MET B 200 1.34 26.43 -26.72
CA MET B 200 1.37 26.99 -25.38
C MET B 200 -0.05 26.92 -24.85
N LEU B 201 -0.26 26.05 -23.85
CA LEU B 201 -1.54 25.92 -23.18
C LEU B 201 -1.44 26.61 -21.82
N THR B 202 -2.47 27.34 -21.46
CA THR B 202 -2.39 28.21 -20.30
C THR B 202 -3.15 27.61 -19.12
N HIS B 203 -3.02 28.29 -17.98
CA HIS B 203 -3.83 27.91 -16.83
C HIS B 203 -5.32 28.11 -17.14
N LYS B 204 -5.68 29.27 -17.66
CA LYS B 204 -7.08 29.52 -17.96
C LYS B 204 -7.54 28.68 -19.13
N GLY B 205 -6.64 28.42 -20.08
CA GLY B 205 -7.00 27.53 -21.18
C GLY B 205 -7.40 26.16 -20.67
N LEU B 206 -6.51 25.53 -19.88
CA LEU B 206 -6.77 24.14 -19.45
C LEU B 206 -7.88 24.08 -18.40
N VAL B 207 -7.97 25.07 -17.52
CA VAL B 207 -9.07 25.07 -16.55
C VAL B 207 -10.42 25.17 -17.28
N THR B 208 -10.48 25.97 -18.33
CA THR B 208 -11.70 26.02 -19.13
C THR B 208 -12.01 24.66 -19.75
N SER B 209 -11.00 24.01 -20.34
CA SER B 209 -11.25 22.74 -21.04
C SER B 209 -11.75 21.67 -20.09
N VAL B 210 -11.08 21.51 -18.95
CA VAL B 210 -11.48 20.50 -17.97
C VAL B 210 -12.90 20.75 -17.48
N ALA B 211 -13.21 22.02 -17.17
CA ALA B 211 -14.55 22.38 -16.74
C ALA B 211 -15.56 22.03 -17.81
N GLN B 212 -15.24 22.35 -19.07
CA GLN B 212 -16.12 22.04 -20.19
C GLN B 212 -16.50 20.56 -20.21
N GLN B 213 -15.57 19.67 -19.82
CA GLN B 213 -15.84 18.23 -19.89
C GLN B 213 -16.51 17.66 -18.64
N VAL B 214 -16.12 18.08 -17.44
CA VAL B 214 -16.55 17.38 -16.24
C VAL B 214 -17.29 18.24 -15.24
N ASP B 215 -17.36 19.57 -15.39
CA ASP B 215 -18.13 20.37 -14.45
C ASP B 215 -19.55 20.61 -14.96
N GLY B 216 -20.36 21.25 -14.12
CA GLY B 216 -21.76 21.52 -14.37
C GLY B 216 -22.64 20.48 -13.72
N GLU B 217 -23.89 20.86 -13.43
CA GLU B 217 -24.78 19.91 -12.76
C GLU B 217 -25.15 18.77 -13.69
N ASN B 218 -25.04 18.96 -15.01
CA ASN B 218 -25.06 17.88 -15.99
C ASN B 218 -23.78 18.00 -16.82
N PRO B 219 -22.69 17.35 -16.37
CA PRO B 219 -21.43 17.46 -17.09
C PRO B 219 -21.43 16.68 -18.39
N ASN B 220 -20.66 17.18 -19.35
CA ASN B 220 -20.58 16.54 -20.66
C ASN B 220 -20.01 15.13 -20.53
N LEU B 221 -18.98 14.96 -19.72
CA LEU B 221 -18.48 13.64 -19.38
C LEU B 221 -18.73 13.42 -17.90
N TYR B 222 -19.65 12.53 -17.57
CA TYR B 222 -19.98 12.26 -16.19
C TYR B 222 -19.00 11.23 -15.64
N ILE B 223 -18.00 11.69 -14.90
CA ILE B 223 -17.12 10.82 -14.11
C ILE B 223 -17.15 11.33 -12.68
N HIS B 224 -16.99 10.41 -11.73
CA HIS B 224 -17.14 10.73 -10.31
C HIS B 224 -16.07 10.01 -9.50
N SER B 225 -16.14 10.15 -8.19
CA SER B 225 -15.02 9.68 -7.39
C SER B 225 -14.98 8.16 -7.25
N GLU B 226 -16.01 7.43 -7.70
CA GLU B 226 -15.94 5.98 -7.61
C GLU B 226 -15.52 5.33 -8.92
N ASP B 227 -15.26 6.13 -9.95
CA ASP B 227 -14.80 5.58 -11.21
C ASP B 227 -13.34 5.19 -11.12
N VAL B 228 -12.97 4.28 -12.01
CA VAL B 228 -11.59 3.84 -12.18
C VAL B 228 -11.25 4.08 -13.64
N MET B 229 -10.36 5.04 -13.90
CA MET B 229 -10.03 5.44 -15.26
C MET B 229 -8.70 4.79 -15.62
N LEU B 230 -8.70 3.99 -16.69
CA LEU B 230 -7.43 3.45 -17.17
C LEU B 230 -6.66 4.53 -17.89
N CYS B 231 -5.41 4.75 -17.49
CA CYS B 231 -4.53 5.73 -18.14
C CYS B 231 -3.45 4.97 -18.91
N VAL B 232 -3.84 4.48 -20.10
CA VAL B 232 -2.94 3.71 -20.95
C VAL B 232 -2.46 4.56 -22.12
N LEU B 233 -3.30 5.50 -22.55
CA LEU B 233 -2.89 6.45 -23.60
C LEU B 233 -1.73 7.34 -23.10
N PRO B 234 -0.80 7.70 -23.98
CA PRO B 234 0.40 8.43 -23.55
C PRO B 234 0.07 9.79 -22.95
N LEU B 235 0.59 10.03 -21.74
CA LEU B 235 0.44 11.33 -21.08
C LEU B 235 1.26 12.41 -21.73
N PHE B 236 2.26 12.05 -22.54
CA PHE B 236 2.94 13.12 -23.25
C PHE B 236 2.12 13.64 -24.42
N HIS B 237 0.92 13.11 -24.66
CA HIS B 237 -0.01 13.69 -25.61
C HIS B 237 -1.08 14.41 -24.84
N ILE B 238 -1.49 15.57 -25.33
CA ILE B 238 -2.41 16.39 -24.55
C ILE B 238 -3.75 15.70 -24.36
N TYR B 239 -4.14 14.79 -25.25
CA TYR B 239 -5.41 14.11 -25.08
C TYR B 239 -5.45 13.38 -23.74
N SER B 240 -4.36 12.73 -23.37
CA SER B 240 -4.39 11.96 -22.14
C SER B 240 -4.16 12.85 -20.92
N LEU B 241 -3.20 13.77 -21.02
CA LEU B 241 -2.93 14.69 -19.92
C LEU B 241 -4.18 15.47 -19.53
N ASN B 242 -4.92 15.96 -20.53
CA ASN B 242 -6.12 16.74 -20.25
C ASN B 242 -7.30 15.84 -19.94
N SER B 243 -7.78 15.07 -20.93
CA SER B 243 -9.07 14.43 -20.74
C SER B 243 -9.02 13.21 -19.83
N VAL B 244 -7.84 12.70 -19.50
CA VAL B 244 -7.72 11.59 -18.56
C VAL B 244 -7.19 12.05 -17.22
N LEU B 245 -5.98 12.58 -17.19
CA LEU B 245 -5.38 12.91 -15.91
C LEU B 245 -6.09 14.08 -15.25
N LEU B 246 -6.07 15.26 -15.89
CA LEU B 246 -6.59 16.46 -15.25
C LEU B 246 -8.07 16.35 -14.95
N CYS B 247 -8.82 15.78 -15.88
CA CYS B 247 -10.25 15.58 -15.70
C CYS B 247 -10.53 14.55 -14.62
N GLY B 248 -9.67 13.53 -14.50
CA GLY B 248 -9.81 12.57 -13.42
C GLY B 248 -9.52 13.19 -12.06
N LEU B 249 -8.43 13.97 -11.96
CA LEU B 249 -8.08 14.62 -10.70
C LEU B 249 -9.20 15.55 -10.24
N ARG B 250 -9.78 16.27 -11.21
CA ARG B 250 -10.81 17.24 -10.89
C ARG B 250 -12.00 16.61 -10.19
N VAL B 251 -12.36 15.38 -10.55
CA VAL B 251 -13.58 14.75 -10.03
C VAL B 251 -13.32 13.72 -8.92
N GLY B 252 -12.07 13.50 -8.54
CA GLY B 252 -11.78 12.54 -7.48
C GLY B 252 -11.71 11.09 -7.91
N ALA B 253 -11.52 10.82 -9.20
CA ALA B 253 -11.52 9.43 -9.66
C ALA B 253 -10.17 8.79 -9.41
N ALA B 254 -10.16 7.47 -9.40
CA ALA B 254 -8.91 6.74 -9.38
C ALA B 254 -8.36 6.67 -10.80
N ILE B 255 -7.06 6.95 -10.95
CA ILE B 255 -6.40 6.94 -12.25
C ILE B 255 -5.40 5.79 -12.24
N LEU B 256 -5.67 4.77 -13.04
CA LEU B 256 -4.87 3.54 -13.06
C LEU B 256 -3.86 3.68 -14.19
N ILE B 257 -2.60 3.81 -13.82
CA ILE B 257 -1.53 4.11 -14.76
C ILE B 257 -0.97 2.81 -15.32
N MET B 258 -0.87 2.73 -16.65
CA MET B 258 -0.05 1.72 -17.31
C MET B 258 1.16 2.39 -17.92
N GLN B 259 2.34 1.89 -17.57
CA GLN B 259 3.58 2.43 -18.12
C GLN B 259 3.77 2.04 -19.59
N LYS B 260 3.40 0.82 -19.95
CA LYS B 260 3.59 0.31 -21.31
C LYS B 260 2.44 -0.62 -21.65
N PHE B 261 1.84 -0.43 -22.83
CA PHE B 261 0.68 -1.23 -23.18
C PHE B 261 1.08 -2.65 -23.60
N ASP B 262 0.43 -3.65 -23.01
CA ASP B 262 0.41 -4.96 -23.65
C ASP B 262 -0.93 -5.61 -23.31
N ILE B 263 -1.39 -6.49 -24.21
CA ILE B 263 -2.78 -6.93 -24.17
C ILE B 263 -3.11 -7.66 -22.87
N VAL B 264 -2.17 -8.46 -22.36
CA VAL B 264 -2.47 -9.24 -21.16
C VAL B 264 -2.52 -8.33 -19.94
N SER B 265 -1.47 -7.53 -19.74
CA SER B 265 -1.47 -6.58 -18.62
C SER B 265 -2.69 -5.65 -18.72
N PHE B 266 -3.06 -5.28 -19.94
CA PHE B 266 -4.26 -4.45 -20.13
C PHE B 266 -5.49 -5.15 -19.60
N LEU B 267 -5.71 -6.41 -19.99
CA LEU B 267 -6.91 -7.10 -19.55
C LEU B 267 -6.85 -7.45 -18.08
N GLU B 268 -5.66 -7.75 -17.58
CA GLU B 268 -5.54 -8.00 -16.16
C GLU B 268 -5.92 -6.75 -15.36
N LEU B 269 -5.42 -5.58 -15.77
CA LEU B 269 -5.71 -4.38 -14.97
C LEU B 269 -7.20 -4.04 -15.01
N ILE B 270 -7.85 -4.25 -16.16
CA ILE B 270 -9.26 -3.93 -16.23
C ILE B 270 -10.05 -4.81 -15.27
N GLN B 271 -9.77 -6.12 -15.28
CA GLN B 271 -10.45 -7.04 -14.36
C GLN B 271 -9.96 -6.86 -12.92
N SER B 272 -8.63 -6.82 -12.70
CA SER B 272 -8.10 -6.79 -11.34
C SER B 272 -8.55 -5.56 -10.57
N TYR B 273 -8.68 -4.41 -11.23
CA TYR B 273 -9.04 -3.16 -10.58
C TYR B 273 -10.46 -2.69 -10.87
N LYS B 274 -11.22 -3.43 -11.66
CA LYS B 274 -12.60 -3.05 -12.02
C LYS B 274 -12.63 -1.64 -12.63
N VAL B 275 -11.75 -1.43 -13.62
CA VAL B 275 -11.81 -0.24 -14.45
C VAL B 275 -13.22 -0.02 -14.98
N THR B 276 -13.73 1.21 -14.81
CA THR B 276 -15.04 1.63 -15.30
C THR B 276 -14.96 2.61 -16.45
N ILE B 277 -13.82 3.31 -16.61
CA ILE B 277 -13.64 4.28 -17.68
C ILE B 277 -12.46 3.87 -18.55
N GLY B 278 -12.72 3.62 -19.83
CA GLY B 278 -11.71 3.13 -20.73
C GLY B 278 -11.46 4.01 -21.93
N PRO B 279 -10.51 4.97 -21.80
CA PRO B 279 -10.12 5.76 -22.97
C PRO B 279 -9.18 4.96 -23.86
N PHE B 280 -9.66 4.59 -25.05
CA PHE B 280 -8.98 3.66 -25.92
C PHE B 280 -8.68 4.29 -27.27
N VAL B 281 -7.88 3.60 -28.07
CA VAL B 281 -7.66 3.99 -29.45
C VAL B 281 -7.76 2.74 -30.31
N PRO B 282 -8.08 2.87 -31.60
CA PRO B 282 -8.26 1.68 -32.48
C PRO B 282 -7.14 0.65 -32.38
N PRO B 283 -5.87 1.04 -32.23
CA PRO B 283 -4.83 0.01 -32.02
C PRO B 283 -5.09 -0.86 -30.79
N ILE B 284 -5.66 -0.30 -29.74
CA ILE B 284 -5.99 -1.09 -28.55
C ILE B 284 -7.14 -2.05 -28.85
N VAL B 285 -8.17 -1.58 -29.54
CA VAL B 285 -9.33 -2.43 -29.83
C VAL B 285 -8.97 -3.52 -30.83
N LEU B 286 -8.06 -3.21 -31.76
CA LEU B 286 -7.57 -4.23 -32.69
C LEU B 286 -6.85 -5.34 -31.93
N ALA B 287 -6.08 -4.98 -30.90
CA ALA B 287 -5.42 -6.00 -30.07
C ALA B 287 -6.45 -6.88 -29.37
N ILE B 288 -7.51 -6.26 -28.81
CA ILE B 288 -8.58 -7.04 -28.19
C ILE B 288 -9.21 -8.00 -29.19
N ALA B 289 -9.48 -7.52 -30.40
CA ALA B 289 -10.15 -8.37 -31.40
C ALA B 289 -9.28 -9.57 -31.78
N LYS B 290 -7.96 -9.38 -31.86
CA LYS B 290 -6.99 -10.38 -32.30
C LYS B 290 -6.52 -11.30 -31.17
N SER B 291 -7.03 -11.12 -29.90
CA SER B 291 -6.35 -11.88 -28.86
C SER B 291 -7.12 -13.15 -28.50
N PRO B 292 -6.44 -14.29 -28.40
CA PRO B 292 -7.11 -15.54 -28.00
C PRO B 292 -7.66 -15.52 -26.57
N MET B 293 -7.02 -14.80 -25.64
CA MET B 293 -7.32 -14.87 -24.21
C MET B 293 -8.41 -13.91 -23.75
N VAL B 294 -9.01 -13.13 -24.64
CA VAL B 294 -9.93 -12.08 -24.21
C VAL B 294 -11.12 -12.66 -23.47
N ASP B 295 -11.61 -13.83 -23.91
CA ASP B 295 -12.79 -14.39 -23.27
C ASP B 295 -12.52 -14.99 -21.89
N ASP B 296 -11.26 -15.10 -21.47
CA ASP B 296 -10.97 -15.52 -20.10
C ASP B 296 -11.07 -14.36 -19.10
N TYR B 297 -11.49 -13.18 -19.54
CA TYR B 297 -11.47 -12.01 -18.67
C TYR B 297 -12.87 -11.50 -18.44
N ASP B 298 -13.08 -10.97 -17.25
CA ASP B 298 -14.30 -10.27 -16.90
C ASP B 298 -14.03 -8.77 -17.08
N LEU B 299 -14.59 -8.20 -18.12
CA LEU B 299 -14.50 -6.78 -18.38
C LEU B 299 -15.85 -6.10 -18.22
N SER B 300 -16.75 -6.72 -17.45
CA SER B 300 -18.08 -6.18 -17.19
C SER B 300 -18.06 -4.87 -16.40
N SER B 301 -16.99 -4.56 -15.66
CA SER B 301 -16.95 -3.30 -14.91
C SER B 301 -16.87 -2.07 -15.81
N VAL B 302 -16.48 -2.21 -17.07
CA VAL B 302 -16.25 -1.04 -17.92
C VAL B 302 -17.60 -0.45 -18.36
N ARG B 303 -17.93 0.76 -17.88
CA ARG B 303 -19.17 1.42 -18.27
C ARG B 303 -19.00 2.47 -19.36
N THR B 304 -17.80 2.99 -19.60
CA THR B 304 -17.61 4.03 -20.60
C THR B 304 -16.36 3.76 -21.41
N VAL B 305 -16.49 3.70 -22.73
CA VAL B 305 -15.34 3.53 -23.61
C VAL B 305 -15.23 4.79 -24.46
N MET B 306 -14.19 5.59 -24.20
CA MET B 306 -13.98 6.83 -24.93
C MET B 306 -12.97 6.55 -26.02
N SER B 307 -13.29 6.98 -27.24
CA SER B 307 -12.38 6.82 -28.38
C SER B 307 -11.63 8.12 -28.58
N GLY B 308 -10.38 8.14 -28.09
CA GLY B 308 -9.41 9.13 -28.52
C GLY B 308 -8.85 8.80 -29.89
N ALA B 309 -8.08 9.75 -30.42
CA ALA B 309 -7.52 9.67 -31.77
C ALA B 309 -8.59 9.39 -32.82
N ALA B 310 -8.25 8.58 -33.82
CA ALA B 310 -9.12 8.35 -34.95
C ALA B 310 -10.35 7.53 -34.56
N PRO B 311 -11.44 7.63 -35.35
CA PRO B 311 -12.63 6.80 -35.12
C PRO B 311 -12.39 5.31 -35.30
N LEU B 312 -13.21 4.50 -34.60
CA LEU B 312 -12.99 3.06 -34.58
C LEU B 312 -13.48 2.38 -35.86
N GLY B 313 -14.67 2.75 -36.33
CA GLY B 313 -15.28 2.06 -37.44
C GLY B 313 -16.12 0.88 -36.99
N LYS B 314 -16.99 0.43 -37.89
CA LYS B 314 -17.99 -0.57 -37.52
C LYS B 314 -17.37 -1.87 -37.00
N GLU B 315 -16.19 -2.27 -37.49
CA GLU B 315 -15.82 -3.63 -37.13
C GLU B 315 -15.24 -3.63 -35.71
N LEU B 316 -14.51 -2.56 -35.35
CA LEU B 316 -14.01 -2.44 -33.99
C LEU B 316 -15.12 -2.04 -33.02
N GLU B 317 -16.11 -1.28 -33.47
CA GLU B 317 -17.24 -0.96 -32.60
C GLU B 317 -17.99 -2.21 -32.18
N ASP B 318 -18.20 -3.16 -33.10
CA ASP B 318 -18.82 -4.42 -32.69
C ASP B 318 -17.94 -5.16 -31.69
N THR B 319 -16.61 -5.04 -31.83
CA THR B 319 -15.72 -5.66 -30.87
C THR B 319 -15.92 -5.09 -29.47
N VAL B 320 -16.13 -3.76 -29.39
CA VAL B 320 -16.26 -3.11 -28.09
C VAL B 320 -17.57 -3.50 -27.41
N ARG B 321 -18.64 -3.57 -28.19
CA ARG B 321 -19.92 -3.99 -27.63
C ARG B 321 -19.91 -5.47 -27.29
N ALA B 322 -19.11 -6.25 -28.01
CA ALA B 322 -19.05 -7.70 -27.78
C ALA B 322 -18.29 -8.04 -26.51
N LYS B 323 -17.20 -7.34 -26.22
CA LYS B 323 -16.35 -7.71 -25.11
C LYS B 323 -16.46 -6.81 -23.89
N PHE B 324 -17.07 -5.63 -24.04
CA PHE B 324 -17.38 -4.74 -22.92
C PHE B 324 -18.89 -4.60 -22.84
N PRO B 325 -19.60 -5.67 -22.44
CA PRO B 325 -21.07 -5.67 -22.53
C PRO B 325 -21.78 -4.48 -21.87
N ASN B 326 -21.15 -3.83 -20.89
CA ASN B 326 -21.81 -2.77 -20.15
C ASN B 326 -21.38 -1.36 -20.55
N ALA B 327 -20.54 -1.22 -21.57
CA ALA B 327 -19.96 0.08 -21.88
C ALA B 327 -20.75 0.83 -22.96
N LYS B 328 -21.07 2.09 -22.67
CA LYS B 328 -21.49 3.02 -23.71
C LYS B 328 -20.28 3.39 -24.56
N LEU B 329 -20.47 3.40 -25.87
CA LEU B 329 -19.43 3.74 -26.82
C LEU B 329 -19.72 5.13 -27.38
N GLY B 330 -18.68 5.91 -27.62
CA GLY B 330 -18.88 7.28 -28.02
C GLY B 330 -17.62 7.98 -28.47
N GLN B 331 -17.74 8.89 -29.44
CA GLN B 331 -16.60 9.49 -30.10
C GLN B 331 -16.66 11.01 -29.95
N GLY B 332 -15.52 11.62 -29.63
CA GLY B 332 -15.36 13.04 -29.61
C GLY B 332 -14.38 13.52 -30.68
N TYR B 333 -13.90 14.75 -30.51
CA TYR B 333 -13.01 15.37 -31.48
C TYR B 333 -12.09 16.37 -30.79
N GLY B 334 -10.77 16.18 -30.97
CA GLY B 334 -9.78 16.99 -30.30
C GLY B 334 -8.67 17.42 -31.25
N MET B 335 -7.92 18.42 -30.80
CA MET B 335 -6.79 18.93 -31.55
C MET B 335 -5.94 19.75 -30.60
N THR B 336 -4.63 19.48 -30.60
CA THR B 336 -3.76 20.01 -29.55
C THR B 336 -3.98 21.50 -29.36
N GLU B 337 -3.97 22.27 -30.46
CA GLU B 337 -4.17 23.71 -30.41
C GLU B 337 -5.51 24.13 -29.82
N ALA B 338 -6.53 23.28 -29.87
CA ALA B 338 -7.84 23.65 -29.37
C ALA B 338 -7.99 23.42 -27.88
N GLY B 339 -6.95 22.93 -27.20
CA GLY B 339 -6.99 22.79 -25.75
C GLY B 339 -6.97 21.44 -25.04
N PRO B 340 -7.23 20.30 -25.72
CA PRO B 340 -7.51 19.92 -27.11
C PRO B 340 -8.97 19.69 -27.51
N VAL B 341 -9.91 19.67 -26.58
CA VAL B 341 -11.23 19.09 -26.83
C VAL B 341 -12.15 20.12 -27.50
N LEU B 342 -12.62 19.80 -28.72
CA LEU B 342 -13.61 20.60 -29.45
C LEU B 342 -15.04 20.09 -29.28
N ALA B 343 -15.24 18.78 -29.30
CA ALA B 343 -16.57 18.20 -29.27
C ALA B 343 -16.54 16.96 -28.38
N MET B 344 -17.67 16.65 -27.76
CA MET B 344 -17.74 15.53 -26.84
C MET B 344 -19.01 14.73 -27.09
N CYS B 345 -18.91 13.44 -26.86
CA CYS B 345 -20.04 12.55 -27.01
C CYS B 345 -21.02 12.80 -25.88
N LEU B 346 -22.22 13.28 -26.22
CA LEU B 346 -23.24 13.58 -25.23
C LEU B 346 -23.86 12.34 -24.63
N ALA B 347 -23.60 11.16 -25.19
CA ALA B 347 -24.07 9.93 -24.57
C ALA B 347 -23.41 9.67 -23.23
N PHE B 348 -22.34 10.40 -22.88
CA PHE B 348 -21.68 10.24 -21.59
C PHE B 348 -22.18 11.21 -20.52
N ALA B 349 -23.06 12.15 -20.87
CA ALA B 349 -23.48 13.14 -19.89
C ALA B 349 -24.28 12.48 -18.75
N LYS B 350 -24.30 13.15 -17.60
CA LYS B 350 -24.96 12.55 -16.42
C LYS B 350 -26.42 12.28 -16.70
N GLU B 351 -27.11 13.25 -17.29
CA GLU B 351 -28.40 13.07 -17.94
C GLU B 351 -28.11 12.98 -19.44
N PRO B 352 -28.07 11.80 -20.04
CA PRO B 352 -27.46 11.62 -21.36
C PRO B 352 -28.38 11.95 -22.53
N PHE B 353 -27.75 12.14 -23.70
CA PHE B 353 -28.44 12.42 -24.94
C PHE B 353 -28.28 11.24 -25.91
N GLU B 354 -29.23 11.13 -26.83
CA GLU B 354 -29.08 10.23 -27.96
C GLU B 354 -27.89 10.66 -28.83
N ILE B 355 -27.16 9.68 -29.36
CA ILE B 355 -26.10 9.93 -30.34
C ILE B 355 -26.33 9.02 -31.55
N LYS B 356 -25.62 9.35 -32.64
CA LYS B 356 -25.74 8.71 -33.94
C LYS B 356 -24.46 7.98 -34.30
N SER B 357 -24.58 6.97 -35.15
CA SER B 357 -23.40 6.25 -35.61
C SER B 357 -22.53 7.17 -36.46
N GLY B 358 -21.23 7.19 -36.17
CA GLY B 358 -20.30 7.99 -36.94
C GLY B 358 -20.16 9.43 -36.49
N ALA B 359 -20.91 9.85 -35.48
CA ALA B 359 -20.81 11.22 -35.02
C ALA B 359 -19.54 11.39 -34.21
N CYS B 360 -19.08 12.64 -34.10
CA CYS B 360 -17.86 12.98 -33.37
C CYS B 360 -18.15 13.93 -32.21
N GLY B 361 -19.36 13.90 -31.68
CA GLY B 361 -19.71 14.67 -30.50
C GLY B 361 -20.37 15.99 -30.82
N THR B 362 -20.74 16.70 -29.75
CA THR B 362 -21.27 18.05 -29.86
C THR B 362 -20.26 19.03 -29.28
N VAL B 363 -20.11 20.18 -29.94
CA VAL B 363 -19.15 21.18 -29.47
C VAL B 363 -19.33 21.42 -27.97
N VAL B 364 -18.21 21.64 -27.28
CA VAL B 364 -18.24 21.79 -25.84
C VAL B 364 -19.00 23.06 -25.44
N ARG B 365 -19.58 23.02 -24.26
CA ARG B 365 -20.21 24.17 -23.65
C ARG B 365 -19.19 25.31 -23.48
N ASN B 366 -19.72 26.52 -23.30
CA ASN B 366 -18.89 27.72 -23.16
C ASN B 366 -17.95 27.88 -24.36
N ALA B 367 -18.47 27.61 -25.56
CA ALA B 367 -17.66 27.78 -26.76
C ALA B 367 -18.57 28.08 -27.93
N GLU B 368 -17.95 28.42 -29.05
CA GLU B 368 -18.63 28.60 -30.32
C GLU B 368 -17.87 27.91 -31.43
N MET B 369 -18.61 27.35 -32.36
CA MET B 369 -18.00 26.71 -33.50
C MET B 369 -18.76 27.13 -34.75
N LYS B 370 -18.02 27.30 -35.84
CA LYS B 370 -18.64 27.59 -37.12
C LYS B 370 -17.95 26.72 -38.16
N ILE B 371 -18.64 26.52 -39.27
CA ILE B 371 -18.12 25.72 -40.37
C ILE B 371 -17.90 26.67 -41.53
N VAL B 372 -16.63 26.89 -41.85
CA VAL B 372 -16.22 27.93 -42.79
C VAL B 372 -15.76 27.26 -44.07
N ASP B 373 -16.20 27.76 -45.09
CA ASP B 373 -15.98 27.26 -46.42
C ASP B 373 -14.60 27.61 -46.99
N PRO B 374 -13.92 26.65 -47.61
CA PRO B 374 -12.68 27.00 -48.30
C PRO B 374 -12.89 27.77 -49.61
N LYS B 375 -14.03 27.60 -50.32
CA LYS B 375 -14.35 28.50 -51.42
C LYS B 375 -14.48 29.95 -50.93
N THR B 376 -15.45 30.21 -50.05
CA THR B 376 -15.94 31.56 -49.73
C THR B 376 -15.20 32.23 -48.58
N GLY B 377 -14.98 31.50 -47.49
CA GLY B 377 -14.61 32.11 -46.23
C GLY B 377 -15.79 32.51 -45.38
N ASN B 378 -17.00 32.07 -45.74
CA ASN B 378 -18.23 32.38 -45.04
C ASN B 378 -18.79 31.14 -44.35
N SER B 379 -19.41 31.34 -43.19
CA SER B 379 -19.97 30.25 -42.41
C SER B 379 -21.14 29.60 -43.14
N LEU B 380 -21.29 28.30 -42.95
CA LEU B 380 -22.31 27.55 -43.64
C LEU B 380 -23.42 27.12 -42.69
N PRO B 381 -24.61 26.80 -43.23
CA PRO B 381 -25.68 26.24 -42.38
C PRO B 381 -25.36 24.83 -41.95
N ARG B 382 -26.31 24.18 -41.30
CA ARG B 382 -26.14 22.78 -40.95
C ARG B 382 -26.14 21.91 -42.20
N ASN B 383 -25.65 20.69 -42.01
CA ASN B 383 -25.64 19.65 -43.03
C ASN B 383 -24.84 20.05 -44.27
N GLN B 384 -23.89 20.98 -44.15
CA GLN B 384 -23.02 21.38 -45.25
C GLN B 384 -21.57 21.37 -44.80
N SER B 385 -20.68 20.95 -45.70
CA SER B 385 -19.31 20.63 -45.34
C SER B 385 -18.42 21.84 -45.45
N GLY B 386 -17.51 21.99 -44.50
CA GLY B 386 -16.55 23.08 -44.53
C GLY B 386 -15.57 22.95 -43.38
N GLU B 387 -14.66 23.93 -43.31
CA GLU B 387 -13.62 23.86 -42.30
C GLU B 387 -14.20 24.12 -40.92
N ILE B 388 -13.92 23.22 -40.00
CA ILE B 388 -14.39 23.36 -38.63
C ILE B 388 -13.57 24.43 -37.92
N CYS B 389 -14.25 25.37 -37.28
CA CYS B 389 -13.58 26.42 -36.53
C CYS B 389 -14.22 26.50 -35.15
N ILE B 390 -13.39 26.83 -34.15
CA ILE B 390 -13.85 26.91 -32.77
C ILE B 390 -13.28 28.17 -32.13
N ARG B 391 -14.03 28.71 -31.17
CA ARG B 391 -13.63 29.91 -30.44
C ARG B 391 -13.98 29.73 -28.97
N GLY B 392 -13.05 30.07 -28.08
CA GLY B 392 -13.33 30.01 -26.65
C GLY B 392 -12.05 30.12 -25.85
N ASP B 393 -12.23 30.20 -24.53
CA ASP B 393 -11.05 30.32 -23.66
C ASP B 393 -10.29 29.02 -23.48
N GLN B 394 -10.76 27.90 -24.02
CA GLN B 394 -10.02 26.66 -23.85
C GLN B 394 -8.92 26.49 -24.88
N ILE B 395 -8.85 27.35 -25.91
CA ILE B 395 -7.90 27.10 -26.97
C ILE B 395 -6.53 27.62 -26.58
N MET B 396 -5.51 27.17 -27.31
CA MET B 396 -4.15 27.62 -27.12
C MET B 396 -4.08 29.15 -27.14
N LYS B 397 -3.05 29.67 -26.50
CA LYS B 397 -2.74 31.10 -26.62
C LYS B 397 -1.89 31.39 -27.84
N GLY B 398 -1.18 30.39 -28.37
CA GLY B 398 -0.38 30.57 -29.58
C GLY B 398 0.75 29.56 -29.60
N TYR B 399 1.48 29.59 -30.71
CA TYR B 399 2.68 28.79 -30.86
C TYR B 399 3.87 29.55 -30.29
N LEU B 400 4.73 28.83 -29.56
CA LEU B 400 5.86 29.46 -28.88
C LEU B 400 6.88 29.98 -29.88
N ASN B 401 7.22 31.26 -29.75
CA ASN B 401 8.17 31.95 -30.63
C ASN B 401 7.83 31.80 -32.11
N ASP B 402 6.54 31.75 -32.45
CA ASP B 402 6.09 31.65 -33.84
C ASP B 402 4.84 32.49 -33.99
N PRO B 403 4.98 33.81 -33.89
CA PRO B 403 3.79 34.68 -33.99
C PRO B 403 3.08 34.58 -35.32
N GLU B 404 3.81 34.27 -36.38
CA GLU B 404 3.19 34.24 -37.71
C GLU B 404 2.34 32.99 -37.91
N ALA B 405 2.80 31.83 -37.44
CA ALA B 405 1.95 30.65 -37.47
C ALA B 405 0.73 30.84 -36.59
N THR B 406 0.91 31.52 -35.46
CA THR B 406 -0.21 31.81 -34.56
C THR B 406 -1.29 32.62 -35.25
N ALA B 407 -0.90 33.72 -35.91
CA ALA B 407 -1.91 34.60 -36.50
C ALA B 407 -2.59 33.92 -37.69
N ARG B 408 -1.90 33.02 -38.35
CA ARG B 408 -2.49 32.25 -39.43
C ARG B 408 -3.45 31.18 -38.92
N THR B 409 -3.18 30.59 -37.75
CA THR B 409 -4.04 29.55 -37.22
C THR B 409 -5.17 30.11 -36.34
N ILE B 410 -4.92 31.18 -35.59
CA ILE B 410 -5.95 31.90 -34.85
C ILE B 410 -6.01 33.32 -35.37
N ASP B 411 -7.21 33.77 -35.80
CA ASP B 411 -7.38 35.09 -36.39
C ASP B 411 -7.90 36.12 -35.37
N LYS B 412 -8.08 37.33 -35.85
CA LYS B 412 -8.48 38.43 -35.00
C LYS B 412 -9.77 38.26 -34.26
N GLU B 413 -10.68 37.47 -34.80
CA GLU B 413 -11.95 37.22 -34.13
C GLU B 413 -11.84 36.15 -33.06
N GLY B 414 -10.69 35.51 -32.92
CA GLY B 414 -10.51 34.45 -31.94
C GLY B 414 -10.82 33.06 -32.46
N TRP B 415 -11.10 32.92 -33.77
CA TRP B 415 -11.45 31.63 -34.34
C TRP B 415 -10.21 30.79 -34.61
N LEU B 416 -10.20 29.56 -34.10
CA LEU B 416 -9.16 28.59 -34.42
C LEU B 416 -9.61 27.72 -35.59
N TYR B 417 -8.79 27.66 -36.64
CA TYR B 417 -9.10 26.92 -37.85
C TYR B 417 -8.36 25.58 -37.80
N THR B 418 -9.12 24.49 -37.68
CA THR B 418 -8.57 23.15 -37.46
C THR B 418 -7.98 22.50 -38.70
N GLY B 419 -8.33 22.96 -39.89
CA GLY B 419 -7.92 22.27 -41.10
C GLY B 419 -8.67 20.99 -41.39
N ASP B 420 -9.69 20.65 -40.60
CA ASP B 420 -10.51 19.47 -40.81
C ASP B 420 -11.87 19.88 -41.38
N ILE B 421 -12.49 18.95 -42.11
CA ILE B 421 -13.70 19.23 -42.88
C ILE B 421 -14.85 18.43 -42.28
N GLY B 422 -15.95 19.13 -41.98
CA GLY B 422 -17.11 18.46 -41.45
C GLY B 422 -18.36 19.30 -41.54
N TYR B 423 -19.41 18.79 -40.91
CA TYR B 423 -20.73 19.42 -40.92
C TYR B 423 -21.41 19.10 -39.60
N ILE B 424 -22.43 19.90 -39.27
CA ILE B 424 -23.21 19.71 -38.06
C ILE B 424 -24.66 19.45 -38.43
N ASP B 425 -25.27 18.43 -37.82
CA ASP B 425 -26.58 18.02 -38.29
C ASP B 425 -27.69 18.70 -37.47
N ASP B 426 -28.93 18.27 -37.72
CA ASP B 426 -30.06 18.89 -37.05
C ASP B 426 -30.05 18.63 -35.54
N ASP B 427 -29.43 17.53 -35.10
CA ASP B 427 -29.34 17.24 -33.67
C ASP B 427 -28.06 17.78 -33.04
N ASP B 428 -27.38 18.71 -33.71
CA ASP B 428 -26.13 19.31 -33.24
C ASP B 428 -25.07 18.26 -32.93
N GLU B 429 -24.97 17.24 -33.78
CA GLU B 429 -23.87 16.29 -33.74
C GLU B 429 -22.91 16.59 -34.89
N LEU B 430 -21.62 16.63 -34.58
CA LEU B 430 -20.58 16.91 -35.58
C LEU B 430 -20.16 15.63 -36.29
N PHE B 431 -19.95 15.74 -37.60
CA PHE B 431 -19.43 14.65 -38.43
C PHE B 431 -18.25 15.18 -39.21
N ILE B 432 -17.13 14.47 -39.15
CA ILE B 432 -15.92 14.86 -39.86
C ILE B 432 -15.74 13.97 -41.06
N VAL B 433 -15.54 14.59 -42.23
CA VAL B 433 -15.41 13.86 -43.48
C VAL B 433 -13.99 13.88 -44.05
N ASP B 434 -13.13 14.79 -43.59
CA ASP B 434 -11.77 14.87 -44.11
C ASP B 434 -10.84 15.44 -43.05
N ARG B 435 -9.90 14.62 -42.58
CA ARG B 435 -8.84 15.07 -41.69
C ARG B 435 -7.47 15.12 -42.34
N LEU B 436 -7.29 14.45 -43.50
CA LEU B 436 -6.03 14.40 -44.23
C LEU B 436 -5.72 15.76 -44.86
N LYS B 437 -4.73 16.46 -44.30
CA LYS B 437 -4.34 17.77 -44.80
C LYS B 437 -3.83 17.67 -46.23
N GLU B 438 -4.07 18.72 -47.02
CA GLU B 438 -3.53 18.75 -48.36
C GLU B 438 -2.00 18.83 -48.31
N LEU B 439 -1.36 18.12 -49.24
CA LEU B 439 0.08 17.98 -49.27
C LEU B 439 0.46 17.75 -50.72
N ILE B 440 1.58 18.35 -51.16
CA ILE B 440 2.04 18.10 -52.51
C ILE B 440 2.37 16.62 -52.65
N LYS B 441 1.99 16.06 -53.80
CA LYS B 441 2.07 14.63 -54.09
C LYS B 441 3.00 14.48 -55.30
N TYR B 442 4.22 13.96 -55.07
CA TYR B 442 5.18 13.79 -56.16
C TYR B 442 4.91 12.45 -56.86
N LYS B 443 5.93 11.85 -57.48
CA LYS B 443 5.77 10.57 -58.17
C LYS B 443 5.23 9.50 -57.26
N GLY B 444 5.47 9.63 -55.96
CA GLY B 444 5.12 8.61 -55.00
C GLY B 444 5.34 9.13 -53.59
N PHE B 445 5.62 10.46 -53.50
CA PHE B 445 6.06 11.12 -52.29
C PHE B 445 5.14 12.24 -51.82
N GLN B 446 5.53 12.77 -50.66
CA GLN B 446 4.70 13.62 -49.79
C GLN B 446 5.49 14.86 -49.34
N VAL B 447 5.05 16.05 -49.75
CA VAL B 447 5.84 17.27 -49.55
C VAL B 447 5.00 18.34 -48.86
N ALA B 448 5.56 18.93 -47.80
CA ALA B 448 4.85 19.89 -46.95
C ALA B 448 5.01 21.32 -47.44
N PRO B 449 3.94 21.98 -47.94
CA PRO B 449 4.05 23.41 -48.29
C PRO B 449 4.58 24.27 -47.17
N ALA B 450 4.11 24.06 -45.94
CA ALA B 450 4.63 24.83 -44.83
C ALA B 450 6.12 24.60 -44.65
N GLU B 451 6.61 23.40 -44.93
CA GLU B 451 8.04 23.23 -44.81
C GLU B 451 8.73 24.11 -45.83
N LEU B 452 8.33 24.04 -47.10
CA LEU B 452 9.04 24.81 -48.11
C LEU B 452 8.83 26.31 -47.94
N GLU B 453 7.66 26.76 -47.50
CA GLU B 453 7.49 28.19 -47.24
C GLU B 453 8.41 28.65 -46.12
N ALA B 454 8.53 27.86 -45.05
CA ALA B 454 9.40 28.22 -43.94
C ALA B 454 10.85 28.37 -44.37
N LEU B 455 11.31 27.61 -45.38
CA LEU B 455 12.69 27.76 -45.86
C LEU B 455 12.87 28.98 -46.75
N LEU B 456 11.82 29.44 -47.42
CA LEU B 456 11.92 30.61 -48.27
C LEU B 456 11.97 31.91 -47.46
N LEU B 457 11.28 31.95 -46.31
CA LEU B 457 11.34 33.13 -45.45
C LEU B 457 12.76 33.43 -44.99
N ASN B 458 13.53 32.38 -44.67
CA ASN B 458 14.84 32.51 -44.05
C ASN B 458 15.91 33.00 -45.02
N HIS B 459 15.58 33.15 -46.31
CA HIS B 459 16.41 33.93 -47.22
C HIS B 459 16.05 35.40 -47.07
N PRO B 460 16.96 36.25 -46.60
CA PRO B 460 16.55 37.63 -46.25
C PRO B 460 15.87 38.39 -47.37
N ASN B 461 16.24 38.14 -48.63
CA ASN B 461 15.63 38.82 -49.77
C ASN B 461 14.28 38.22 -50.15
N ILE B 462 13.62 37.50 -49.24
CA ILE B 462 12.29 36.94 -49.47
C ILE B 462 11.42 37.37 -48.31
N SER B 463 10.47 38.28 -48.57
CA SER B 463 9.60 38.79 -47.52
C SER B 463 8.46 37.82 -47.23
N ASP B 464 7.82 37.31 -48.27
CA ASP B 464 6.66 36.43 -48.12
C ASP B 464 6.68 35.36 -49.21
N ALA B 465 5.97 34.26 -48.95
CA ALA B 465 5.93 33.16 -49.90
C ALA B 465 4.74 32.26 -49.57
N ALA B 466 4.34 31.48 -50.57
CA ALA B 466 3.29 30.48 -50.46
C ALA B 466 3.48 29.46 -51.57
N VAL B 467 3.49 28.16 -51.23
CA VAL B 467 3.67 27.11 -52.23
C VAL B 467 2.36 26.35 -52.39
N VAL B 468 2.09 25.99 -53.64
CA VAL B 468 0.86 25.31 -54.05
C VAL B 468 1.27 24.15 -54.94
N PRO B 469 0.38 23.20 -55.18
CA PRO B 469 0.64 22.20 -56.20
C PRO B 469 0.45 22.74 -57.61
N MET B 470 0.95 21.98 -58.60
CA MET B 470 0.83 22.30 -60.01
C MET B 470 1.07 21.02 -60.80
N LYS B 471 0.58 20.98 -62.03
CA LYS B 471 0.78 19.86 -62.97
C LYS B 471 0.27 18.55 -62.36
N ALA B 475 2.96 14.76 -66.02
CA ALA B 475 3.28 13.58 -65.21
C ALA B 475 2.47 13.57 -63.91
N GLY B 476 3.15 13.75 -62.76
CA GLY B 476 2.48 13.72 -61.47
C GLY B 476 1.99 15.07 -60.98
N GLU B 477 2.30 15.42 -59.73
CA GLU B 477 2.03 16.75 -59.19
C GLU B 477 3.32 17.31 -58.61
N VAL B 478 3.48 18.64 -58.65
CA VAL B 478 4.80 19.25 -58.46
C VAL B 478 4.76 20.52 -57.60
N PRO B 479 5.71 20.70 -56.68
CA PRO B 479 5.69 21.90 -55.82
C PRO B 479 6.08 23.15 -56.59
N VAL B 480 5.45 24.25 -56.24
CA VAL B 480 5.61 25.52 -56.96
C VAL B 480 5.55 26.65 -55.94
N ALA B 481 6.33 27.71 -56.15
CA ALA B 481 6.41 28.78 -55.16
C ALA B 481 6.00 30.12 -55.76
N PHE B 482 5.34 30.96 -54.95
CA PHE B 482 5.12 32.38 -55.24
C PHE B 482 5.85 33.21 -54.20
N VAL B 483 6.62 34.21 -54.63
CA VAL B 483 7.58 34.88 -53.74
C VAL B 483 7.45 36.40 -53.88
N VAL B 484 7.45 37.08 -52.73
CA VAL B 484 7.35 38.53 -52.66
C VAL B 484 8.72 39.12 -52.34
N ARG B 485 9.67 38.89 -53.25
CA ARG B 485 11.05 39.34 -53.13
C ARG B 485 11.17 40.76 -52.57
N SER B 486 11.96 40.89 -51.50
CA SER B 486 12.15 42.19 -50.84
C SER B 486 12.63 43.23 -51.84
N ASN B 487 11.86 44.30 -51.99
CA ASN B 487 12.11 45.30 -53.01
C ASN B 487 13.44 46.02 -52.77
N GLY B 488 14.54 45.29 -52.89
CA GLY B 488 15.85 45.89 -52.75
C GLY B 488 16.80 45.34 -53.80
N SER B 489 16.70 44.04 -54.06
CA SER B 489 17.60 43.36 -54.99
C SER B 489 16.82 42.33 -55.78
N THR B 490 17.36 41.99 -56.95
CA THR B 490 16.81 40.92 -57.76
C THR B 490 17.46 39.61 -57.38
N ILE B 491 16.63 38.63 -57.02
CA ILE B 491 17.02 37.24 -57.00
C ILE B 491 16.29 36.59 -58.16
N THR B 492 17.05 35.98 -59.07
CA THR B 492 16.39 35.32 -60.18
C THR B 492 15.54 34.16 -59.66
N GLU B 493 14.74 33.64 -60.58
CA GLU B 493 13.97 32.44 -60.31
C GLU B 493 14.89 31.28 -59.93
N ASP B 494 15.92 31.05 -60.74
CA ASP B 494 16.78 29.90 -60.53
C ASP B 494 17.58 30.01 -59.22
N GLU B 495 17.92 31.23 -58.79
CA GLU B 495 18.64 31.38 -57.52
C GLU B 495 17.76 31.04 -56.32
N VAL B 496 16.45 31.29 -56.42
CA VAL B 496 15.55 30.80 -55.38
C VAL B 496 15.47 29.27 -55.44
N LYS B 497 15.49 28.70 -56.64
CA LYS B 497 15.36 27.26 -56.78
C LYS B 497 16.58 26.53 -56.25
N ASP B 498 17.78 27.02 -56.57
CA ASP B 498 19.00 26.37 -56.12
C ASP B 498 19.24 26.57 -54.63
N PHE B 499 18.75 27.67 -54.07
CA PHE B 499 18.83 27.88 -52.63
C PHE B 499 18.02 26.85 -51.88
N ILE B 500 16.87 26.45 -52.43
CA ILE B 500 16.02 25.49 -51.74
C ILE B 500 16.49 24.07 -52.04
N SER B 501 16.92 23.82 -53.28
CA SER B 501 17.21 22.45 -53.69
C SER B 501 18.40 21.87 -52.92
N LYS B 502 19.43 22.66 -52.64
CA LYS B 502 20.50 22.09 -51.83
C LYS B 502 20.11 21.96 -50.37
N GLN B 503 18.92 22.38 -49.97
CA GLN B 503 18.47 22.20 -48.60
C GLN B 503 17.57 20.99 -48.39
N VAL B 504 16.92 20.47 -49.43
CA VAL B 504 15.93 19.42 -49.24
C VAL B 504 16.24 18.23 -50.14
N ILE B 505 15.72 17.07 -49.73
CA ILE B 505 15.73 15.88 -50.54
C ILE B 505 15.00 16.12 -51.87
N PHE B 506 15.37 15.32 -52.89
CA PHE B 506 15.04 15.64 -54.27
C PHE B 506 13.54 15.84 -54.48
N TYR B 507 12.70 14.99 -53.87
CA TYR B 507 11.28 15.05 -54.18
C TYR B 507 10.58 16.28 -53.62
N LYS B 508 11.22 17.07 -52.76
CA LYS B 508 10.58 18.29 -52.26
C LYS B 508 11.09 19.55 -52.91
N ARG B 509 11.73 19.46 -54.08
CA ARG B 509 12.30 20.67 -54.66
C ARG B 509 11.32 21.46 -55.50
N ILE B 510 11.54 22.76 -55.50
CA ILE B 510 10.69 23.73 -56.18
C ILE B 510 10.97 23.67 -57.67
N LYS B 511 9.93 23.45 -58.46
CA LYS B 511 10.11 23.40 -59.90
C LYS B 511 9.87 24.75 -60.54
N ARG B 512 9.23 25.68 -59.84
CA ARG B 512 9.06 27.00 -60.43
C ARG B 512 8.67 28.01 -59.36
N VAL B 513 9.23 29.21 -59.46
CA VAL B 513 8.88 30.30 -58.57
C VAL B 513 8.47 31.50 -59.40
N PHE B 514 7.35 32.12 -59.02
CA PHE B 514 6.85 33.32 -59.65
C PHE B 514 6.96 34.46 -58.66
N PHE B 515 7.52 35.58 -59.10
CA PHE B 515 7.78 36.72 -58.24
C PHE B 515 6.64 37.71 -58.35
N VAL B 516 5.98 37.96 -57.22
CA VAL B 516 4.82 38.83 -57.17
C VAL B 516 5.15 40.00 -56.25
N ASP B 517 4.23 40.96 -56.15
CA ASP B 517 4.36 42.08 -55.23
C ASP B 517 3.59 41.87 -53.94
N ALA B 518 2.63 40.95 -53.91
CA ALA B 518 1.98 40.53 -52.67
C ALA B 518 1.29 39.19 -52.90
N ILE B 519 0.93 38.53 -51.79
CA ILE B 519 0.32 37.20 -51.82
C ILE B 519 -1.19 37.35 -51.61
N PRO B 520 -2.02 36.52 -52.27
CA PRO B 520 -3.46 36.54 -51.98
C PRO B 520 -3.79 36.02 -50.60
N LYS B 521 -3.51 36.86 -49.60
CA LYS B 521 -4.05 36.66 -48.26
C LYS B 521 -5.56 36.91 -48.28
N SER B 522 -6.02 37.97 -47.58
CA SER B 522 -7.40 37.98 -47.10
C SER B 522 -7.66 38.99 -45.98
N PRO B 523 -8.91 39.10 -45.50
CA PRO B 523 -9.12 39.71 -44.17
C PRO B 523 -8.60 38.88 -43.02
N SER B 524 -8.17 37.62 -43.23
CA SER B 524 -7.79 36.78 -42.11
C SER B 524 -6.34 36.32 -42.13
N GLY B 525 -5.51 36.82 -43.04
CA GLY B 525 -4.25 36.15 -43.22
C GLY B 525 -4.37 34.72 -43.72
N LYS B 526 -5.58 34.30 -44.10
CA LYS B 526 -5.74 33.02 -44.80
C LYS B 526 -5.29 33.24 -46.23
N ILE B 527 -4.14 32.64 -46.59
CA ILE B 527 -3.80 32.53 -48.00
C ILE B 527 -4.87 31.66 -48.64
N LEU B 528 -5.51 32.18 -49.69
CA LEU B 528 -6.41 31.30 -50.44
C LEU B 528 -5.53 30.53 -51.40
N ARG B 529 -5.24 29.29 -51.02
CA ARG B 529 -4.34 28.45 -51.79
C ARG B 529 -4.96 28.10 -53.14
N LYS B 530 -6.23 27.70 -53.14
CA LYS B 530 -6.88 27.33 -54.39
C LYS B 530 -7.12 28.54 -55.29
N ASP B 531 -6.95 29.76 -54.78
CA ASP B 531 -6.76 30.93 -55.63
C ASP B 531 -5.59 30.72 -56.57
N LEU B 532 -4.40 30.52 -55.99
CA LEU B 532 -3.15 30.45 -56.74
C LEU B 532 -3.10 29.26 -57.69
N ARG B 533 -3.85 28.20 -57.42
CA ARG B 533 -3.90 27.09 -58.35
C ARG B 533 -4.67 27.46 -59.62
N ALA B 534 -5.72 28.28 -59.47
CA ALA B 534 -6.43 28.80 -60.63
C ALA B 534 -5.53 29.68 -61.48
N LYS B 535 -4.77 30.57 -60.83
CA LYS B 535 -3.77 31.40 -61.51
C LYS B 535 -2.61 30.55 -62.14
N LEU B 536 -2.76 29.22 -62.20
CA LEU B 536 -1.81 28.34 -62.87
C LEU B 536 -2.42 27.52 -64.00
N ALA B 537 -3.75 27.34 -64.01
CA ALA B 537 -4.41 26.41 -64.92
C ALA B 537 -4.31 26.84 -66.38
N ALA B 538 -3.24 26.42 -67.06
CA ALA B 538 -3.02 26.72 -68.48
C ALA B 538 -2.91 28.23 -68.73
N ASP C 9 27.61 -0.29 3.66
CA ASP C 9 27.48 1.16 3.68
C ASP C 9 28.29 1.88 2.59
N ILE C 10 27.65 2.81 1.89
CA ILE C 10 28.32 3.71 0.96
C ILE C 10 28.69 4.99 1.70
N ILE C 11 29.99 5.30 1.74
CA ILE C 11 30.54 6.27 2.65
C ILE C 11 31.22 7.39 1.86
N PHE C 12 30.92 8.63 2.22
CA PHE C 12 31.45 9.83 1.60
C PHE C 12 32.46 10.52 2.52
N ARG C 13 33.49 11.09 1.91
CA ARG C 13 34.55 11.72 2.68
C ARG C 13 34.92 13.03 2.01
N SER C 14 35.73 13.81 2.72
CA SER C 14 36.14 15.11 2.21
C SER C 14 36.91 14.96 0.90
N LYS C 15 36.79 15.98 0.06
CA LYS C 15 37.66 16.05 -1.10
C LYS C 15 39.13 16.29 -0.73
N LEU C 16 39.41 16.76 0.52
CA LEU C 16 40.72 17.01 1.12
C LEU C 16 41.24 15.74 1.81
N PRO C 17 42.56 15.53 1.85
CA PRO C 17 43.10 14.41 2.63
C PRO C 17 42.85 14.64 4.12
N ASP C 18 42.91 13.56 4.89
CA ASP C 18 42.86 13.75 6.34
C ASP C 18 44.17 14.34 6.86
N ILE C 19 44.12 14.81 8.10
CA ILE C 19 45.24 15.51 8.72
C ILE C 19 45.46 14.95 10.11
N TYR C 20 46.64 15.24 10.66
CA TYR C 20 46.90 14.91 12.05
C TYR C 20 46.13 15.89 12.92
N ILE C 21 45.46 15.36 13.94
CA ILE C 21 44.68 16.15 14.87
C ILE C 21 45.13 15.79 16.28
N PRO C 22 45.65 16.78 17.09
CA PRO C 22 46.11 16.51 18.47
C PRO C 22 44.96 16.50 19.46
N ASN C 23 44.02 15.55 19.27
CA ASN C 23 42.85 15.58 20.14
C ASN C 23 43.13 15.10 21.56
N HIS C 24 44.39 14.89 21.96
CA HIS C 24 44.73 14.66 23.36
C HIS C 24 44.90 15.95 24.15
N LEU C 25 45.01 17.10 23.48
CA LEU C 25 45.16 18.36 24.16
C LEU C 25 43.82 18.86 24.68
N PRO C 26 43.76 19.36 25.91
CA PRO C 26 42.56 20.09 26.35
C PRO C 26 42.32 21.28 25.42
N LEU C 27 41.06 21.75 25.39
CA LEU C 27 40.68 22.74 24.39
C LEU C 27 41.50 24.02 24.48
N HIS C 28 41.80 24.49 25.70
CA HIS C 28 42.62 25.70 25.84
C HIS C 28 44.05 25.45 25.39
N SER C 29 44.59 24.27 25.67
CA SER C 29 45.93 23.97 25.21
C SER C 29 45.98 23.98 23.69
N TYR C 30 44.94 23.47 23.04
CA TYR C 30 44.98 23.40 21.59
C TYR C 30 44.78 24.77 20.96
N CYS C 31 43.83 25.56 21.47
CA CYS C 31 43.56 26.87 20.87
C CYS C 31 44.72 27.84 21.04
N PHE C 32 45.46 27.73 22.14
CA PHE C 32 46.61 28.59 22.42
C PHE C 32 47.93 27.94 22.08
N GLU C 33 47.91 26.80 21.37
CA GLU C 33 49.14 26.03 21.16
C GLU C 33 50.21 26.87 20.47
N ASN C 34 49.82 27.68 19.50
CA ASN C 34 50.77 28.48 18.76
C ASN C 34 50.74 29.96 19.16
N ILE C 35 50.34 30.25 20.41
CA ILE C 35 50.19 31.64 20.84
C ILE C 35 51.53 32.39 20.73
N SER C 36 52.65 31.70 20.86
CA SER C 36 53.95 32.36 20.77
C SER C 36 54.11 33.11 19.45
N GLU C 37 53.50 32.62 18.38
CA GLU C 37 53.65 33.25 17.07
C GLU C 37 52.76 34.47 16.86
N PHE C 38 51.78 34.73 17.75
CA PHE C 38 50.97 35.94 17.67
C PHE C 38 50.59 36.50 19.04
N SER C 39 51.45 36.31 20.04
CA SER C 39 51.15 36.70 21.42
C SER C 39 50.70 38.16 21.55
N SER C 40 51.32 39.06 20.79
CA SER C 40 51.08 40.50 20.93
C SER C 40 50.07 41.05 19.92
N ARG C 41 49.51 40.22 19.06
CA ARG C 41 48.51 40.68 18.10
C ARG C 41 47.14 40.84 18.77
N PRO C 42 46.29 41.69 18.21
CA PRO C 42 44.91 41.82 18.72
C PRO C 42 44.14 40.50 18.66
N CYS C 43 43.48 40.18 19.77
CA CYS C 43 42.69 38.96 19.91
C CYS C 43 41.20 39.26 20.04
N LEU C 44 40.79 39.91 21.11
CA LEU C 44 39.41 40.34 21.27
C LEU C 44 39.34 41.87 21.20
N ILE C 45 38.47 42.37 20.34
CA ILE C 45 38.20 43.80 20.21
C ILE C 45 36.77 44.03 20.64
N ASN C 46 36.59 44.84 21.68
CA ASN C 46 35.27 45.19 22.19
C ASN C 46 34.70 46.28 21.29
N GLY C 47 33.73 45.92 20.45
CA GLY C 47 33.21 46.89 19.49
C GLY C 47 32.54 48.09 20.12
N ALA C 48 31.98 47.93 21.31
CA ALA C 48 31.37 49.05 22.00
C ALA C 48 32.43 50.07 22.42
N ASN C 49 33.31 49.70 23.37
CA ASN C 49 34.27 50.65 23.95
C ASN C 49 35.65 50.65 23.28
N LYS C 50 35.81 49.90 22.18
CA LYS C 50 37.04 49.86 21.38
C LYS C 50 38.24 49.27 22.12
N GLN C 51 38.04 48.66 23.28
CA GLN C 51 39.14 48.08 24.04
C GLN C 51 39.68 46.85 23.34
N ILE C 52 41.00 46.75 23.23
CA ILE C 52 41.64 45.63 22.55
C ILE C 52 42.38 44.78 23.57
N TYR C 53 42.14 43.47 23.51
CA TYR C 53 42.88 42.48 24.28
C TYR C 53 43.83 41.73 23.36
N THR C 54 45.10 41.71 23.71
CA THR C 54 46.03 40.91 22.92
C THR C 54 45.85 39.44 23.24
N TYR C 55 46.53 38.59 22.49
CA TYR C 55 46.43 37.17 22.76
C TYR C 55 47.02 36.84 24.11
N ALA C 56 48.14 37.50 24.46
CA ALA C 56 48.70 37.37 25.80
C ALA C 56 47.67 37.80 26.85
N ASP C 57 46.98 38.91 26.62
CA ASP C 57 45.94 39.34 27.56
C ASP C 57 44.84 38.29 27.72
N VAL C 58 44.44 37.66 26.60
CA VAL C 58 43.26 36.79 26.65
C VAL C 58 43.61 35.46 27.31
N GLU C 59 44.78 34.90 27.02
CA GLU C 59 45.18 33.72 27.78
C GLU C 59 45.40 34.06 29.25
N LEU C 60 45.96 35.24 29.54
CA LEU C 60 46.22 35.57 30.93
C LEU C 60 44.91 35.78 31.69
N ASN C 61 43.98 36.55 31.13
CA ASN C 61 42.72 36.78 31.82
C ASN C 61 41.92 35.50 31.98
N SER C 62 41.95 34.64 30.95
CA SER C 62 41.29 33.35 31.06
C SER C 62 41.90 32.52 32.18
N ARG C 63 43.22 32.52 32.28
CA ARG C 63 43.87 31.81 33.38
C ARG C 63 43.50 32.45 34.71
N LYS C 64 43.37 33.78 34.74
CA LYS C 64 42.97 34.47 35.96
C LYS C 64 41.53 34.11 36.35
N VAL C 65 40.61 34.12 35.39
CA VAL C 65 39.23 33.77 35.67
C VAL C 65 39.13 32.33 36.18
N ALA C 66 40.00 31.44 35.65
CA ALA C 66 40.04 30.07 36.15
C ALA C 66 40.33 30.05 37.65
N ALA C 67 41.35 30.78 38.08
CA ALA C 67 41.68 30.79 39.50
C ALA C 67 40.55 31.38 40.31
N GLY C 68 39.88 32.42 39.78
CA GLY C 68 38.73 32.97 40.46
C GLY C 68 37.61 31.95 40.61
N LEU C 69 37.30 31.23 39.53
CA LEU C 69 36.27 30.21 39.57
C LEU C 69 36.63 29.12 40.55
N HIS C 70 37.92 28.79 40.64
CA HIS C 70 38.35 27.78 41.61
C HIS C 70 38.14 28.28 43.03
N LYS C 71 38.50 29.55 43.30
CA LYS C 71 38.26 30.15 44.60
C LYS C 71 36.78 30.20 44.94
N GLN C 72 35.91 30.26 43.92
CA GLN C 72 34.48 30.26 44.14
C GLN C 72 33.90 28.87 44.33
N GLY C 73 34.74 27.84 44.28
CA GLY C 73 34.34 26.46 44.54
C GLY C 73 34.22 25.56 43.33
N ILE C 74 34.44 26.06 42.11
CA ILE C 74 34.34 25.20 40.93
C ILE C 74 35.47 24.19 40.93
N GLN C 75 35.11 22.91 40.79
CA GLN C 75 36.07 21.81 40.69
C GLN C 75 35.90 21.15 39.34
N PRO C 76 36.81 20.26 38.93
CA PRO C 76 36.62 19.53 37.68
C PRO C 76 35.21 18.93 37.62
N LYS C 77 34.59 19.05 36.44
CA LYS C 77 33.29 18.51 36.07
C LYS C 77 32.11 19.31 36.67
N ASP C 78 32.37 20.31 37.51
CA ASP C 78 31.30 21.24 37.85
C ASP C 78 30.89 22.05 36.61
N THR C 79 29.74 22.73 36.72
CA THR C 79 29.17 23.48 35.60
C THR C 79 28.90 24.91 36.02
N ILE C 80 29.27 25.87 35.17
CA ILE C 80 28.82 27.25 35.30
C ILE C 80 27.93 27.55 34.10
N MET C 81 27.03 28.53 34.29
CA MET C 81 26.11 28.95 33.24
C MET C 81 26.44 30.37 32.80
N ILE C 82 26.63 30.54 31.50
CA ILE C 82 26.93 31.85 30.93
C ILE C 82 25.66 32.41 30.30
N LEU C 83 25.18 33.52 30.86
CA LEU C 83 23.98 34.20 30.39
C LEU C 83 24.37 35.63 30.00
N LEU C 84 25.11 35.76 28.91
CA LEU C 84 25.70 37.03 28.52
C LEU C 84 25.53 37.28 27.02
N PRO C 85 25.41 38.53 26.61
CA PRO C 85 25.60 38.83 25.18
C PRO C 85 27.07 38.67 24.85
N ASN C 86 27.42 38.81 23.58
CA ASN C 86 28.83 38.66 23.24
C ASN C 86 29.65 39.73 23.95
N SER C 87 30.81 39.31 24.48
CA SER C 87 31.60 40.14 25.36
C SER C 87 32.89 39.41 25.67
N PRO C 88 33.96 40.12 25.98
CA PRO C 88 35.19 39.39 26.35
C PRO C 88 35.01 38.58 27.64
N GLU C 89 34.10 38.97 28.53
CA GLU C 89 33.86 38.17 29.73
C GLU C 89 33.28 36.81 29.37
N PHE C 90 32.43 36.76 28.35
CA PHE C 90 31.95 35.47 27.86
C PHE C 90 33.13 34.58 27.54
N VAL C 91 34.10 35.11 26.78
CA VAL C 91 35.27 34.31 26.43
C VAL C 91 36.05 33.93 27.68
N PHE C 92 36.31 34.90 28.56
CA PHE C 92 37.11 34.63 29.74
C PHE C 92 36.46 33.58 30.63
N ALA C 93 35.13 33.61 30.74
CA ALA C 93 34.42 32.61 31.52
C ALA C 93 34.58 31.23 30.91
N PHE C 94 34.37 31.12 29.59
CA PHE C 94 34.34 29.81 28.94
C PHE C 94 35.72 29.16 29.01
N ILE C 95 36.76 29.91 28.65
CA ILE C 95 38.11 29.37 28.70
C ILE C 95 38.54 29.13 30.15
N GLY C 96 38.21 30.05 31.05
CA GLY C 96 38.54 29.86 32.45
C GLY C 96 38.03 28.53 32.96
N ALA C 97 36.78 28.20 32.62
CA ALA C 97 36.22 26.92 33.03
C ALA C 97 37.00 25.77 32.41
N SER C 98 37.45 25.93 31.16
CA SER C 98 38.15 24.85 30.48
C SER C 98 39.46 24.48 31.18
N TYR C 99 40.16 25.48 31.73
CA TYR C 99 41.40 25.25 32.48
C TYR C 99 41.16 24.43 33.73
N LEU C 100 39.98 24.53 34.33
CA LEU C 100 39.63 23.77 35.51
C LEU C 100 39.11 22.40 35.18
N GLY C 101 38.88 22.08 33.91
CA GLY C 101 38.19 20.85 33.58
C GLY C 101 36.72 20.89 33.91
N ALA C 102 36.14 22.08 33.96
CA ALA C 102 34.75 22.30 34.30
C ALA C 102 33.92 22.57 33.04
N ILE C 103 32.63 22.83 33.23
CA ILE C 103 31.69 22.91 32.12
C ILE C 103 31.15 24.33 32.02
N SER C 104 31.04 24.84 30.79
CA SER C 104 30.28 26.04 30.49
C SER C 104 29.05 25.64 29.70
N THR C 105 27.87 25.89 30.27
CA THR C 105 26.65 25.92 29.48
C THR C 105 26.26 27.38 29.24
N MET C 106 25.74 27.67 28.07
CA MET C 106 25.46 29.03 27.67
C MET C 106 24.01 29.19 27.25
N ALA C 107 23.44 30.34 27.59
CA ALA C 107 22.03 30.59 27.31
C ALA C 107 21.85 31.99 26.75
N ASN C 108 20.76 32.16 26.02
CA ASN C 108 20.36 33.46 25.49
C ASN C 108 19.95 34.34 26.66
N PRO C 109 20.60 35.49 26.89
CA PRO C 109 20.22 36.33 28.03
C PRO C 109 18.81 36.90 27.93
N LEU C 110 18.16 36.80 26.77
CA LEU C 110 16.80 37.26 26.63
C LEU C 110 15.76 36.16 26.87
N PHE C 111 16.18 34.99 27.32
CA PHE C 111 15.23 33.98 27.76
C PHE C 111 14.37 34.54 28.89
N THR C 112 13.12 34.08 28.94
CA THR C 112 12.25 34.32 30.09
C THR C 112 12.89 33.79 31.37
N PRO C 113 12.45 34.28 32.53
CA PRO C 113 12.94 33.69 33.79
C PRO C 113 12.76 32.19 33.84
N ALA C 114 11.67 31.68 33.28
CA ALA C 114 11.40 30.24 33.35
C ALA C 114 12.43 29.43 32.58
N GLU C 115 12.75 29.85 31.34
CA GLU C 115 13.69 29.06 30.54
C GLU C 115 15.10 29.07 31.14
N VAL C 116 15.57 30.21 31.65
CA VAL C 116 16.92 30.24 32.21
C VAL C 116 17.02 29.34 33.43
N VAL C 117 16.00 29.38 34.30
CA VAL C 117 16.07 28.55 35.51
C VAL C 117 15.91 27.08 35.14
N LYS C 118 15.07 26.79 34.14
CA LYS C 118 14.94 25.42 33.66
C LYS C 118 16.28 24.89 33.16
N GLN C 119 17.01 25.70 32.38
CA GLN C 119 18.31 25.26 31.91
C GLN C 119 19.32 25.19 33.06
N ALA C 120 19.21 26.11 34.02
CA ALA C 120 20.12 26.06 35.16
C ALA C 120 19.96 24.76 35.95
N LYS C 121 18.72 24.30 36.12
CA LYS C 121 18.48 23.08 36.87
C LYS C 121 19.05 21.87 36.15
N ALA C 122 18.78 21.74 34.85
CA ALA C 122 19.23 20.57 34.12
C ALA C 122 20.75 20.52 34.03
N SER C 123 21.40 21.67 33.92
CA SER C 123 22.85 21.66 33.81
C SER C 123 23.54 21.59 35.16
N SER C 124 22.79 21.76 36.25
CA SER C 124 23.36 21.80 37.60
C SER C 124 24.37 22.93 37.74
N ALA C 125 24.06 24.08 37.15
CA ALA C 125 25.00 25.19 37.16
C ALA C 125 25.19 25.70 38.58
N LYS C 126 26.45 25.83 39.00
CA LYS C 126 26.76 26.34 40.32
C LYS C 126 27.02 27.84 40.33
N ILE C 127 27.35 28.42 39.19
CA ILE C 127 27.55 29.86 39.08
C ILE C 127 26.82 30.33 37.84
N ILE C 128 26.24 31.52 37.91
CA ILE C 128 25.59 32.16 36.77
C ILE C 128 26.29 33.49 36.54
N VAL C 129 26.90 33.63 35.36
CA VAL C 129 27.49 34.89 34.94
C VAL C 129 26.51 35.57 34.01
N THR C 130 26.16 36.81 34.34
CA THR C 130 25.11 37.53 33.63
C THR C 130 25.34 39.02 33.83
N GLN C 131 24.40 39.81 33.38
CA GLN C 131 24.40 41.25 33.61
C GLN C 131 23.42 41.55 34.75
N ALA C 132 23.60 42.74 35.35
CA ALA C 132 22.73 43.13 36.44
C ALA C 132 21.27 43.14 36.01
N CYS C 133 20.99 43.68 34.81
CA CYS C 133 19.60 43.83 34.37
C CYS C 133 18.90 42.47 34.24
N HIS C 134 19.65 41.37 34.25
CA HIS C 134 19.08 40.04 34.13
C HIS C 134 19.10 39.25 35.43
N VAL C 135 19.57 39.81 36.55
CA VAL C 135 19.64 38.99 37.74
C VAL C 135 18.25 38.68 38.28
N ASN C 136 17.31 39.62 38.15
CA ASN C 136 15.96 39.41 38.65
C ASN C 136 15.35 38.11 38.12
N LYS C 137 15.81 37.63 36.95
CA LYS C 137 15.26 36.42 36.38
C LYS C 137 15.68 35.16 37.13
N VAL C 138 16.72 35.25 37.96
CA VAL C 138 17.31 34.05 38.56
C VAL C 138 17.56 34.23 40.06
N LYS C 139 17.40 35.46 40.56
CA LYS C 139 17.92 35.78 41.90
C LYS C 139 17.28 34.90 42.97
N ASP C 140 15.97 34.65 42.89
CA ASP C 140 15.32 33.89 43.95
C ASP C 140 15.72 32.42 43.92
N TYR C 141 15.76 31.81 42.73
CA TYR C 141 16.19 30.42 42.61
C TYR C 141 17.65 30.27 43.03
N ALA C 142 18.48 31.27 42.72
CA ALA C 142 19.89 31.20 43.11
C ALA C 142 20.04 31.29 44.62
N PHE C 143 19.19 32.08 45.28
CA PHE C 143 19.24 32.15 46.74
C PHE C 143 18.83 30.83 47.37
N GLU C 144 17.78 30.21 46.84
CA GLU C 144 17.20 29.02 47.43
C GLU C 144 17.97 27.75 47.09
N ASN C 145 19.04 27.86 46.30
CA ASN C 145 19.74 26.66 45.85
C ASN C 145 21.25 26.79 45.93
N ASP C 146 21.76 27.85 46.57
CA ASP C 146 23.19 28.13 46.67
C ASP C 146 23.88 28.13 45.31
N VAL C 147 23.33 28.92 44.39
CA VAL C 147 23.97 29.22 43.12
C VAL C 147 24.39 30.67 43.19
N LYS C 148 25.67 30.95 42.90
CA LYS C 148 26.19 32.31 43.00
C LYS C 148 25.98 33.02 41.67
N ILE C 149 25.66 34.30 41.75
CA ILE C 149 25.43 35.14 40.59
C ILE C 149 26.58 36.13 40.50
N ILE C 150 27.25 36.13 39.35
CA ILE C 150 28.38 36.99 39.05
C ILE C 150 28.00 37.88 37.87
N CYS C 151 28.00 39.20 38.08
CA CYS C 151 27.60 40.20 37.10
C CYS C 151 28.80 40.88 36.48
N ILE C 152 28.73 41.13 35.17
CA ILE C 152 29.90 41.70 34.48
C ILE C 152 29.93 43.22 34.49
N ASP C 153 28.82 43.90 34.80
CA ASP C 153 28.80 45.35 34.74
C ASP C 153 28.90 45.99 36.12
N SER C 154 27.95 45.68 37.00
CA SER C 154 28.01 46.09 38.40
C SER C 154 27.13 45.12 39.17
N ALA C 155 27.45 44.93 40.44
CA ALA C 155 26.84 43.87 41.24
C ALA C 155 25.70 44.40 42.07
N PRO C 156 24.46 43.93 41.86
CA PRO C 156 23.39 44.18 42.84
C PRO C 156 23.71 43.56 44.19
N GLU C 157 22.78 43.69 45.14
CA GLU C 157 22.96 43.10 46.45
C GLU C 157 22.81 41.57 46.36
N GLY C 158 23.76 40.84 46.94
CA GLY C 158 23.77 39.40 46.85
C GLY C 158 24.57 38.82 45.71
N CYS C 159 25.05 39.64 44.78
CA CYS C 159 25.83 39.17 43.66
C CYS C 159 27.28 39.62 43.80
N LEU C 160 28.16 38.97 43.05
CA LEU C 160 29.56 39.38 42.97
C LEU C 160 29.83 39.97 41.60
N HIS C 161 30.78 40.91 41.55
CA HIS C 161 31.21 41.48 40.28
C HIS C 161 32.30 40.59 39.66
N PHE C 162 32.39 40.64 38.32
CA PHE C 162 33.24 39.75 37.57
C PHE C 162 34.72 39.96 37.87
N SER C 163 35.07 41.11 38.47
CA SER C 163 36.43 41.35 38.93
C SER C 163 36.89 40.30 39.94
N VAL C 164 35.98 39.72 40.72
CA VAL C 164 36.38 38.67 41.65
C VAL C 164 36.97 37.47 40.92
N LEU C 165 36.77 37.39 39.61
CA LEU C 165 37.40 36.37 38.79
C LEU C 165 38.60 36.86 37.97
N THR C 166 38.46 37.98 37.26
CA THR C 166 39.55 38.49 36.40
C THR C 166 40.74 39.00 37.20
N GLN C 167 40.58 39.28 38.48
CA GLN C 167 41.68 39.76 39.30
C GLN C 167 42.27 38.65 40.15
N ALA C 168 41.87 37.41 39.90
CA ALA C 168 42.41 36.30 40.67
C ALA C 168 43.88 36.06 40.32
N ASN C 169 44.57 35.35 41.22
CA ASN C 169 45.97 34.96 41.05
C ASN C 169 46.01 33.75 40.11
N GLU C 170 46.50 33.97 38.88
CA GLU C 170 46.53 32.91 37.86
C GLU C 170 47.24 31.64 38.34
N HIS C 171 48.13 31.77 39.33
CA HIS C 171 48.92 30.66 39.83
C HIS C 171 48.22 29.87 40.94
N ASP C 172 46.93 30.12 41.22
CA ASP C 172 46.18 29.25 42.13
C ASP C 172 45.30 28.26 41.38
N ILE C 173 45.49 28.10 40.08
CA ILE C 173 44.85 27.04 39.32
C ILE C 173 45.28 25.68 39.85
N PRO C 174 44.34 24.82 40.24
CA PRO C 174 44.71 23.48 40.72
C PRO C 174 45.37 22.64 39.64
N GLU C 175 46.08 21.61 40.09
CA GLU C 175 46.43 20.52 39.20
C GLU C 175 45.16 19.85 38.72
N VAL C 176 45.14 19.44 37.46
CA VAL C 176 43.98 18.75 36.93
C VAL C 176 44.46 17.80 35.84
N GLU C 177 43.77 16.67 35.71
CA GLU C 177 44.10 15.66 34.72
C GLU C 177 42.86 15.56 33.84
N ILE C 178 42.80 16.41 32.83
CA ILE C 178 41.62 16.44 31.99
C ILE C 178 41.72 15.31 30.98
N GLN C 179 40.64 14.53 30.84
CA GLN C 179 40.60 13.48 29.83
C GLN C 179 39.96 14.01 28.55
N PRO C 180 40.36 13.50 27.39
CA PRO C 180 39.82 14.05 26.14
C PRO C 180 38.31 13.89 26.02
N ASP C 181 37.70 12.92 26.71
CA ASP C 181 36.25 12.83 26.68
C ASP C 181 35.59 13.60 27.82
N ASP C 182 36.34 14.40 28.57
CA ASP C 182 35.71 15.29 29.55
C ASP C 182 34.91 16.36 28.83
N VAL C 183 33.69 16.59 29.32
CA VAL C 183 32.85 17.65 28.74
C VAL C 183 33.48 19.00 29.00
N VAL C 184 33.27 19.94 28.07
CA VAL C 184 33.78 21.30 28.24
C VAL C 184 32.73 22.34 27.84
N ALA C 185 31.87 22.03 26.89
CA ALA C 185 30.79 22.95 26.52
C ALA C 185 29.47 22.20 26.48
N LEU C 186 28.40 22.84 26.97
CA LEU C 186 27.10 22.21 27.07
C LEU C 186 26.02 23.15 26.54
N PRO C 187 25.98 23.37 25.23
CA PRO C 187 24.84 24.09 24.66
C PRO C 187 23.59 23.25 24.81
N TYR C 188 22.45 23.94 24.86
CA TYR C 188 21.16 23.31 24.92
C TYR C 188 20.46 23.46 23.59
N SER C 189 19.71 22.45 23.19
CA SER C 189 19.08 22.45 21.89
C SER C 189 17.76 21.73 21.99
N SER C 190 16.82 22.12 21.12
CA SER C 190 15.53 21.46 21.04
C SER C 190 15.24 21.00 19.62
N THR C 192 16.97 18.28 17.23
CA THR C 192 16.05 17.23 16.80
C THR C 192 15.20 16.74 17.97
N THR C 193 13.93 16.42 17.66
CA THR C 193 12.80 16.12 18.54
C THR C 193 11.98 17.37 18.82
N GLY C 194 12.47 18.26 19.69
CA GLY C 194 11.73 19.46 20.03
C GLY C 194 11.86 19.86 21.48
N LEU C 195 12.24 18.91 22.35
CA LEU C 195 12.48 19.14 23.76
C LEU C 195 13.91 19.60 23.98
N PRO C 196 14.14 20.66 24.75
CA PRO C 196 15.52 21.07 25.04
C PRO C 196 16.28 19.95 25.73
N LYS C 197 17.47 19.67 25.24
CA LYS C 197 18.37 18.72 25.89
C LYS C 197 19.76 19.33 25.98
N GLY C 198 20.52 18.89 26.98
CA GLY C 198 21.90 19.34 27.17
C GLY C 198 22.87 18.58 26.28
N VAL C 199 23.46 19.26 25.31
CA VAL C 199 24.36 18.66 24.33
C VAL C 199 25.79 18.67 24.87
N MET C 200 26.37 17.51 25.07
CA MET C 200 27.69 17.40 25.68
C MET C 200 28.76 17.40 24.60
N LEU C 201 29.53 18.49 24.57
CA LEU C 201 30.69 18.61 23.70
C LEU C 201 31.93 18.51 24.57
N THR C 202 32.91 17.77 24.09
CA THR C 202 34.06 17.43 24.89
C THR C 202 35.29 18.19 24.42
N HIS C 203 36.38 18.01 25.16
CA HIS C 203 37.66 18.55 24.71
C HIS C 203 38.07 17.92 23.38
N LYS C 204 37.99 16.60 23.30
CA LYS C 204 38.39 15.89 22.09
C LYS C 204 37.46 16.22 20.93
N GLY C 205 36.16 16.39 21.18
CA GLY C 205 35.26 16.78 20.11
C GLY C 205 35.62 18.15 19.52
N LEU C 206 35.75 19.15 20.39
CA LEU C 206 35.92 20.51 19.89
C LEU C 206 37.30 20.71 19.28
N VAL C 207 38.33 20.08 19.83
CA VAL C 207 39.64 20.17 19.19
C VAL C 207 39.60 19.52 17.81
N THR C 208 38.90 18.39 17.70
CA THR C 208 38.71 17.78 16.39
C THR C 208 37.95 18.70 15.45
N SER C 209 36.87 19.31 15.93
CA SER C 209 36.05 20.18 15.07
C SER C 209 36.86 21.38 14.56
N VAL C 210 37.56 22.08 15.46
CA VAL C 210 38.34 23.24 15.05
C VAL C 210 39.44 22.83 14.07
N ALA C 211 40.13 21.73 14.35
CA ALA C 211 41.14 21.25 13.42
C ALA C 211 40.54 20.96 12.06
N GLN C 212 39.38 20.28 12.03
CA GLN C 212 38.73 19.98 10.76
C GLN C 212 38.55 21.22 9.92
N GLN C 213 38.30 22.37 10.55
CA GLN C 213 38.00 23.61 9.86
C GLN C 213 39.25 24.43 9.47
N VAL C 214 40.26 24.53 10.34
CA VAL C 214 41.33 25.51 10.15
C VAL C 214 42.74 24.90 10.15
N ASP C 215 42.92 23.62 10.47
CA ASP C 215 44.24 23.02 10.38
C ASP C 215 44.45 22.32 9.03
N GLY C 216 45.67 21.81 8.84
CA GLY C 216 46.09 21.17 7.61
C GLY C 216 46.92 22.10 6.74
N GLU C 217 47.74 21.47 5.88
CA GLU C 217 48.50 22.21 4.86
C GLU C 217 47.57 22.97 3.92
N ASN C 218 46.41 22.40 3.61
CA ASN C 218 45.36 23.12 2.88
C ASN C 218 44.10 23.07 3.72
N PRO C 219 43.90 24.04 4.62
CA PRO C 219 42.74 24.01 5.52
C PRO C 219 41.43 24.32 4.81
N ASN C 220 40.38 23.69 5.30
CA ASN C 220 39.05 23.81 4.70
C ASN C 220 38.57 25.25 4.71
N LEU C 221 38.76 25.95 5.84
CA LEU C 221 38.54 27.39 5.95
C LEU C 221 39.88 28.06 6.20
N TYR C 222 40.38 28.81 5.22
CA TYR C 222 41.69 29.46 5.35
C TYR C 222 41.54 30.83 6.03
N ILE C 223 41.83 30.90 7.33
CA ILE C 223 41.96 32.18 8.03
C ILE C 223 43.30 32.21 8.72
N HIS C 224 43.88 33.41 8.86
CA HIS C 224 45.23 33.58 9.38
C HIS C 224 45.24 34.74 10.37
N SER C 225 46.44 35.02 10.91
CA SER C 225 46.49 35.94 12.03
C SER C 225 46.26 37.40 11.63
N GLU C 226 46.18 37.71 10.33
CA GLU C 226 45.88 39.08 9.94
C GLU C 226 44.42 39.30 9.56
N ASP C 227 43.61 38.25 9.60
CA ASP C 227 42.19 38.46 9.37
C ASP C 227 41.51 39.12 10.57
N VAL C 228 40.38 39.75 10.30
CA VAL C 228 39.53 40.37 11.30
C VAL C 228 38.16 39.71 11.19
N MET C 229 37.77 38.98 12.22
CA MET C 229 36.54 38.19 12.19
C MET C 229 35.45 38.91 12.96
N LEU C 230 34.36 39.26 12.29
CA LEU C 230 33.23 39.89 12.95
C LEU C 230 32.48 38.83 13.75
N CYS C 231 32.27 39.10 15.02
CA CYS C 231 31.55 38.18 15.92
C CYS C 231 30.22 38.80 16.35
N VAL C 232 29.23 38.75 15.44
CA VAL C 232 27.93 39.35 15.69
C VAL C 232 26.91 38.27 16.05
N LEU C 233 27.08 37.08 15.51
CA LEU C 233 26.24 35.96 15.88
C LEU C 233 26.47 35.56 17.35
N PRO C 234 25.41 35.11 18.03
CA PRO C 234 25.51 34.86 19.49
C PRO C 234 26.51 33.77 19.85
N LEU C 235 27.42 34.10 20.76
CA LEU C 235 28.36 33.11 21.25
C LEU C 235 27.66 32.07 22.11
N PHE C 236 26.47 32.36 22.60
CA PHE C 236 25.78 31.30 23.32
C PHE C 236 25.23 30.22 22.38
N HIS C 237 25.43 30.31 21.07
CA HIS C 237 25.15 29.21 20.16
C HIS C 237 26.46 28.61 19.69
N ILE C 238 26.47 27.28 19.57
CA ILE C 238 27.73 26.61 19.29
C ILE C 238 28.28 26.99 17.92
N TYR C 239 27.45 27.40 16.95
CA TYR C 239 28.01 27.80 15.67
C TYR C 239 29.00 28.93 15.83
N SER C 240 28.65 29.93 16.64
CA SER C 240 29.54 31.09 16.78
C SER C 240 30.67 30.79 17.77
N LEU C 241 30.35 30.11 18.88
CA LEU C 241 31.38 29.74 19.86
C LEU C 241 32.51 28.95 19.20
N ASN C 242 32.15 27.98 18.35
CA ASN C 242 33.13 27.11 17.69
C ASN C 242 33.73 27.77 16.44
N SER C 243 32.92 28.02 15.41
CA SER C 243 33.51 28.35 14.11
C SER C 243 33.99 29.79 14.02
N VAL C 244 33.61 30.65 14.95
CA VAL C 244 34.11 32.02 14.95
C VAL C 244 35.16 32.16 16.03
N LEU C 245 34.77 31.95 17.29
CA LEU C 245 35.67 32.21 18.41
C LEU C 245 36.81 31.19 18.47
N LEU C 246 36.48 29.89 18.63
CA LEU C 246 37.54 28.89 18.85
C LEU C 246 38.43 28.75 17.62
N CYS C 247 37.84 28.79 16.43
CA CYS C 247 38.63 28.73 15.21
C CYS C 247 39.45 30.00 15.01
N GLY C 248 38.92 31.14 15.45
CA GLY C 248 39.68 32.38 15.37
C GLY C 248 40.90 32.37 16.28
N LEU C 249 40.73 31.89 17.52
CA LEU C 249 41.85 31.80 18.45
C LEU C 249 42.93 30.88 17.92
N ARG C 250 42.52 29.76 17.33
CA ARG C 250 43.48 28.76 16.89
C ARG C 250 44.44 29.33 15.86
N VAL C 251 43.96 30.21 14.97
CA VAL C 251 44.79 30.71 13.89
C VAL C 251 45.34 32.09 14.17
N GLY C 252 45.02 32.68 15.31
CA GLY C 252 45.55 34.00 15.65
C GLY C 252 44.79 35.19 15.09
N ALA C 253 43.55 35.01 14.67
CA ALA C 253 42.84 36.15 14.10
C ALA C 253 42.35 37.10 15.21
N ALA C 254 42.12 38.34 14.81
CA ALA C 254 41.44 39.28 15.67
C ALA C 254 39.94 39.01 15.59
N ILE C 255 39.27 38.99 16.75
CA ILE C 255 37.85 38.70 16.83
C ILE C 255 37.14 39.97 17.30
N LEU C 256 36.33 40.54 16.42
CA LEU C 256 35.68 41.83 16.67
C LEU C 256 34.27 41.57 17.22
N ILE C 257 34.07 41.90 18.50
CA ILE C 257 32.85 41.54 19.21
C ILE C 257 31.81 42.63 19.05
N MET C 258 30.61 42.24 18.61
CA MET C 258 29.44 43.10 18.69
C MET C 258 28.57 42.57 19.79
N GLN C 259 28.25 43.42 20.75
CA GLN C 259 27.37 43.00 21.84
C GLN C 259 25.94 42.85 21.35
N LYS C 260 25.50 43.77 20.49
CA LYS C 260 24.13 43.76 20.00
C LYS C 260 24.12 44.23 18.56
N PHE C 261 23.42 43.50 17.69
CA PHE C 261 23.39 43.89 16.28
C PHE C 261 22.45 45.08 16.08
N ASP C 262 22.95 46.10 15.37
CA ASP C 262 22.10 47.09 14.70
C ASP C 262 22.78 47.49 13.41
N ILE C 263 21.98 47.85 12.41
CA ILE C 263 22.50 47.93 11.04
C ILE C 263 23.63 48.97 10.93
N VAL C 264 23.50 50.10 11.64
CA VAL C 264 24.52 51.14 11.48
C VAL C 264 25.81 50.75 12.18
N SER C 265 25.72 50.35 13.46
CA SER C 265 26.94 49.90 14.15
C SER C 265 27.61 48.76 13.39
N PHE C 266 26.82 47.89 12.78
CA PHE C 266 27.38 46.80 11.99
C PHE C 266 28.21 47.34 10.82
N LEU C 267 27.67 48.29 10.06
CA LEU C 267 28.47 48.81 8.95
C LEU C 267 29.63 49.64 9.46
N GLU C 268 29.46 50.33 10.59
CA GLU C 268 30.56 51.09 11.15
C GLU C 268 31.72 50.16 11.52
N LEU C 269 31.44 49.05 12.18
CA LEU C 269 32.55 48.20 12.62
C LEU C 269 33.25 47.54 11.44
N ILE C 270 32.50 47.15 10.40
CA ILE C 270 33.12 46.53 9.23
C ILE C 270 34.07 47.51 8.55
N GLN C 271 33.63 48.74 8.33
CA GLN C 271 34.49 49.72 7.68
C GLN C 271 35.61 50.19 8.62
N SER C 272 35.27 50.54 9.87
CA SER C 272 36.24 51.12 10.79
C SER C 272 37.36 50.15 11.09
N TYR C 273 37.06 48.86 11.22
CA TYR C 273 38.06 47.88 11.59
C TYR C 273 38.53 47.04 10.42
N LYS C 274 38.00 47.27 9.22
CA LYS C 274 38.41 46.53 8.03
C LYS C 274 38.25 45.02 8.28
N VAL C 275 37.06 44.66 8.71
CA VAL C 275 36.67 43.25 8.84
C VAL C 275 36.99 42.50 7.56
N THR C 276 37.59 41.32 7.71
CA THR C 276 37.84 40.48 6.54
C THR C 276 37.00 39.24 6.49
N ILE C 277 36.52 38.76 7.64
CA ILE C 277 35.69 37.58 7.72
C ILE C 277 34.34 37.96 8.31
N GLY C 278 33.28 37.70 7.55
CA GLY C 278 31.94 38.05 7.96
C GLY C 278 31.01 36.84 8.05
N PRO C 279 30.92 36.24 9.23
CA PRO C 279 29.92 35.18 9.45
C PRO C 279 28.56 35.80 9.67
N PHE C 280 27.65 35.59 8.72
CA PHE C 280 26.35 36.23 8.66
C PHE C 280 25.21 35.22 8.69
N VAL C 281 24.00 35.75 8.83
CA VAL C 281 22.77 34.97 8.69
C VAL C 281 21.79 35.78 7.83
N PRO C 282 20.79 35.11 7.25
CA PRO C 282 19.83 35.80 6.38
C PRO C 282 19.23 37.06 7.02
N PRO C 283 18.88 37.06 8.32
CA PRO C 283 18.33 38.31 8.88
C PRO C 283 19.26 39.51 8.72
N ILE C 284 20.57 39.30 8.84
CA ILE C 284 21.53 40.40 8.70
C ILE C 284 21.60 40.88 7.26
N VAL C 285 21.63 39.97 6.29
CA VAL C 285 21.71 40.38 4.89
C VAL C 285 20.41 41.05 4.46
N LEU C 286 19.29 40.63 5.04
CA LEU C 286 18.03 41.34 4.79
C LEU C 286 18.12 42.78 5.28
N ALA C 287 18.70 42.99 6.46
CA ALA C 287 18.89 44.35 6.95
C ALA C 287 19.78 45.17 6.02
N ILE C 288 20.87 44.58 5.52
CA ILE C 288 21.72 45.26 4.56
C ILE C 288 20.92 45.62 3.31
N ALA C 289 20.14 44.68 2.80
CA ALA C 289 19.39 44.94 1.58
C ALA C 289 18.38 46.06 1.76
N LYS C 290 17.82 46.20 2.96
CA LYS C 290 16.80 47.19 3.26
C LYS C 290 17.36 48.57 3.65
N SER C 291 18.62 48.67 4.06
CA SER C 291 19.08 49.91 4.68
C SER C 291 19.43 50.96 3.63
N PRO C 292 18.94 52.19 3.77
CA PRO C 292 19.31 53.27 2.83
C PRO C 292 20.76 53.71 2.93
N MET C 293 21.40 53.55 4.08
CA MET C 293 22.73 54.08 4.32
C MET C 293 23.86 53.14 3.90
N VAL C 294 23.54 51.97 3.36
CA VAL C 294 24.57 50.97 3.06
C VAL C 294 25.58 51.52 2.05
N ASP C 295 25.11 52.30 1.07
CA ASP C 295 26.04 52.76 0.05
C ASP C 295 26.98 53.86 0.54
N ASP C 296 26.79 54.37 1.75
CA ASP C 296 27.77 55.31 2.27
C ASP C 296 28.96 54.61 2.90
N TYR C 297 29.02 53.29 2.84
CA TYR C 297 30.04 52.53 3.55
C TYR C 297 30.96 51.84 2.56
N ASP C 298 32.23 51.75 2.94
CA ASP C 298 33.24 50.97 2.22
C ASP C 298 33.34 49.62 2.92
N LEU C 299 32.82 48.56 2.28
CA LEU C 299 32.86 47.22 2.83
C LEU C 299 33.80 46.31 2.06
N SER C 300 34.68 46.90 1.26
CA SER C 300 35.59 46.17 0.38
C SER C 300 36.58 45.30 1.14
N SER C 301 36.79 45.53 2.44
CA SER C 301 37.73 44.71 3.19
C SER C 301 37.25 43.27 3.36
N VAL C 302 35.95 43.02 3.21
CA VAL C 302 35.40 41.69 3.52
C VAL C 302 35.78 40.72 2.40
N ARG C 303 36.64 39.74 2.72
CA ARG C 303 37.04 38.75 1.73
C ARG C 303 36.25 37.44 1.81
N THR C 304 35.61 37.14 2.93
CA THR C 304 34.85 35.90 3.05
C THR C 304 33.55 36.18 3.79
N VAL C 305 32.43 35.74 3.22
CA VAL C 305 31.16 35.84 3.93
C VAL C 305 30.65 34.43 4.20
N MET C 306 30.63 34.04 5.47
CA MET C 306 30.18 32.71 5.87
C MET C 306 28.71 32.81 6.28
N SER C 307 27.91 31.88 5.77
CA SER C 307 26.49 31.81 6.09
C SER C 307 26.28 30.76 7.16
N GLY C 308 26.09 31.19 8.42
N GLY C 308 26.36 31.21 8.41
CA GLY C 308 25.94 30.25 9.53
CA GLY C 308 25.78 30.43 9.49
C GLY C 308 24.55 30.08 10.15
C GLY C 308 24.28 30.29 9.26
N ALA C 309 23.78 29.12 9.62
CA ALA C 309 22.34 28.88 9.78
C ALA C 309 21.73 28.60 8.42
N ALA C 310 20.51 29.09 8.22
CA ALA C 310 19.74 28.76 7.04
C ALA C 310 20.34 29.37 5.77
N PRO C 311 20.02 28.80 4.60
CA PRO C 311 20.51 29.36 3.34
C PRO C 311 19.95 30.76 3.06
N LEU C 312 20.74 31.53 2.29
CA LEU C 312 20.40 32.92 2.02
C LEU C 312 19.35 33.06 0.91
N GLY C 313 19.52 32.32 -0.19
CA GLY C 313 18.66 32.48 -1.34
C GLY C 313 19.18 33.50 -2.34
N LYS C 314 18.61 33.43 -3.55
CA LYS C 314 19.10 34.21 -4.68
C LYS C 314 19.06 35.71 -4.41
N GLU C 315 18.08 36.19 -3.65
CA GLU C 315 17.93 37.64 -3.51
C GLU C 315 18.92 38.20 -2.50
N LEU C 316 19.15 37.47 -1.41
CA LEU C 316 20.17 37.89 -0.45
C LEU C 316 21.57 37.58 -0.96
N GLU C 317 21.73 36.53 -1.76
CA GLU C 317 23.04 36.28 -2.35
C GLU C 317 23.46 37.44 -3.25
N ASP C 318 22.55 37.94 -4.09
CA ASP C 318 22.87 39.10 -4.91
C ASP C 318 23.18 40.32 -4.06
N THR C 319 22.52 40.46 -2.92
CA THR C 319 22.83 41.58 -2.03
C THR C 319 24.26 41.49 -1.53
N VAL C 320 24.71 40.28 -1.22
CA VAL C 320 26.07 40.10 -0.69
C VAL C 320 27.10 40.36 -1.77
N ARG C 321 26.86 39.88 -3.00
CA ARG C 321 27.82 40.18 -4.04
C ARG C 321 27.77 41.64 -4.46
N ALA C 322 26.61 42.30 -4.31
CA ALA C 322 26.53 43.70 -4.70
C ALA C 322 27.28 44.59 -3.72
N LYS C 323 27.21 44.31 -2.41
CA LYS C 323 27.76 45.20 -1.41
C LYS C 323 29.08 44.72 -0.82
N PHE C 324 29.41 43.45 -0.98
CA PHE C 324 30.71 42.99 -0.52
C PHE C 324 31.50 42.56 -1.76
N PRO C 325 31.92 43.54 -2.59
CA PRO C 325 32.50 43.22 -3.90
C PRO C 325 33.66 42.24 -3.85
N ASN C 326 34.35 42.14 -2.74
CA ASN C 326 35.53 41.30 -2.68
C ASN C 326 35.29 39.98 -1.98
N ALA C 327 34.06 39.71 -1.58
CA ALA C 327 33.80 38.58 -0.70
C ALA C 327 33.44 37.33 -1.50
N LYS C 328 34.11 36.23 -1.21
CA LYS C 328 33.57 34.94 -1.62
C LYS C 328 32.37 34.58 -0.77
N LEU C 329 31.34 34.06 -1.43
CA LEU C 329 30.12 33.65 -0.78
C LEU C 329 30.08 32.12 -0.75
N GLY C 330 29.60 31.56 0.36
CA GLY C 330 29.64 30.13 0.52
C GLY C 330 28.92 29.63 1.75
N GLN C 331 28.30 28.47 1.66
CA GLN C 331 27.42 27.94 2.69
C GLN C 331 27.97 26.62 3.18
N GLY C 332 27.92 26.42 4.50
CA GLY C 332 28.24 25.15 5.12
C GLY C 332 27.01 24.49 5.68
N TYR C 333 27.23 23.55 6.61
CA TYR C 333 26.13 22.80 7.19
C TYR C 333 26.52 22.35 8.60
N GLY C 334 25.70 22.73 9.59
CA GLY C 334 25.99 22.44 10.98
C GLY C 334 24.76 22.01 11.74
N MET C 335 25.01 21.44 12.92
CA MET C 335 24.00 20.97 13.86
C MET C 335 24.66 20.77 15.20
N THR C 336 24.04 21.23 16.30
CA THR C 336 24.73 21.26 17.59
C THR C 336 25.34 19.91 17.93
N GLU C 337 24.56 18.84 17.82
CA GLU C 337 25.04 17.49 18.15
C GLU C 337 26.26 17.08 17.32
N ALA C 338 26.45 17.65 16.15
CA ALA C 338 27.53 17.25 15.26
C ALA C 338 28.84 17.93 15.57
N GLY C 339 28.87 18.81 16.57
CA GLY C 339 30.13 19.38 16.97
C GLY C 339 30.45 20.86 16.79
N PRO C 340 29.69 21.62 15.96
CA PRO C 340 28.48 21.49 15.16
C PRO C 340 28.70 21.20 13.67
N VAL C 341 29.92 21.31 13.16
CA VAL C 341 30.15 21.43 11.72
C VAL C 341 30.18 20.05 11.07
N LEU C 342 29.28 19.82 10.11
CA LEU C 342 29.31 18.61 9.28
C LEU C 342 30.01 18.83 7.94
N ALA C 343 29.77 19.96 7.29
CA ALA C 343 30.29 20.24 5.97
C ALA C 343 30.69 21.70 5.88
N MET C 344 31.71 21.97 5.06
CA MET C 344 32.25 23.31 4.93
C MET C 344 32.45 23.64 3.47
N CYS C 345 32.26 24.92 3.14
CA CYS C 345 32.40 25.36 1.76
C CYS C 345 33.86 25.33 1.35
N LEU C 346 34.20 24.48 0.37
CA LEU C 346 35.58 24.33 -0.06
C LEU C 346 36.11 25.52 -0.87
N ALA C 347 35.25 26.45 -1.26
CA ALA C 347 35.73 27.67 -1.87
C ALA C 347 36.55 28.52 -0.89
N PHE C 348 36.54 28.19 0.40
CA PHE C 348 37.31 28.91 1.41
C PHE C 348 38.67 28.29 1.67
N ALA C 349 38.98 27.14 1.06
CA ALA C 349 40.24 26.47 1.36
C ALA C 349 41.40 27.32 0.86
N LYS C 350 42.58 27.11 1.47
CA LYS C 350 43.73 27.91 1.10
C LYS C 350 44.08 27.70 -0.37
N GLU C 351 43.87 26.50 -0.88
CA GLU C 351 43.77 26.25 -2.32
C GLU C 351 42.33 25.83 -2.60
N PRO C 352 41.49 26.76 -3.05
CA PRO C 352 40.04 26.55 -3.01
C PRO C 352 39.53 25.62 -4.10
N PHE C 353 38.30 25.17 -3.92
CA PHE C 353 37.62 24.29 -4.86
C PHE C 353 36.42 24.99 -5.47
N GLU C 354 36.08 24.61 -6.71
CA GLU C 354 34.82 25.06 -7.30
C GLU C 354 33.64 24.59 -6.46
N ILE C 355 32.65 25.48 -6.30
CA ILE C 355 31.41 25.15 -5.61
C ILE C 355 30.23 25.51 -6.52
N LYS C 356 29.04 25.00 -6.16
CA LYS C 356 27.84 25.18 -6.93
C LYS C 356 26.78 25.91 -6.12
N SER C 357 25.90 26.62 -6.83
CA SER C 357 24.81 27.36 -6.18
C SER C 357 23.86 26.42 -5.47
N GLY C 358 23.53 26.75 -4.22
CA GLY C 358 22.62 25.95 -3.42
C GLY C 358 23.28 24.82 -2.66
N ALA C 359 24.58 24.62 -2.83
CA ALA C 359 25.32 23.57 -2.13
C ALA C 359 25.61 24.01 -0.69
N CYS C 360 25.84 23.03 0.18
CA CYS C 360 26.08 23.31 1.59
C CYS C 360 27.43 22.79 2.06
N GLY C 361 28.38 22.68 1.15
CA GLY C 361 29.74 22.29 1.49
C GLY C 361 29.98 20.81 1.27
N THR C 362 31.23 20.44 1.54
CA THR C 362 31.69 19.07 1.45
C THR C 362 31.96 18.57 2.87
N VAL C 363 31.61 17.31 3.15
CA VAL C 363 31.81 16.76 4.50
C VAL C 363 33.23 17.07 4.98
N VAL C 364 33.35 17.36 6.28
CA VAL C 364 34.64 17.75 6.85
C VAL C 364 35.62 16.58 6.74
N ARG C 365 36.90 16.93 6.57
CA ARG C 365 37.96 15.93 6.61
C ARG C 365 37.96 15.21 7.94
N ASN C 366 38.62 14.05 7.98
CA ASN C 366 38.70 13.21 9.18
C ASN C 366 37.30 12.87 9.68
N ALA C 367 36.39 12.58 8.76
CA ALA C 367 35.05 12.15 9.12
C ALA C 367 34.50 11.29 8.00
N GLU C 368 33.36 10.69 8.26
CA GLU C 368 32.64 9.92 7.26
C GLU C 368 31.17 10.30 7.32
N MET C 369 30.52 10.28 6.14
CA MET C 369 29.13 10.63 6.03
C MET C 369 28.42 9.62 5.14
N LYS C 370 27.18 9.31 5.47
CA LYS C 370 26.35 8.46 4.63
C LYS C 370 24.97 9.09 4.51
N ILE C 371 24.26 8.69 3.47
CA ILE C 371 22.92 9.17 3.19
C ILE C 371 22.01 7.97 3.25
N VAL C 372 21.11 7.95 4.23
CA VAL C 372 20.32 6.78 4.53
C VAL C 372 18.86 7.05 4.22
N ASP C 373 18.27 6.12 3.53
CA ASP C 373 16.86 6.15 3.23
C ASP C 373 16.14 5.63 4.48
N PRO C 374 15.21 6.39 5.08
CA PRO C 374 14.59 5.92 6.33
C PRO C 374 13.60 4.78 6.19
N LYS C 375 12.96 4.57 5.03
CA LYS C 375 12.23 3.32 4.80
C LYS C 375 13.12 2.10 5.05
N THR C 376 14.23 1.98 4.29
CA THR C 376 15.05 0.77 4.28
C THR C 376 16.15 0.78 5.34
N GLY C 377 16.82 1.91 5.54
CA GLY C 377 17.99 1.95 6.41
C GLY C 377 19.31 1.66 5.75
N ASN C 378 19.39 1.66 4.42
CA ASN C 378 20.62 1.36 3.71
C ASN C 378 21.18 2.64 3.08
N SER C 379 22.52 2.72 3.03
CA SER C 379 23.18 3.89 2.47
C SER C 379 22.93 3.95 0.97
N LEU C 380 22.81 5.17 0.46
CA LEU C 380 22.46 5.38 -0.93
C LEU C 380 23.65 5.92 -1.73
N PRO C 381 23.61 5.78 -3.07
CA PRO C 381 24.66 6.38 -3.91
C PRO C 381 24.58 7.89 -3.95
N ARG C 382 25.41 8.49 -4.80
CA ARG C 382 25.32 9.93 -5.00
C ARG C 382 24.00 10.26 -5.69
N ASN C 383 23.62 11.54 -5.62
CA ASN C 383 22.45 12.09 -6.31
C ASN C 383 21.14 11.43 -5.90
N GLN C 384 21.06 10.86 -4.70
CA GLN C 384 19.81 10.32 -4.18
C GLN C 384 19.58 10.84 -2.78
N SER C 385 18.33 11.15 -2.48
CA SER C 385 17.99 11.95 -1.31
C SER C 385 17.79 11.01 -0.13
N GLY C 386 18.29 11.41 1.03
CA GLY C 386 18.14 10.57 2.21
C GLY C 386 18.66 11.28 3.45
N GLU C 387 18.60 10.57 4.58
CA GLU C 387 18.99 11.17 5.84
C GLU C 387 20.51 11.29 5.95
N ILE C 388 20.98 12.49 6.26
CA ILE C 388 22.41 12.72 6.42
C ILE C 388 22.88 12.13 7.74
N CYS C 389 23.98 11.40 7.70
CA CYS C 389 24.60 10.85 8.90
C CYS C 389 26.08 11.19 8.88
N ILE C 390 26.65 11.37 10.07
CA ILE C 390 28.06 11.69 10.18
C ILE C 390 28.68 10.88 11.31
N ARG C 391 29.94 10.52 11.12
CA ARG C 391 30.67 9.78 12.12
C ARG C 391 32.07 10.36 12.22
N GLY C 392 32.51 10.59 13.45
CA GLY C 392 33.84 11.09 13.72
C GLY C 392 33.94 11.52 15.16
N ASP C 393 35.17 11.87 15.56
CA ASP C 393 35.40 12.27 16.94
C ASP C 393 34.95 13.68 17.23
N GLN C 394 34.44 14.42 16.25
CA GLN C 394 34.00 15.77 16.53
C GLN C 394 32.58 15.84 17.06
N ILE C 395 31.87 14.70 17.09
CA ILE C 395 30.46 14.74 17.44
C ILE C 395 30.29 14.75 18.96
N MET C 396 29.10 15.15 19.41
CA MET C 396 28.74 15.20 20.82
C MET C 396 29.06 13.89 21.52
N LYS C 397 29.16 13.93 22.85
CA LYS C 397 29.23 12.67 23.58
C LYS C 397 27.85 12.08 23.82
N GLY C 398 26.83 12.93 23.88
CA GLY C 398 25.48 12.46 24.12
C GLY C 398 24.67 13.57 24.77
N TYR C 399 23.40 13.29 25.03
CA TYR C 399 22.58 14.22 25.78
C TYR C 399 22.78 14.00 27.27
N LEU C 400 22.89 15.11 28.01
CA LEU C 400 23.19 15.05 29.43
C LEU C 400 21.99 14.48 30.18
N ASN C 401 22.25 13.47 31.03
CA ASN C 401 21.22 12.77 31.83
C ASN C 401 20.06 12.28 30.96
N ASP C 402 20.33 11.93 29.72
CA ASP C 402 19.31 11.45 28.78
C ASP C 402 19.92 10.36 27.92
N PRO C 403 20.23 9.21 28.52
CA PRO C 403 20.85 8.14 27.74
C PRO C 403 19.95 7.60 26.64
N GLU C 404 18.62 7.66 26.83
CA GLU C 404 17.72 7.06 25.86
C GLU C 404 17.67 7.87 24.58
N ALA C 405 17.61 9.21 24.68
CA ALA C 405 17.69 10.02 23.48
C ALA C 405 19.03 9.84 22.78
N THR C 406 20.11 9.70 23.55
CA THR C 406 21.43 9.53 22.95
C THR C 406 21.48 8.30 22.05
N ALA C 407 20.98 7.16 22.52
CA ALA C 407 21.07 5.94 21.74
C ALA C 407 20.19 5.98 20.50
N ARG C 408 19.12 6.78 20.53
CA ARG C 408 18.25 6.98 19.37
C ARG C 408 18.60 8.26 18.60
N THR C 409 19.87 8.69 18.67
CA THR C 409 20.39 9.79 17.85
C THR C 409 21.78 9.45 17.32
N ILE C 410 22.57 8.76 18.15
CA ILE C 410 23.85 8.18 17.76
C ILE C 410 23.72 6.68 17.90
N ASP C 411 24.04 5.94 16.85
CA ASP C 411 23.83 4.51 16.90
C ASP C 411 25.13 3.82 17.35
N LYS C 412 25.13 2.48 17.24
CA LYS C 412 26.08 1.66 17.97
C LYS C 412 27.47 1.67 17.35
N GLU C 413 27.57 1.93 16.05
CA GLU C 413 28.87 2.16 15.42
C GLU C 413 29.12 3.64 15.15
N GLY C 414 28.49 4.53 15.92
CA GLY C 414 28.91 5.91 16.01
C GLY C 414 28.25 6.89 15.07
N TRP C 415 27.25 6.47 14.28
CA TRP C 415 26.62 7.34 13.30
C TRP C 415 25.65 8.31 13.97
N LEU C 416 25.81 9.60 13.68
CA LEU C 416 24.88 10.63 14.14
C LEU C 416 23.84 10.90 13.04
N TYR C 417 22.57 10.78 13.39
CA TYR C 417 21.46 10.95 12.45
C TYR C 417 20.89 12.35 12.63
N THR C 418 21.05 13.20 11.60
CA THR C 418 20.70 14.61 11.69
C THR C 418 19.20 14.90 11.60
N GLY C 419 18.40 13.97 11.09
CA GLY C 419 17.01 14.29 10.80
C GLY C 419 16.80 15.18 9.60
N ASP C 420 17.85 15.53 8.88
CA ASP C 420 17.76 16.35 7.68
C ASP C 420 17.94 15.47 6.45
N ILE C 421 17.34 15.90 5.34
CA ILE C 421 17.28 15.11 4.13
C ILE C 421 18.06 15.81 3.02
N GLY C 422 18.98 15.08 2.40
CA GLY C 422 19.79 15.65 1.36
C GLY C 422 20.48 14.60 0.52
N TYR C 423 21.40 15.07 -0.34
CA TYR C 423 22.13 14.18 -1.23
C TYR C 423 23.51 14.75 -1.50
N ILE C 424 24.41 13.88 -1.95
CA ILE C 424 25.76 14.26 -2.31
C ILE C 424 25.94 14.00 -3.79
N ASP C 425 26.50 14.97 -4.51
CA ASP C 425 26.53 14.88 -5.96
C ASP C 425 27.92 14.43 -6.40
N ASP C 426 28.16 14.47 -7.71
CA ASP C 426 29.42 13.97 -8.29
C ASP C 426 30.63 14.76 -7.86
N ASP C 427 30.47 16.02 -7.47
CA ASP C 427 31.59 16.80 -7.01
C ASP C 427 31.76 16.73 -5.49
N ASP C 428 31.09 15.79 -4.84
CA ASP C 428 31.06 15.69 -3.37
C ASP C 428 30.65 17.00 -2.73
N GLU C 429 29.69 17.68 -3.33
CA GLU C 429 29.03 18.79 -2.68
C GLU C 429 27.68 18.31 -2.16
N LEU C 430 27.40 18.65 -0.91
CA LEU C 430 26.16 18.27 -0.25
C LEU C 430 25.07 19.28 -0.60
N PHE C 431 23.87 18.77 -0.83
CA PHE C 431 22.67 19.57 -1.04
C PHE C 431 21.60 19.10 -0.04
N ILE C 432 20.99 20.04 0.68
CA ILE C 432 19.96 19.75 1.67
C ILE C 432 18.60 20.14 1.12
N VAL C 433 17.66 19.20 1.17
CA VAL C 433 16.35 19.41 0.57
C VAL C 433 15.20 19.54 1.59
N ASP C 434 15.38 19.05 2.82
CA ASP C 434 14.32 19.14 3.83
C ASP C 434 14.97 19.16 5.21
N ARG C 435 14.81 20.30 5.91
CA ARG C 435 15.20 20.50 7.30
C ARG C 435 14.02 20.53 8.27
N LEU C 436 12.80 20.72 7.77
CA LEU C 436 11.59 20.80 8.58
C LEU C 436 11.26 19.43 9.18
N LYS C 437 11.42 19.30 10.51
CA LYS C 437 11.21 18.03 11.23
C LYS C 437 9.81 17.43 11.17
N GLU C 438 9.54 16.49 12.08
CA GLU C 438 8.52 15.44 11.95
C GLU C 438 7.37 15.72 12.92
N LEU C 439 6.48 16.64 12.54
CA LEU C 439 5.54 17.22 13.50
C LEU C 439 4.11 17.05 13.02
N ILE C 440 3.17 16.98 13.98
CA ILE C 440 1.80 16.55 13.71
C ILE C 440 1.00 17.72 13.19
N LYS C 441 0.03 17.45 12.32
CA LYS C 441 -0.92 18.50 11.95
C LYS C 441 -2.17 18.39 12.81
N TYR C 442 -2.61 19.54 13.25
CA TYR C 442 -3.93 19.74 13.82
C TYR C 442 -4.58 20.83 12.97
N LYS C 443 -5.75 21.32 13.41
CA LYS C 443 -6.47 22.31 12.62
C LYS C 443 -5.61 23.48 12.16
N GLY C 444 -4.43 23.64 12.75
CA GLY C 444 -3.42 24.56 12.29
C GLY C 444 -2.35 24.73 13.33
N PHE C 445 -2.06 23.64 14.05
CA PHE C 445 -1.13 23.65 15.18
C PHE C 445 -0.02 22.62 14.99
N GLN C 446 0.88 22.58 15.97
CA GLN C 446 2.16 21.85 15.90
C GLN C 446 2.34 21.03 17.17
N VAL C 447 2.49 19.71 17.02
CA VAL C 447 2.55 18.83 18.18
C VAL C 447 3.76 17.92 18.04
N ALA C 448 4.63 17.92 19.05
CA ALA C 448 5.90 17.19 19.00
C ALA C 448 5.80 15.78 19.58
N PRO C 449 5.92 14.73 18.77
CA PRO C 449 5.83 13.36 19.33
C PRO C 449 6.73 13.13 20.53
N ALA C 450 7.99 13.56 20.47
CA ALA C 450 8.88 13.33 21.59
C ALA C 450 8.39 14.00 22.87
N GLU C 451 7.74 15.17 22.76
CA GLU C 451 7.20 15.79 23.97
C GLU C 451 6.14 14.90 24.60
N LEU C 452 5.20 14.39 23.77
CA LEU C 452 4.19 13.52 24.35
C LEU C 452 4.77 12.17 24.72
N GLU C 453 5.69 11.61 23.91
CA GLU C 453 6.31 10.34 24.29
C GLU C 453 7.00 10.47 25.63
N ALA C 454 7.67 11.60 25.88
CA ALA C 454 8.29 11.82 27.18
C ALA C 454 7.27 11.84 28.31
N LEU C 455 6.05 12.33 28.03
CA LEU C 455 5.03 12.36 29.07
C LEU C 455 4.44 10.98 29.35
N LEU C 456 4.41 10.09 28.36
CA LEU C 456 3.86 8.77 28.62
C LEU C 456 4.81 7.91 29.45
N LEU C 457 6.12 8.05 29.27
CA LEU C 457 7.07 7.25 30.06
C LEU C 457 6.98 7.58 31.54
N ASN C 458 6.86 8.86 31.87
CA ASN C 458 6.77 9.27 33.27
C ASN C 458 5.60 8.64 34.01
N HIS C 459 4.71 7.91 33.32
CA HIS C 459 3.77 7.04 33.99
C HIS C 459 4.46 5.68 34.15
N PRO C 460 4.81 5.27 35.37
CA PRO C 460 5.65 4.06 35.50
C PRO C 460 5.01 2.82 34.90
N ASN C 461 3.68 2.72 34.94
CA ASN C 461 2.88 1.65 34.35
C ASN C 461 2.93 1.63 32.82
N ILE C 462 3.83 2.39 32.21
CA ILE C 462 4.00 2.45 30.76
C ILE C 462 5.46 2.12 30.47
N SER C 463 5.72 0.91 29.98
CA SER C 463 7.08 0.49 29.72
C SER C 463 7.71 1.34 28.64
N ASP C 464 7.04 1.47 27.49
CA ASP C 464 7.61 2.25 26.40
C ASP C 464 6.47 2.69 25.49
N ALA C 465 6.76 3.67 24.62
CA ALA C 465 5.70 4.33 23.88
C ALA C 465 6.30 5.12 22.72
N ALA C 466 5.44 5.42 21.75
CA ALA C 466 5.78 6.26 20.60
C ALA C 466 4.49 6.79 20.00
N VAL C 467 4.45 8.10 19.71
CA VAL C 467 3.26 8.76 19.17
C VAL C 467 3.48 9.18 17.72
N VAL C 468 2.37 9.17 17.02
CA VAL C 468 2.18 8.80 15.63
C VAL C 468 1.05 9.68 15.10
N PRO C 469 1.16 10.31 13.94
CA PRO C 469 -0.05 10.90 13.36
C PRO C 469 -1.02 9.86 12.84
N MET C 470 -2.23 10.37 12.64
CA MET C 470 -3.36 9.62 12.15
C MET C 470 -4.36 10.62 11.61
N LYS C 471 -5.15 10.18 10.65
CA LYS C 471 -6.38 10.89 10.25
C LYS C 471 -6.08 12.11 9.39
N GLN C 474 -10.82 12.61 8.58
CA GLN C 474 -12.01 13.45 8.73
C GLN C 474 -11.65 14.91 8.60
N ALA C 475 -11.64 15.59 9.75
CA ALA C 475 -11.21 16.98 9.83
C ALA C 475 -9.71 17.07 9.59
N GLY C 476 -8.92 16.76 10.62
CA GLY C 476 -7.49 16.98 10.52
C GLY C 476 -6.66 15.72 10.51
N GLU C 477 -5.59 15.77 11.32
CA GLU C 477 -4.72 14.72 11.82
C GLU C 477 -4.55 15.01 13.30
N VAL C 478 -3.90 14.11 14.00
CA VAL C 478 -4.31 13.83 15.38
C VAL C 478 -3.24 12.92 15.97
N PRO C 479 -2.70 13.26 17.13
CA PRO C 479 -1.68 12.42 17.75
C PRO C 479 -2.30 11.14 18.25
N VAL C 480 -1.54 10.05 18.09
CA VAL C 480 -2.02 8.72 18.41
C VAL C 480 -0.83 7.94 18.96
N ALA C 481 -1.01 7.28 20.08
CA ALA C 481 0.09 6.66 20.80
C ALA C 481 -0.04 5.14 20.79
N PHE C 482 1.10 4.46 20.64
CA PHE C 482 1.23 3.03 20.88
C PHE C 482 1.99 2.83 22.18
N VAL C 483 1.42 2.05 23.11
CA VAL C 483 1.88 1.98 24.50
C VAL C 483 2.15 0.53 24.86
N VAL C 484 3.28 0.27 25.51
CA VAL C 484 3.65 -1.11 25.81
C VAL C 484 3.08 -1.59 27.14
N ARG C 485 2.98 -0.71 28.13
CA ARG C 485 2.44 -1.05 29.46
C ARG C 485 3.42 -1.93 30.22
N SER C 486 3.27 -2.02 31.55
CA SER C 486 4.17 -2.76 32.41
C SER C 486 4.35 -4.22 31.96
N GLY C 488 2.12 -6.58 34.61
CA GLY C 488 2.16 -5.67 35.74
C GLY C 488 0.79 -5.11 36.15
N SER C 489 0.07 -4.53 35.20
CA SER C 489 -1.20 -3.90 35.57
C SER C 489 -2.02 -3.58 34.33
N THR C 490 -3.32 -3.78 34.48
CA THR C 490 -4.32 -3.11 33.65
C THR C 490 -4.11 -1.59 33.69
N ILE C 491 -3.97 -0.99 32.51
CA ILE C 491 -4.20 0.45 32.34
C ILE C 491 -5.05 0.60 31.08
N THR C 492 -6.24 1.16 31.23
CA THR C 492 -7.14 1.26 30.09
C THR C 492 -6.72 2.39 29.15
N GLU C 493 -7.34 2.40 27.98
CA GLU C 493 -7.13 3.46 27.01
C GLU C 493 -7.52 4.81 27.59
N ASP C 494 -8.73 4.89 28.15
CA ASP C 494 -9.24 6.16 28.63
C ASP C 494 -8.39 6.73 29.76
N GLU C 495 -7.71 5.86 30.52
CA GLU C 495 -6.86 6.33 31.61
C GLU C 495 -5.59 7.01 31.10
N VAL C 496 -4.96 6.44 30.08
CA VAL C 496 -3.79 7.07 29.48
C VAL C 496 -4.17 8.39 28.82
N LYS C 497 -5.33 8.46 28.17
CA LYS C 497 -5.72 9.69 27.49
C LYS C 497 -6.00 10.79 28.50
N ASP C 498 -6.73 10.46 29.57
CA ASP C 498 -7.04 11.47 30.58
C ASP C 498 -5.80 11.85 31.39
N PHE C 499 -4.82 10.95 31.48
CA PHE C 499 -3.55 11.28 32.10
C PHE C 499 -2.77 12.30 31.26
N ILE C 500 -2.88 12.23 29.94
CA ILE C 500 -2.15 13.14 29.06
C ILE C 500 -2.91 14.44 28.85
N SER C 501 -4.23 14.35 28.73
CA SER C 501 -5.00 15.55 28.46
C SER C 501 -4.90 16.53 29.61
N LYS C 502 -4.76 16.03 30.85
CA LYS C 502 -4.59 16.87 32.03
C LYS C 502 -3.29 17.65 31.99
N GLN C 503 -2.30 17.19 31.22
CA GLN C 503 -0.97 17.75 31.25
C GLN C 503 -0.70 18.72 30.11
N VAL C 504 -1.45 18.66 29.02
CA VAL C 504 -1.11 19.42 27.82
C VAL C 504 -2.30 20.27 27.36
N ILE C 505 -1.95 21.33 26.64
CA ILE C 505 -2.95 22.13 25.96
C ILE C 505 -3.74 21.27 24.96
N PHE C 506 -4.96 21.72 24.66
CA PHE C 506 -5.95 20.83 24.03
C PHE C 506 -5.42 20.24 22.71
N TYR C 507 -4.73 21.04 21.88
CA TYR C 507 -4.37 20.50 20.56
C TYR C 507 -3.25 19.46 20.59
N LYS C 508 -2.59 19.23 21.72
CA LYS C 508 -1.60 18.16 21.77
C LYS C 508 -2.13 16.90 22.44
N ARG C 509 -3.44 16.75 22.56
CA ARG C 509 -3.89 15.58 23.28
C ARG C 509 -4.00 14.37 22.39
N ILE C 510 -3.72 13.22 22.99
CA ILE C 510 -3.74 11.93 22.32
C ILE C 510 -5.19 11.50 22.14
N LYS C 511 -5.58 11.22 20.91
CA LYS C 511 -6.97 10.87 20.69
C LYS C 511 -7.22 9.38 20.69
N ARG C 512 -6.18 8.54 20.59
CA ARG C 512 -6.38 7.10 20.65
C ARG C 512 -5.12 6.42 21.17
N VAL C 513 -5.30 5.40 22.01
CA VAL C 513 -4.19 4.65 22.58
C VAL C 513 -4.26 3.21 22.11
N PHE C 514 -3.11 2.62 21.74
CA PHE C 514 -3.01 1.21 21.39
C PHE C 514 -1.98 0.53 22.27
N PHE C 515 -2.35 -0.61 22.83
CA PHE C 515 -1.48 -1.34 23.75
C PHE C 515 -0.84 -2.50 23.02
N VAL C 516 0.48 -2.48 22.98
CA VAL C 516 1.26 -3.51 22.30
C VAL C 516 2.14 -4.17 23.36
N ASP C 517 2.86 -5.22 22.98
CA ASP C 517 3.79 -5.87 23.91
C ASP C 517 5.24 -5.47 23.67
N ALA C 518 5.54 -4.86 22.53
CA ALA C 518 6.82 -4.23 22.24
C ALA C 518 6.57 -3.21 21.14
N ILE C 519 7.52 -2.30 20.93
CA ILE C 519 7.38 -1.24 19.93
C ILE C 519 8.22 -1.60 18.71
N PRO C 520 7.66 -1.50 17.49
CA PRO C 520 8.40 -1.51 16.23
C PRO C 520 9.14 -0.19 16.05
N GLY C 525 18.02 0.59 17.19
CA GLY C 525 17.50 1.66 18.02
C GLY C 525 16.52 2.60 17.33
N LYS C 526 16.47 2.49 16.00
CA LYS C 526 15.54 3.28 15.20
C LYS C 526 14.10 2.83 15.46
N ILE C 527 13.26 3.74 15.95
CA ILE C 527 11.85 3.40 16.09
C ILE C 527 11.28 3.28 14.67
N LEU C 528 10.90 2.07 14.29
CA LEU C 528 10.25 1.80 13.02
C LEU C 528 8.92 2.53 12.92
N ARG C 529 8.96 3.84 12.68
CA ARG C 529 7.74 4.64 12.84
C ARG C 529 6.79 4.50 11.66
N LYS C 530 7.19 4.99 10.48
CA LYS C 530 6.22 5.14 9.39
C LYS C 530 5.62 3.82 8.91
N ASP C 531 6.07 2.70 9.48
CA ASP C 531 5.30 1.46 9.34
C ASP C 531 4.18 1.36 10.37
N LEU C 532 4.41 1.89 11.58
CA LEU C 532 3.32 2.09 12.52
C LEU C 532 2.17 2.89 11.90
N ARG C 533 2.49 3.90 11.07
CA ARG C 533 1.43 4.67 10.41
C ARG C 533 0.60 3.79 9.51
N ALA C 534 1.26 3.00 8.67
CA ALA C 534 0.55 2.13 7.75
C ALA C 534 -0.24 1.08 8.51
N LYS C 535 0.23 0.70 9.70
CA LYS C 535 -0.51 -0.19 10.59
C LYS C 535 -1.82 0.46 11.04
N LEU C 536 -2.02 1.72 10.64
CA LEU C 536 -3.28 2.44 10.80
C LEU C 536 -3.96 2.67 9.46
N ALA C 537 -3.84 1.69 8.55
CA ALA C 537 -4.39 1.85 7.19
C ALA C 537 -5.89 2.10 7.22
N ALA C 538 -6.62 1.34 8.06
CA ALA C 538 -8.06 1.45 8.30
C ALA C 538 -8.43 0.16 9.01
N ASP D 9 -12.30 -41.37 26.18
CA ASP D 9 -12.67 -40.15 25.45
C ASP D 9 -11.91 -38.91 25.87
N ILE D 10 -11.48 -38.14 24.88
CA ILE D 10 -10.85 -36.83 25.11
C ILE D 10 -11.95 -35.77 25.14
N ILE D 11 -12.11 -35.14 26.31
CA ILE D 11 -13.22 -34.22 26.59
C ILE D 11 -12.64 -32.90 27.08
N PHE D 12 -13.10 -31.81 26.49
CA PHE D 12 -12.67 -30.46 26.84
C PHE D 12 -13.75 -29.76 27.65
N ARG D 13 -13.31 -28.84 28.50
CA ARG D 13 -14.23 -28.12 29.38
C ARG D 13 -13.77 -26.67 29.40
N SER D 14 -14.61 -25.84 30.02
CA SER D 14 -14.30 -24.41 30.12
C SER D 14 -13.04 -24.19 30.91
N LYS D 15 -12.34 -23.10 30.58
CA LYS D 15 -11.23 -22.68 31.43
C LYS D 15 -11.70 -22.16 32.78
N LEU D 16 -13.04 -21.87 32.95
CA LEU D 16 -13.73 -21.41 34.15
C LEU D 16 -14.24 -22.61 34.95
N PRO D 17 -14.30 -22.49 36.28
CA PRO D 17 -14.91 -23.53 37.10
C PRO D 17 -16.39 -23.62 36.81
N ASP D 18 -16.98 -24.78 37.15
CA ASP D 18 -18.43 -24.85 37.10
C ASP D 18 -19.05 -24.02 38.22
N ILE D 19 -20.34 -23.75 38.08
CA ILE D 19 -21.06 -22.90 39.01
C ILE D 19 -22.35 -23.63 39.39
N TYR D 20 -23.01 -23.12 40.43
CA TYR D 20 -24.33 -23.63 40.76
C TYR D 20 -25.33 -23.09 39.75
N ILE D 21 -26.19 -23.95 39.23
CA ILE D 21 -27.19 -23.53 38.25
C ILE D 21 -28.57 -23.96 38.74
N PRO D 22 -29.38 -23.10 39.04
CA PRO D 22 -30.70 -23.47 39.57
C PRO D 22 -31.68 -23.82 38.45
N ASN D 23 -31.32 -24.80 37.61
CA ASN D 23 -32.19 -25.10 36.48
C ASN D 23 -33.42 -25.92 36.87
N HIS D 24 -33.75 -26.00 38.15
CA HIS D 24 -35.04 -26.50 38.62
C HIS D 24 -36.10 -25.39 38.69
N LEU D 25 -35.69 -24.10 38.59
CA LEU D 25 -36.65 -23.01 38.58
C LEU D 25 -37.20 -22.81 37.17
N PRO D 26 -38.49 -22.52 37.04
CA PRO D 26 -39.01 -22.04 35.75
C PRO D 26 -38.30 -20.77 35.28
N LEU D 27 -38.32 -20.57 33.95
CA LEU D 27 -37.51 -19.53 33.31
C LEU D 27 -37.85 -18.13 33.83
N HIS D 28 -39.14 -17.83 34.03
CA HIS D 28 -39.50 -16.51 34.51
C HIS D 28 -39.05 -16.31 35.95
N SER D 29 -39.18 -17.33 36.78
CA SER D 29 -38.73 -17.22 38.16
C SER D 29 -37.22 -17.01 38.21
N TYR D 30 -36.49 -17.64 37.29
CA TYR D 30 -35.03 -17.51 37.33
C TYR D 30 -34.57 -16.14 36.85
N CYS D 31 -35.10 -15.67 35.73
CA CYS D 31 -34.68 -14.37 35.21
C CYS D 31 -35.04 -13.23 36.16
N PHE D 32 -36.14 -13.35 36.91
CA PHE D 32 -36.55 -12.33 37.87
C PHE D 32 -36.14 -12.68 39.31
N GLU D 33 -35.27 -13.66 39.51
CA GLU D 33 -34.99 -14.09 40.88
C GLU D 33 -34.47 -12.94 41.72
N ASN D 34 -33.65 -12.08 41.13
CA ASN D 34 -33.02 -10.98 41.83
C ASN D 34 -33.63 -9.62 41.48
N ILE D 35 -34.91 -9.62 41.09
CA ILE D 35 -35.56 -8.39 40.65
C ILE D 35 -35.66 -7.38 41.78
N SER D 36 -35.77 -7.83 43.02
CA SER D 36 -35.87 -6.91 44.14
C SER D 36 -34.70 -5.93 44.20
N GLU D 37 -33.52 -6.33 43.70
CA GLU D 37 -32.32 -5.50 43.72
C GLU D 37 -32.28 -4.47 42.60
N PHE D 38 -33.15 -4.57 41.59
CA PHE D 38 -33.21 -3.54 40.56
C PHE D 38 -34.63 -3.29 40.06
N SER D 39 -35.62 -3.43 40.95
CA SER D 39 -37.02 -3.30 40.59
C SER D 39 -37.32 -2.02 39.82
N SER D 40 -36.69 -0.91 40.21
CA SER D 40 -37.05 0.38 39.63
C SER D 40 -36.12 0.80 38.51
N ARG D 41 -35.15 -0.04 38.14
CA ARG D 41 -34.27 0.32 37.04
C ARG D 41 -34.95 0.10 35.69
N PRO D 42 -34.51 0.82 34.65
CA PRO D 42 -35.07 0.58 33.32
C PRO D 42 -34.81 -0.84 32.85
N CYS D 43 -35.85 -1.47 32.32
CA CYS D 43 -35.74 -2.83 31.82
C CYS D 43 -35.86 -2.88 30.31
N LEU D 44 -37.00 -2.46 29.73
CA LEU D 44 -37.15 -2.36 28.29
C LEU D 44 -37.27 -0.90 27.88
N ILE D 45 -36.43 -0.48 26.93
CA ILE D 45 -36.47 0.87 26.36
C ILE D 45 -36.83 0.74 24.89
N ASN D 46 -37.96 1.32 24.49
CA ASN D 46 -38.41 1.36 23.11
C ASN D 46 -37.71 2.50 22.39
N GLY D 47 -36.78 2.16 21.50
CA GLY D 47 -36.01 3.19 20.79
C GLY D 47 -36.85 4.08 19.90
N ALA D 48 -37.96 3.56 19.39
CA ALA D 48 -38.85 4.36 18.55
C ALA D 48 -39.53 5.48 19.36
N ASN D 49 -40.40 5.10 20.30
CA ASN D 49 -41.24 6.05 21.04
C ASN D 49 -40.63 6.53 22.35
N LYS D 50 -39.40 6.11 22.67
CA LYS D 50 -38.66 6.52 23.87
C LYS D 50 -39.31 6.08 25.18
N GLN D 51 -40.35 5.25 25.15
CA GLN D 51 -40.96 4.81 26.40
C GLN D 51 -40.05 3.82 27.13
N ILE D 52 -39.98 3.98 28.46
CA ILE D 52 -39.19 3.12 29.31
C ILE D 52 -40.15 2.27 30.15
N TYR D 53 -39.91 0.97 30.16
CA TYR D 53 -40.54 0.03 31.08
C TYR D 53 -39.52 -0.38 32.13
N THR D 54 -39.83 -0.15 33.39
CA THR D 54 -38.95 -0.60 34.46
C THR D 54 -39.08 -2.10 34.65
N TYR D 55 -38.22 -2.65 35.52
CA TYR D 55 -38.25 -4.08 35.79
C TYR D 55 -39.55 -4.50 36.47
N ALA D 56 -39.99 -3.70 37.45
CA ALA D 56 -41.30 -3.94 38.05
C ALA D 56 -42.40 -3.89 36.99
N ASP D 57 -42.38 -2.87 36.11
CA ASP D 57 -43.38 -2.80 35.04
C ASP D 57 -43.33 -4.04 34.17
N VAL D 58 -42.13 -4.53 33.86
CA VAL D 58 -42.00 -5.62 32.92
C VAL D 58 -42.49 -6.92 33.54
N GLU D 59 -42.09 -7.18 34.78
CA GLU D 59 -42.58 -8.40 35.43
C GLU D 59 -44.10 -8.33 35.61
N LEU D 60 -44.63 -7.14 35.95
CA LEU D 60 -46.08 -7.04 36.16
C LEU D 60 -46.83 -7.19 34.85
N ASN D 61 -46.35 -6.52 33.79
CA ASN D 61 -47.04 -6.64 32.51
C ASN D 61 -47.00 -8.06 31.99
N SER D 62 -45.89 -8.78 32.17
CA SER D 62 -45.86 -10.18 31.76
C SER D 62 -46.87 -11.00 32.56
N ARG D 63 -47.00 -10.72 33.86
CA ARG D 63 -47.99 -11.47 34.63
C ARG D 63 -49.40 -11.16 34.13
N LYS D 64 -49.68 -9.90 33.77
CA LYS D 64 -51.00 -9.57 33.25
C LYS D 64 -51.26 -10.27 31.91
N VAL D 65 -50.27 -10.28 31.02
CA VAL D 65 -50.43 -10.96 29.74
C VAL D 65 -50.69 -12.44 29.97
N ALA D 66 -50.02 -13.02 30.97
CA ALA D 66 -50.24 -14.44 31.30
C ALA D 66 -51.70 -14.69 31.66
N ALA D 67 -52.25 -13.87 32.56
CA ALA D 67 -53.64 -14.01 32.92
C ALA D 67 -54.51 -13.77 31.70
N GLY D 68 -54.11 -12.80 30.86
CA GLY D 68 -54.82 -12.57 29.60
C GLY D 68 -54.78 -13.78 28.68
N LEU D 69 -53.59 -14.38 28.52
CA LEU D 69 -53.48 -15.56 27.67
C LEU D 69 -54.34 -16.69 28.21
N HIS D 70 -54.42 -16.81 29.54
CA HIS D 70 -55.24 -17.87 30.14
C HIS D 70 -56.70 -17.65 29.82
N LYS D 71 -57.18 -16.42 29.96
CA LYS D 71 -58.57 -16.10 29.63
C LYS D 71 -58.84 -16.37 28.16
N GLN D 72 -57.82 -16.33 27.30
CA GLN D 72 -58.07 -16.66 25.90
C GLN D 72 -58.07 -18.17 25.65
N GLY D 73 -57.86 -19.00 26.68
CA GLY D 73 -57.92 -20.43 26.50
C GLY D 73 -56.57 -21.15 26.49
N ILE D 74 -55.45 -20.45 26.62
CA ILE D 74 -54.13 -21.09 26.65
C ILE D 74 -53.94 -21.87 27.94
N GLN D 75 -53.58 -23.15 27.83
CA GLN D 75 -53.32 -24.00 28.99
C GLN D 75 -51.85 -24.42 28.99
N PRO D 76 -51.33 -25.01 30.07
CA PRO D 76 -49.96 -25.54 30.01
C PRO D 76 -49.76 -26.45 28.80
N LYS D 77 -48.61 -26.32 28.16
CA LYS D 77 -48.12 -27.09 27.02
C LYS D 77 -48.78 -26.67 25.72
N ASP D 78 -49.79 -25.78 25.74
CA ASP D 78 -50.30 -25.14 24.53
C ASP D 78 -49.27 -24.17 23.93
N THR D 79 -49.51 -23.75 22.70
CA THR D 79 -48.54 -22.93 21.97
C THR D 79 -49.15 -21.64 21.43
N ILE D 80 -48.43 -20.53 21.58
CA ILE D 80 -48.73 -19.30 20.85
C ILE D 80 -47.59 -19.01 19.88
N MET D 81 -47.90 -18.30 18.80
CA MET D 81 -46.90 -17.88 17.84
C MET D 81 -46.72 -16.36 17.89
N ILE D 82 -45.47 -15.94 18.03
CA ILE D 82 -45.14 -14.53 18.01
C ILE D 82 -44.61 -14.21 16.62
N LEU D 83 -45.30 -13.34 15.91
CA LEU D 83 -44.94 -12.89 14.57
C LEU D 83 -44.78 -11.38 14.64
N LEU D 84 -43.71 -10.93 15.30
CA LEU D 84 -43.50 -9.53 15.65
C LEU D 84 -42.06 -9.10 15.40
N PRO D 85 -41.84 -7.85 15.05
CA PRO D 85 -40.48 -7.31 15.15
C PRO D 85 -40.13 -7.07 16.61
N ASN D 86 -38.91 -6.65 16.90
CA ASN D 86 -38.59 -6.41 18.30
C ASN D 86 -39.43 -5.26 18.85
N SER D 87 -39.91 -5.45 20.07
CA SER D 87 -40.89 -4.58 20.70
C SER D 87 -41.12 -5.11 22.11
N PRO D 88 -41.59 -4.28 23.05
CA PRO D 88 -41.91 -4.82 24.38
C PRO D 88 -43.01 -5.85 24.36
N GLU D 89 -43.97 -5.75 23.43
CA GLU D 89 -45.06 -6.74 23.39
C GLU D 89 -44.53 -8.14 23.11
N PHE D 90 -43.49 -8.23 22.28
CA PHE D 90 -42.80 -9.49 22.06
C PHE D 90 -42.38 -10.08 23.40
N VAL D 91 -41.71 -9.28 24.24
CA VAL D 91 -41.25 -9.76 25.54
C VAL D 91 -42.45 -10.14 26.42
N PHE D 92 -43.47 -9.29 26.45
CA PHE D 92 -44.60 -9.56 27.33
C PHE D 92 -45.29 -10.84 26.92
N ALA D 93 -45.44 -11.05 25.61
CA ALA D 93 -46.05 -12.28 25.10
C ALA D 93 -45.21 -13.48 25.49
N PHE D 94 -43.88 -13.39 25.31
CA PHE D 94 -43.02 -14.55 25.55
C PHE D 94 -42.98 -14.91 27.02
N ILE D 95 -42.76 -13.92 27.88
CA ILE D 95 -42.72 -14.20 29.31
C ILE D 95 -44.11 -14.59 29.84
N GLY D 96 -45.16 -13.91 29.36
CA GLY D 96 -46.52 -14.29 29.77
C GLY D 96 -46.81 -15.75 29.49
N ALA D 97 -46.44 -16.24 28.32
CA ALA D 97 -46.65 -17.64 28.01
C ALA D 97 -45.87 -18.52 28.99
N SER D 98 -44.65 -18.08 29.37
CA SER D 98 -43.82 -18.88 30.25
C SER D 98 -44.46 -19.04 31.63
N TYR D 99 -45.14 -17.98 32.12
CA TYR D 99 -45.83 -18.07 33.42
C TYR D 99 -46.91 -19.15 33.44
N LEU D 100 -47.55 -19.40 32.30
CA LEU D 100 -48.57 -20.45 32.22
C LEU D 100 -47.99 -21.83 32.00
N GLY D 101 -46.67 -21.94 31.79
CA GLY D 101 -46.17 -23.24 31.37
C GLY D 101 -46.49 -23.56 29.94
N ALA D 102 -46.73 -22.54 29.13
CA ALA D 102 -47.05 -22.70 27.72
C ALA D 102 -45.82 -22.39 26.89
N ILE D 103 -45.96 -22.51 25.57
CA ILE D 103 -44.85 -22.49 24.63
C ILE D 103 -44.98 -21.27 23.72
N SER D 104 -43.84 -20.61 23.44
CA SER D 104 -43.76 -19.61 22.36
C SER D 104 -42.94 -20.11 21.18
N THR D 105 -43.54 -20.14 20.00
CA THR D 105 -42.79 -20.23 18.75
C THR D 105 -42.72 -18.84 18.13
N MET D 106 -41.57 -18.50 17.57
CA MET D 106 -41.32 -17.16 17.05
C MET D 106 -40.96 -17.26 15.57
N ALA D 107 -41.42 -16.30 14.79
CA ALA D 107 -41.19 -16.32 13.36
C ALA D 107 -40.86 -14.92 12.87
N ASN D 108 -40.17 -14.86 11.75
CA ASN D 108 -39.84 -13.60 11.10
C ASN D 108 -41.12 -12.98 10.56
N PRO D 109 -41.49 -11.77 11.00
CA PRO D 109 -42.75 -11.16 10.49
C PRO D 109 -42.73 -10.86 8.99
N LEU D 110 -41.57 -10.94 8.32
CA LEU D 110 -41.45 -10.76 6.89
C LEU D 110 -41.43 -12.08 6.10
N PHE D 111 -41.80 -13.19 6.73
CA PHE D 111 -42.07 -14.42 5.99
C PHE D 111 -43.20 -14.22 4.98
N THR D 112 -43.14 -14.96 3.86
CA THR D 112 -44.29 -15.08 2.97
C THR D 112 -45.45 -15.68 3.77
N PRO D 113 -46.68 -15.46 3.31
CA PRO D 113 -47.81 -16.16 3.95
C PRO D 113 -47.67 -17.68 4.03
N ALA D 114 -47.09 -18.31 3.02
CA ALA D 114 -46.99 -19.76 3.04
C ALA D 114 -46.07 -20.22 4.17
N GLU D 115 -44.92 -19.57 4.36
CA GLU D 115 -44.02 -19.99 5.43
C GLU D 115 -44.62 -19.69 6.82
N VAL D 116 -45.31 -18.55 7.00
CA VAL D 116 -45.87 -18.29 8.34
C VAL D 116 -46.89 -19.36 8.69
N VAL D 117 -47.70 -19.76 7.71
CA VAL D 117 -48.76 -20.71 7.99
C VAL D 117 -48.18 -22.10 8.24
N LYS D 118 -47.16 -22.49 7.47
CA LYS D 118 -46.55 -23.79 7.69
C LYS D 118 -45.98 -23.91 9.10
N GLN D 119 -45.33 -22.84 9.60
CA GLN D 119 -44.86 -22.89 10.98
C GLN D 119 -46.02 -22.87 11.97
N ALA D 120 -47.09 -22.11 11.66
CA ALA D 120 -48.25 -22.11 12.55
C ALA D 120 -48.89 -23.49 12.64
N LYS D 121 -48.96 -24.20 11.51
CA LYS D 121 -49.51 -25.56 11.53
C LYS D 121 -48.59 -26.52 12.26
N ALA D 122 -47.30 -26.50 11.93
CA ALA D 122 -46.40 -27.48 12.53
C ALA D 122 -46.32 -27.29 14.04
N SER D 123 -46.34 -26.04 14.49
CA SER D 123 -46.30 -25.81 15.93
C SER D 123 -47.68 -25.95 16.55
N SER D 124 -48.73 -26.03 15.74
CA SER D 124 -50.11 -26.14 16.23
C SER D 124 -50.48 -24.96 17.14
N ALA D 125 -50.07 -23.75 16.74
CA ALA D 125 -50.29 -22.55 17.53
C ALA D 125 -51.79 -22.23 17.70
N LYS D 126 -52.20 -21.91 18.93
CA LYS D 126 -53.57 -21.49 19.21
C LYS D 126 -53.78 -19.99 19.14
N ILE D 127 -52.72 -19.18 19.29
CA ILE D 127 -52.83 -17.74 19.15
C ILE D 127 -51.67 -17.25 18.30
N ILE D 128 -51.92 -16.23 17.49
CA ILE D 128 -50.88 -15.56 16.73
C ILE D 128 -50.88 -14.09 17.14
N VAL D 129 -49.76 -13.64 17.69
CA VAL D 129 -49.56 -12.24 18.04
C VAL D 129 -48.78 -11.59 16.91
N THR D 130 -49.29 -10.48 16.37
CA THR D 130 -48.69 -9.86 15.19
C THR D 130 -49.08 -8.38 15.12
N GLN D 131 -48.70 -7.75 14.01
CA GLN D 131 -49.07 -6.38 13.68
C GLN D 131 -50.22 -6.40 12.67
N ALA D 132 -50.95 -5.27 12.62
CA ALA D 132 -52.09 -5.18 11.72
C ALA D 132 -51.66 -5.48 10.29
N CYS D 133 -50.52 -4.91 9.86
CA CYS D 133 -50.10 -5.04 8.47
C CYS D 133 -49.81 -6.47 8.04
N HIS D 134 -49.56 -7.39 8.98
CA HIS D 134 -49.23 -8.76 8.61
C HIS D 134 -50.39 -9.70 8.82
N VAL D 135 -51.57 -9.19 9.18
CA VAL D 135 -52.70 -10.04 9.51
C VAL D 135 -53.19 -10.79 8.28
N ASN D 136 -53.13 -10.13 7.11
CA ASN D 136 -53.53 -10.76 5.85
C ASN D 136 -52.83 -12.08 5.62
N LYS D 137 -51.62 -12.25 6.14
CA LYS D 137 -50.83 -13.44 5.87
C LYS D 137 -51.38 -14.66 6.58
N VAL D 138 -52.24 -14.48 7.58
CA VAL D 138 -52.64 -15.59 8.44
C VAL D 138 -54.15 -15.61 8.63
N LYS D 139 -54.81 -14.51 8.23
CA LYS D 139 -56.21 -14.26 8.61
C LYS D 139 -57.13 -15.38 8.16
N ASP D 140 -57.03 -15.77 6.89
CA ASP D 140 -57.90 -16.81 6.37
C ASP D 140 -57.56 -18.16 6.97
N TYR D 141 -56.26 -18.49 7.07
CA TYR D 141 -55.92 -19.76 7.71
C TYR D 141 -56.37 -19.81 9.17
N ALA D 142 -56.22 -18.71 9.91
CA ALA D 142 -56.60 -18.72 11.32
C ALA D 142 -58.11 -18.87 11.48
N PHE D 143 -58.88 -18.25 10.59
CA PHE D 143 -60.33 -18.38 10.66
C PHE D 143 -60.75 -19.81 10.37
N GLU D 144 -60.16 -20.43 9.34
CA GLU D 144 -60.49 -21.79 8.97
C GLU D 144 -60.11 -22.82 10.03
N ASN D 145 -59.25 -22.47 10.99
CA ASN D 145 -58.71 -23.46 11.92
C ASN D 145 -58.88 -23.06 13.39
N ASP D 146 -59.71 -22.06 13.68
CA ASP D 146 -59.99 -21.58 15.04
C ASP D 146 -58.72 -21.17 15.79
N VAL D 147 -57.89 -20.36 15.16
CA VAL D 147 -56.71 -19.77 15.80
C VAL D 147 -56.93 -18.27 15.93
N LYS D 148 -56.74 -17.72 17.12
CA LYS D 148 -57.03 -16.30 17.36
C LYS D 148 -55.87 -15.40 16.99
N ILE D 149 -56.19 -14.22 16.45
CA ILE D 149 -55.16 -13.25 16.06
C ILE D 149 -55.25 -12.07 17.01
N ILE D 150 -54.14 -11.76 17.65
CA ILE D 150 -54.04 -10.66 18.59
C ILE D 150 -53.04 -9.66 18.00
N CYS D 151 -53.52 -8.45 17.71
CA CYS D 151 -52.72 -7.41 17.06
C CYS D 151 -52.24 -6.39 18.09
N ILE D 152 -50.98 -5.99 17.96
CA ILE D 152 -50.40 -5.11 18.97
C ILE D 152 -50.61 -3.63 18.67
N ASP D 153 -50.99 -3.28 17.45
CA ASP D 153 -51.19 -1.87 17.09
C ASP D 153 -52.65 -1.48 16.97
N SER D 154 -53.43 -2.19 16.18
CA SER D 154 -54.84 -1.90 16.05
C SER D 154 -55.55 -3.17 15.66
N ALA D 155 -56.82 -3.26 16.02
CA ALA D 155 -57.52 -4.50 15.74
C ALA D 155 -58.33 -4.29 14.48
N PRO D 156 -57.97 -4.92 13.36
CA PRO D 156 -58.94 -5.06 12.28
C PRO D 156 -60.08 -5.95 12.77
N GLU D 157 -61.21 -5.85 12.08
CA GLU D 157 -62.32 -6.76 12.34
C GLU D 157 -61.84 -8.20 12.23
N GLY D 158 -62.25 -9.03 13.20
CA GLY D 158 -61.81 -10.40 13.27
C GLY D 158 -60.59 -10.65 14.13
N CYS D 159 -59.91 -9.60 14.59
CA CYS D 159 -58.78 -9.75 15.50
C CYS D 159 -59.11 -9.17 16.87
N LEU D 160 -58.27 -9.50 17.84
CA LEU D 160 -58.30 -8.83 19.13
C LEU D 160 -57.09 -7.94 19.25
N HIS D 161 -57.27 -6.80 19.92
CA HIS D 161 -56.15 -5.92 20.20
C HIS D 161 -55.43 -6.42 21.45
N PHE D 162 -54.13 -6.11 21.51
CA PHE D 162 -53.28 -6.66 22.57
C PHE D 162 -53.67 -6.18 23.95
N SER D 163 -54.50 -5.13 24.05
CA SER D 163 -55.00 -4.71 25.34
C SER D 163 -55.71 -5.85 26.07
N VAL D 164 -56.37 -6.75 25.35
CA VAL D 164 -57.11 -7.83 26.00
C VAL D 164 -56.18 -8.72 26.83
N LEU D 165 -54.88 -8.64 26.61
CA LEU D 165 -53.94 -9.35 27.46
C LEU D 165 -53.26 -8.43 28.47
N THR D 166 -52.73 -7.29 28.02
CA THR D 166 -51.96 -6.42 28.90
C THR D 166 -52.80 -5.83 30.02
N GLN D 167 -54.13 -5.80 29.89
CA GLN D 167 -55.02 -5.25 30.91
C GLN D 167 -55.69 -6.32 31.77
N ALA D 168 -55.34 -7.58 31.60
CA ALA D 168 -55.90 -8.63 32.42
C ALA D 168 -55.42 -8.50 33.87
N ASN D 169 -56.15 -9.13 34.78
CA ASN D 169 -55.83 -9.12 36.20
C ASN D 169 -54.70 -10.10 36.50
N GLU D 170 -53.54 -9.57 36.93
CA GLU D 170 -52.36 -10.39 37.21
C GLU D 170 -52.64 -11.53 38.20
N HIS D 171 -53.68 -11.43 39.04
CA HIS D 171 -53.92 -12.45 40.04
C HIS D 171 -54.80 -13.61 39.56
N ASP D 172 -55.18 -13.65 38.27
CA ASP D 172 -55.90 -14.78 37.71
C ASP D 172 -55.01 -15.75 36.94
N ILE D 173 -53.69 -15.65 37.09
CA ILE D 173 -52.77 -16.70 36.64
C ILE D 173 -53.14 -17.97 37.41
N PRO D 174 -53.51 -19.05 36.74
CA PRO D 174 -53.83 -20.28 37.48
C PRO D 174 -52.57 -20.84 38.14
N GLU D 175 -52.78 -21.58 39.21
CA GLU D 175 -51.68 -22.35 39.75
C GLU D 175 -51.30 -23.42 38.76
N VAL D 176 -50.02 -23.45 38.41
CA VAL D 176 -49.45 -24.37 37.44
C VAL D 176 -48.21 -24.99 38.05
N GLU D 177 -47.91 -26.23 37.67
CA GLU D 177 -46.76 -26.96 38.19
C GLU D 177 -45.80 -27.21 37.03
N ILE D 178 -44.96 -26.23 36.76
CA ILE D 178 -44.03 -26.31 35.64
C ILE D 178 -42.85 -27.20 36.00
N GLN D 179 -42.53 -28.07 35.14
CA GLN D 179 -41.48 -29.06 35.17
C GLN D 179 -40.24 -28.51 34.47
N PRO D 180 -39.04 -28.89 34.92
CA PRO D 180 -37.83 -28.32 34.30
C PRO D 180 -37.69 -28.70 32.84
N ASP D 181 -38.22 -29.86 32.46
CA ASP D 181 -38.18 -30.31 31.07
C ASP D 181 -39.43 -29.91 30.26
N ASP D 182 -40.30 -29.04 30.79
CA ASP D 182 -41.38 -28.48 29.99
C ASP D 182 -40.80 -27.54 28.93
N VAL D 183 -41.31 -27.66 27.71
CA VAL D 183 -40.89 -26.75 26.66
C VAL D 183 -41.44 -25.35 26.94
N VAL D 184 -40.67 -24.33 26.57
CA VAL D 184 -41.08 -22.93 26.74
C VAL D 184 -40.83 -22.14 25.45
N ALA D 185 -39.81 -22.52 24.68
CA ALA D 185 -39.48 -21.81 23.45
C ALA D 185 -39.35 -22.78 22.29
N LEU D 186 -39.87 -22.38 21.13
CA LEU D 186 -39.92 -23.25 19.95
C LEU D 186 -39.49 -22.47 18.70
N PRO D 187 -38.23 -22.06 18.63
CA PRO D 187 -37.72 -21.51 17.37
C PRO D 187 -37.62 -22.61 16.35
N TYR D 188 -37.69 -22.23 15.07
CA TYR D 188 -37.60 -23.18 13.97
C TYR D 188 -36.25 -23.05 13.28
N SER D 189 -35.68 -24.19 12.88
CA SER D 189 -34.33 -24.23 12.33
C SER D 189 -34.21 -25.39 11.36
N SER D 190 -33.24 -25.30 10.45
CA SER D 190 -32.98 -26.43 9.57
C SER D 190 -32.06 -27.43 10.27
N GLY D 191 -31.05 -26.93 10.98
CA GLY D 191 -30.20 -27.78 11.79
C GLY D 191 -28.94 -28.19 11.03
N THR D 192 -28.67 -29.50 11.02
CA THR D 192 -27.71 -30.02 10.05
C THR D 192 -28.40 -30.04 8.69
N THR D 193 -28.98 -28.91 8.30
CA THR D 193 -29.67 -28.64 7.03
C THR D 193 -30.89 -29.52 6.78
N GLY D 194 -31.85 -28.99 6.05
CA GLY D 194 -33.11 -29.62 5.73
C GLY D 194 -34.18 -28.58 5.51
N LEU D 195 -35.40 -28.93 5.90
CA LEU D 195 -36.50 -28.01 6.09
C LEU D 195 -36.58 -27.63 7.57
N PRO D 196 -37.20 -26.50 7.90
CA PRO D 196 -37.30 -26.12 9.30
C PRO D 196 -37.93 -27.22 10.14
N LYS D 197 -37.38 -27.42 11.35
CA LYS D 197 -37.97 -28.28 12.35
C LYS D 197 -38.08 -27.47 13.64
N GLY D 198 -39.03 -27.84 14.46
CA GLY D 198 -39.23 -27.11 15.69
C GLY D 198 -38.28 -27.55 16.78
N VAL D 199 -37.40 -26.66 17.21
CA VAL D 199 -36.44 -26.97 18.24
C VAL D 199 -37.08 -26.69 19.59
N MET D 200 -37.26 -27.74 20.40
CA MET D 200 -37.91 -27.62 21.71
C MET D 200 -36.85 -27.24 22.74
N LEU D 201 -36.88 -26.00 23.21
CA LEU D 201 -36.00 -25.58 24.29
C LEU D 201 -36.80 -25.50 25.57
N THR D 202 -36.24 -26.01 26.66
CA THR D 202 -37.01 -26.16 27.87
C THR D 202 -36.65 -25.07 28.88
N HIS D 203 -37.40 -25.06 29.98
CA HIS D 203 -37.05 -24.17 31.08
C HIS D 203 -35.65 -24.49 31.60
N LYS D 204 -35.36 -25.77 31.78
CA LYS D 204 -34.08 -26.18 32.32
C LYS D 204 -32.93 -25.87 31.37
N GLY D 205 -33.14 -26.07 30.07
CA GLY D 205 -32.09 -25.74 29.11
C GLY D 205 -31.76 -24.26 29.11
N LEU D 206 -32.80 -23.43 28.96
CA LEU D 206 -32.57 -21.99 28.86
C LEU D 206 -32.06 -21.42 30.16
N VAL D 207 -32.56 -21.92 31.31
CA VAL D 207 -31.99 -21.44 32.57
C VAL D 207 -30.52 -21.84 32.64
N THR D 208 -30.21 -23.07 32.23
CA THR D 208 -28.81 -23.49 32.22
C THR D 208 -27.98 -22.61 31.31
N SER D 209 -28.50 -22.34 30.10
CA SER D 209 -27.77 -21.55 29.12
C SER D 209 -27.51 -20.14 29.63
N VAL D 210 -28.54 -19.50 30.19
CA VAL D 210 -28.36 -18.15 30.70
C VAL D 210 -27.33 -18.13 31.81
N ALA D 211 -27.44 -19.08 32.76
CA ALA D 211 -26.46 -19.12 33.84
C ALA D 211 -25.05 -19.31 33.29
N GLN D 212 -24.88 -20.23 32.34
CA GLN D 212 -23.55 -20.43 31.76
C GLN D 212 -22.97 -19.11 31.23
N GLN D 213 -23.81 -18.22 30.70
CA GLN D 213 -23.25 -17.00 30.11
C GLN D 213 -23.04 -15.86 31.11
N VAL D 214 -23.93 -15.64 32.08
CA VAL D 214 -23.87 -14.43 32.88
C VAL D 214 -23.81 -14.65 34.40
N ASP D 215 -23.91 -15.89 34.92
CA ASP D 215 -23.78 -16.10 36.36
C ASP D 215 -22.38 -16.52 36.82
N GLY D 216 -22.23 -16.58 38.15
CA GLY D 216 -21.00 -16.94 38.83
C GLY D 216 -20.19 -15.74 39.30
N GLU D 217 -19.21 -16.03 40.17
CA GLU D 217 -18.31 -14.99 40.65
C GLU D 217 -17.47 -14.38 39.53
N ASN D 218 -17.13 -15.16 38.51
CA ASN D 218 -16.51 -14.61 37.30
C ASN D 218 -17.32 -15.12 36.11
N PRO D 219 -18.36 -14.38 35.72
CA PRO D 219 -19.23 -14.85 34.64
C PRO D 219 -18.50 -14.77 33.32
N ASN D 220 -18.87 -15.67 32.41
CA ASN D 220 -18.22 -15.75 31.10
C ASN D 220 -18.44 -14.47 30.28
N LEU D 221 -19.67 -13.95 30.27
CA LEU D 221 -20.00 -12.63 29.73
C LEU D 221 -20.42 -11.76 30.92
N TYR D 222 -19.60 -10.76 31.21
CA TYR D 222 -19.82 -9.88 32.36
C TYR D 222 -20.75 -8.77 31.91
N ILE D 223 -22.00 -8.85 32.33
CA ILE D 223 -22.95 -7.75 32.20
C ILE D 223 -23.56 -7.51 33.57
N HIS D 224 -23.89 -6.24 33.85
CA HIS D 224 -24.44 -5.89 35.15
C HIS D 224 -25.62 -4.94 34.94
N SER D 225 -26.26 -4.53 36.03
CA SER D 225 -27.54 -3.84 35.95
C SER D 225 -27.45 -2.38 35.51
N GLU D 226 -26.25 -1.81 35.41
CA GLU D 226 -26.09 -0.49 34.83
C GLU D 226 -25.64 -0.54 33.38
N ASP D 227 -25.54 -1.73 32.79
CA ASP D 227 -25.31 -1.85 31.37
C ASP D 227 -26.55 -1.51 30.59
N VAL D 228 -26.32 -1.13 29.33
CA VAL D 228 -27.34 -0.86 28.34
C VAL D 228 -27.03 -1.72 27.13
N MET D 229 -27.93 -2.67 26.82
CA MET D 229 -27.74 -3.63 25.74
C MET D 229 -28.58 -3.24 24.54
N LEU D 230 -27.94 -3.12 23.37
CA LEU D 230 -28.69 -2.85 22.17
C LEU D 230 -29.37 -4.12 21.72
N CYS D 231 -30.68 -4.05 21.51
CA CYS D 231 -31.43 -5.21 21.04
C CYS D 231 -31.91 -4.93 19.62
N VAL D 232 -30.99 -5.00 18.67
CA VAL D 232 -31.32 -4.74 17.27
C VAL D 232 -31.40 -6.02 16.45
N LEU D 233 -30.63 -7.06 16.80
CA LEU D 233 -30.81 -8.34 16.14
C LEU D 233 -32.16 -8.95 16.50
N PRO D 234 -32.77 -9.66 15.57
CA PRO D 234 -34.17 -10.12 15.75
C PRO D 234 -34.38 -11.05 16.94
N LEU D 235 -35.39 -10.72 17.76
CA LEU D 235 -35.77 -11.59 18.88
C LEU D 235 -36.41 -12.89 18.45
N PHE D 236 -36.91 -12.97 17.20
CA PHE D 236 -37.44 -14.26 16.75
C PHE D 236 -36.35 -15.26 16.39
N HIS D 237 -35.06 -14.92 16.52
CA HIS D 237 -34.00 -15.91 16.43
C HIS D 237 -33.46 -16.16 17.83
N ILE D 238 -33.14 -17.41 18.14
CA ILE D 238 -32.82 -17.76 19.51
C ILE D 238 -31.61 -16.98 20.03
N TYR D 239 -30.71 -16.56 19.13
CA TYR D 239 -29.50 -15.87 19.57
C TYR D 239 -29.84 -14.64 20.40
N SER D 240 -30.79 -13.83 19.93
CA SER D 240 -31.12 -12.60 20.62
C SER D 240 -32.04 -12.88 21.81
N LEU D 241 -33.01 -13.78 21.61
CA LEU D 241 -33.93 -14.12 22.69
C LEU D 241 -33.15 -14.55 23.92
N ASN D 242 -32.15 -15.40 23.71
CA ASN D 242 -31.34 -15.92 24.81
C ASN D 242 -30.24 -14.93 25.20
N SER D 243 -29.27 -14.67 24.32
CA SER D 243 -28.08 -13.97 24.79
C SER D 243 -28.25 -12.47 24.96
N VAL D 244 -29.32 -11.86 24.44
CA VAL D 244 -29.54 -10.46 24.72
C VAL D 244 -30.63 -10.32 25.79
N LEU D 245 -31.83 -10.77 25.46
CA LEU D 245 -32.98 -10.54 26.31
C LEU D 245 -32.88 -11.35 27.61
N LEU D 246 -32.81 -12.67 27.51
CA LEU D 246 -32.85 -13.46 28.74
C LEU D 246 -31.64 -13.18 29.63
N CYS D 247 -30.45 -13.06 29.03
CA CYS D 247 -29.27 -12.73 29.81
C CYS D 247 -29.38 -11.31 30.34
N GLY D 248 -29.99 -10.40 29.58
CA GLY D 248 -30.19 -9.04 30.07
C GLY D 248 -31.13 -8.94 31.26
N LEU D 249 -32.27 -9.64 31.21
CA LEU D 249 -33.19 -9.62 32.34
C LEU D 249 -32.54 -10.22 33.58
N ARG D 250 -31.75 -11.28 33.39
CA ARG D 250 -31.18 -12.00 34.54
C ARG D 250 -30.29 -11.09 35.38
N VAL D 251 -29.54 -10.17 34.75
CA VAL D 251 -28.61 -9.39 35.52
C VAL D 251 -29.12 -7.98 35.81
N GLY D 252 -30.34 -7.64 35.38
CA GLY D 252 -30.89 -6.31 35.64
C GLY D 252 -30.49 -5.24 34.63
N ALA D 253 -30.01 -5.62 33.45
CA ALA D 253 -29.58 -4.60 32.50
C ALA D 253 -30.79 -3.98 31.79
N ALA D 254 -30.56 -2.79 31.23
CA ALA D 254 -31.53 -2.15 30.35
C ALA D 254 -31.37 -2.71 28.94
N ILE D 255 -32.51 -2.98 28.30
CA ILE D 255 -32.55 -3.57 26.95
C ILE D 255 -33.16 -2.55 26.01
N LEU D 256 -32.34 -1.99 25.15
CA LEU D 256 -32.77 -0.93 24.26
C LEU D 256 -33.23 -1.57 22.96
N ILE D 257 -34.51 -1.46 22.70
CA ILE D 257 -35.14 -2.15 21.59
C ILE D 257 -35.12 -1.23 20.38
N MET D 258 -34.59 -1.74 19.28
CA MET D 258 -34.77 -1.17 17.95
C MET D 258 -35.68 -2.09 17.16
N GLN D 259 -36.76 -1.53 16.62
CA GLN D 259 -37.69 -2.33 15.82
C GLN D 259 -37.08 -2.73 14.48
N LYS D 260 -36.36 -1.81 13.84
CA LYS D 260 -35.73 -2.14 12.55
C LYS D 260 -34.46 -1.32 12.40
N PHE D 261 -33.42 -1.96 11.90
CA PHE D 261 -32.13 -1.29 11.77
C PHE D 261 -32.14 -0.27 10.64
N ASP D 262 -31.64 0.93 10.93
CA ASP D 262 -31.13 1.88 9.96
C ASP D 262 -29.97 2.61 10.61
N ILE D 263 -29.02 3.07 9.79
CA ILE D 263 -27.72 3.49 10.35
C ILE D 263 -27.87 4.67 11.31
N VAL D 264 -28.66 5.69 10.95
CA VAL D 264 -28.68 6.91 11.78
C VAL D 264 -29.39 6.65 13.10
N SER D 265 -30.58 6.03 13.06
CA SER D 265 -31.25 5.70 14.32
C SER D 265 -30.34 4.84 15.19
N PHE D 266 -29.59 3.94 14.57
CA PHE D 266 -28.65 3.07 15.29
C PHE D 266 -27.56 3.90 15.98
N LEU D 267 -26.90 4.77 15.23
CA LEU D 267 -25.85 5.58 15.86
C LEU D 267 -26.45 6.57 16.84
N GLU D 268 -27.64 7.09 16.53
CA GLU D 268 -28.30 8.01 17.45
C GLU D 268 -28.60 7.34 18.78
N LEU D 269 -29.14 6.12 18.72
CA LEU D 269 -29.52 5.42 19.97
C LEU D 269 -28.29 5.05 20.78
N ILE D 270 -27.18 4.70 20.10
CA ILE D 270 -25.98 4.33 20.84
C ILE D 270 -25.45 5.51 21.63
N GLN D 271 -25.37 6.67 20.98
CA GLN D 271 -24.92 7.89 21.66
C GLN D 271 -25.96 8.37 22.67
N SER D 272 -27.24 8.42 22.28
CA SER D 272 -28.26 9.00 23.13
C SER D 272 -28.44 8.19 24.42
N TYR D 273 -28.37 6.87 24.33
CA TYR D 273 -28.61 6.03 25.50
C TYR D 273 -27.34 5.43 26.08
N LYS D 274 -26.17 5.75 25.49
CA LYS D 274 -24.88 5.22 25.95
C LYS D 274 -24.90 3.69 26.00
N VAL D 275 -25.31 3.07 24.90
CA VAL D 275 -25.23 1.60 24.76
C VAL D 275 -23.86 1.10 25.18
N THR D 276 -23.85 0.07 26.02
CA THR D 276 -22.58 -0.49 26.46
C THR D 276 -22.31 -1.87 25.89
N ILE D 277 -23.35 -2.62 25.55
CA ILE D 277 -23.20 -3.94 24.95
C ILE D 277 -23.92 -3.90 23.62
N GLY D 278 -23.18 -4.14 22.54
CA GLY D 278 -23.69 -4.06 21.19
C GLY D 278 -23.54 -5.34 20.40
N PRO D 279 -24.59 -6.17 20.42
CA PRO D 279 -24.62 -7.40 19.61
C PRO D 279 -24.89 -7.08 18.14
N PHE D 280 -23.88 -7.26 17.30
CA PHE D 280 -23.95 -6.85 15.91
C PHE D 280 -23.82 -8.07 15.02
N VAL D 281 -24.00 -7.84 13.73
CA VAL D 281 -23.78 -8.85 12.69
C VAL D 281 -23.04 -8.20 11.53
N PRO D 282 -22.37 -8.99 10.69
CA PRO D 282 -21.54 -8.42 9.60
C PRO D 282 -22.28 -7.37 8.78
N PRO D 283 -23.56 -7.56 8.41
CA PRO D 283 -24.26 -6.49 7.67
C PRO D 283 -24.30 -5.17 8.41
N ILE D 284 -24.42 -5.22 9.73
CA ILE D 284 -24.48 -3.98 10.52
C ILE D 284 -23.12 -3.27 10.49
N VAL D 285 -22.04 -4.01 10.71
CA VAL D 285 -20.73 -3.37 10.68
C VAL D 285 -20.40 -2.92 9.27
N LEU D 286 -20.92 -3.63 8.27
CA LEU D 286 -20.76 -3.19 6.88
C LEU D 286 -21.48 -1.85 6.65
N ALA D 287 -22.69 -1.69 7.21
CA ALA D 287 -23.36 -0.39 7.12
C ALA D 287 -22.57 0.68 7.86
N ILE D 288 -22.03 0.33 9.04
CA ILE D 288 -21.14 1.23 9.75
C ILE D 288 -19.94 1.60 8.88
N ALA D 289 -19.38 0.63 8.17
CA ALA D 289 -18.17 0.89 7.40
C ALA D 289 -18.42 1.91 6.29
N LYS D 290 -19.54 1.81 5.60
CA LYS D 290 -19.82 2.67 4.45
C LYS D 290 -20.63 3.91 4.79
N SER D 291 -20.98 4.13 6.04
CA SER D 291 -21.78 5.33 6.25
C SER D 291 -20.89 6.50 6.59
N PRO D 292 -21.08 7.65 5.93
CA PRO D 292 -20.24 8.82 6.25
C PRO D 292 -20.46 9.35 7.65
N MET D 293 -21.66 9.22 8.21
CA MET D 293 -22.02 9.97 9.40
C MET D 293 -21.49 9.34 10.68
N VAL D 294 -20.83 8.18 10.58
CA VAL D 294 -20.37 7.47 11.76
C VAL D 294 -19.35 8.29 12.55
N ASP D 295 -18.53 9.08 11.85
CA ASP D 295 -17.49 9.84 12.51
C ASP D 295 -18.05 11.03 13.30
N ASP D 296 -19.32 11.36 13.09
CA ASP D 296 -19.97 12.44 13.81
C ASP D 296 -20.58 12.01 15.14
N TYR D 297 -20.42 10.75 15.54
CA TYR D 297 -21.08 10.25 16.74
C TYR D 297 -20.06 9.79 17.77
N ASP D 298 -20.41 9.95 19.04
CA ASP D 298 -19.62 9.42 20.14
C ASP D 298 -20.19 8.06 20.50
N LEU D 299 -19.44 7.01 20.16
CA LEU D 299 -19.82 5.64 20.45
C LEU D 299 -18.86 5.02 21.45
N SER D 300 -18.14 5.88 22.19
CA SER D 300 -17.17 5.45 23.18
C SER D 300 -17.79 4.65 24.34
N SER D 301 -19.11 4.75 24.56
CA SER D 301 -19.71 4.00 25.66
C SER D 301 -19.71 2.50 25.43
N VAL D 302 -19.52 2.04 24.19
CA VAL D 302 -19.64 0.62 23.89
C VAL D 302 -18.37 -0.06 24.39
N ARG D 303 -18.51 -0.89 25.44
CA ARG D 303 -17.35 -1.59 25.98
C ARG D 303 -17.21 -3.01 25.46
N THR D 304 -18.28 -3.61 24.93
CA THR D 304 -18.27 -4.99 24.45
C THR D 304 -19.07 -5.11 23.17
N VAL D 305 -18.47 -5.67 22.12
CA VAL D 305 -19.16 -5.96 20.86
C VAL D 305 -19.21 -7.48 20.67
N MET D 306 -20.42 -8.03 20.72
CA MET D 306 -20.68 -9.46 20.57
C MET D 306 -21.07 -9.73 19.12
N SER D 307 -20.55 -10.81 18.56
CA SER D 307 -20.95 -11.18 17.21
C SER D 307 -22.12 -12.16 17.29
N GLY D 308 -23.22 -11.82 16.61
CA GLY D 308 -24.46 -12.56 16.63
C GLY D 308 -24.70 -13.55 15.50
N ALA D 309 -23.79 -13.65 14.53
CA ALA D 309 -23.89 -14.54 13.37
C ALA D 309 -22.48 -14.96 12.95
N ALA D 310 -22.21 -15.01 11.64
CA ALA D 310 -20.91 -15.47 11.18
C ALA D 310 -19.83 -14.48 11.62
N PRO D 311 -18.57 -14.92 11.65
CA PRO D 311 -17.48 -14.02 12.05
C PRO D 311 -17.34 -12.80 11.16
N LEU D 312 -16.75 -11.76 11.76
CA LEU D 312 -16.66 -10.45 11.10
C LEU D 312 -15.57 -10.42 10.04
N GLY D 313 -14.40 -10.98 10.31
CA GLY D 313 -13.29 -10.91 9.38
C GLY D 313 -12.40 -9.71 9.65
N LYS D 314 -11.20 -9.72 9.06
CA LYS D 314 -10.21 -8.72 9.39
C LYS D 314 -10.70 -7.31 9.10
N GLU D 315 -11.43 -7.10 8.01
CA GLU D 315 -11.70 -5.71 7.69
C GLU D 315 -12.87 -5.18 8.51
N LEU D 316 -13.86 -6.02 8.80
CA LEU D 316 -14.94 -5.52 9.65
C LEU D 316 -14.49 -5.43 11.10
N GLU D 317 -13.60 -6.32 11.53
CA GLU D 317 -13.04 -6.19 12.88
C GLU D 317 -12.24 -4.90 13.00
N ASP D 318 -11.44 -4.55 11.98
CA ASP D 318 -10.74 -3.27 12.00
C ASP D 318 -11.72 -2.09 12.07
N THR D 319 -12.87 -2.21 11.41
CA THR D 319 -13.89 -1.16 11.50
C THR D 319 -14.40 -1.02 12.94
N VAL D 320 -14.58 -2.13 13.65
CA VAL D 320 -15.13 -2.03 15.00
C VAL D 320 -14.12 -1.38 15.94
N ARG D 321 -12.84 -1.75 15.84
CA ARG D 321 -11.87 -1.14 16.73
C ARG D 321 -11.62 0.33 16.39
N ALA D 322 -11.80 0.73 15.14
CA ALA D 322 -11.59 2.13 14.78
C ALA D 322 -12.74 3.02 15.27
N LYS D 323 -13.98 2.51 15.24
CA LYS D 323 -15.17 3.31 15.54
C LYS D 323 -15.76 3.07 16.92
N PHE D 324 -15.44 1.96 17.58
CA PHE D 324 -15.89 1.68 18.94
C PHE D 324 -14.63 1.62 19.78
N PRO D 325 -14.04 2.78 20.09
CA PRO D 325 -12.69 2.81 20.70
C PRO D 325 -12.55 1.97 21.94
N ASN D 326 -13.62 1.80 22.74
CA ASN D 326 -13.55 1.12 24.03
C ASN D 326 -14.10 -0.30 23.99
N ALA D 327 -14.39 -0.83 22.82
CA ALA D 327 -15.06 -2.10 22.72
C ALA D 327 -14.04 -3.23 22.69
N LYS D 328 -14.20 -4.19 23.60
CA LYS D 328 -13.55 -5.48 23.46
C LYS D 328 -14.28 -6.19 22.34
N LEU D 329 -13.52 -6.82 21.46
CA LEU D 329 -14.06 -7.53 20.32
C LEU D 329 -13.77 -9.02 20.53
N GLY D 330 -14.73 -9.86 20.17
CA GLY D 330 -14.62 -11.27 20.43
C GLY D 330 -15.74 -12.09 19.82
N GLN D 331 -15.43 -13.32 19.43
CA GLN D 331 -16.36 -14.19 18.72
C GLN D 331 -16.63 -15.45 19.52
N GLY D 332 -17.91 -15.83 19.53
CA GLY D 332 -18.37 -17.06 20.13
C GLY D 332 -18.92 -18.03 19.09
N TYR D 333 -19.71 -18.98 19.56
CA TYR D 333 -20.20 -20.02 18.66
C TYR D 333 -21.52 -20.56 19.20
N GLY D 334 -22.54 -20.52 18.35
CA GLY D 334 -23.87 -20.90 18.76
C GLY D 334 -24.55 -21.75 17.70
N MET D 335 -25.62 -22.41 18.12
CA MET D 335 -26.42 -23.27 17.25
C MET D 335 -27.74 -23.55 17.98
N THR D 336 -28.85 -23.37 17.28
CA THR D 336 -30.17 -23.36 17.92
C THR D 336 -30.40 -24.60 18.78
N GLU D 337 -30.14 -25.78 18.21
CA GLU D 337 -30.32 -27.02 18.96
C GLU D 337 -29.45 -27.03 20.21
N ALA D 338 -28.36 -26.28 20.21
CA ALA D 338 -27.46 -26.34 21.34
C ALA D 338 -27.88 -25.42 22.47
N GLY D 339 -28.96 -24.66 22.30
CA GLY D 339 -29.48 -23.86 23.40
C GLY D 339 -29.50 -22.34 23.41
N PRO D 340 -28.74 -21.66 22.53
CA PRO D 340 -27.87 -21.96 21.38
C PRO D 340 -26.37 -22.00 21.71
N VAL D 341 -25.97 -21.54 22.89
CA VAL D 341 -24.57 -21.15 23.09
C VAL D 341 -23.71 -22.37 23.46
N LEU D 342 -22.69 -22.65 22.65
CA LEU D 342 -21.68 -23.67 22.90
C LEU D 342 -20.40 -23.07 23.48
N ALA D 343 -19.97 -21.92 22.97
CA ALA D 343 -18.68 -21.35 23.37
C ALA D 343 -18.81 -19.84 23.45
N MET D 344 -18.02 -19.27 24.36
CA MET D 344 -18.07 -17.85 24.66
C MET D 344 -16.66 -17.30 24.75
N CYS D 345 -16.51 -16.08 24.27
CA CYS D 345 -15.24 -15.39 24.26
C CYS D 345 -14.88 -15.01 25.68
N LEU D 346 -13.82 -15.61 26.22
CA LEU D 346 -13.42 -15.33 27.58
C LEU D 346 -12.82 -13.94 27.77
N ALA D 347 -12.59 -13.18 26.68
CA ALA D 347 -12.20 -11.79 26.84
C ALA D 347 -13.32 -10.93 27.41
N PHE D 348 -14.56 -11.42 27.42
CA PHE D 348 -15.68 -10.68 28.00
C PHE D 348 -15.92 -11.03 29.47
N ALA D 349 -15.17 -11.97 30.04
CA ALA D 349 -15.41 -12.38 31.42
C ALA D 349 -15.04 -11.25 32.37
N LYS D 350 -15.65 -11.30 33.58
CA LYS D 350 -15.45 -10.23 34.56
C LYS D 350 -13.98 -10.13 34.95
N GLU D 351 -13.34 -11.26 35.19
CA GLU D 351 -11.89 -11.27 35.14
C GLU D 351 -11.44 -11.91 33.82
N PRO D 352 -11.04 -11.12 32.83
CA PRO D 352 -10.93 -11.66 31.46
C PRO D 352 -9.66 -12.45 31.21
N PHE D 353 -9.70 -13.27 30.14
CA PHE D 353 -8.63 -14.11 29.66
C PHE D 353 -8.18 -13.61 28.29
N GLU D 354 -6.91 -13.85 27.96
CA GLU D 354 -6.44 -13.54 26.62
C GLU D 354 -7.09 -14.46 25.58
N ILE D 355 -7.34 -13.90 24.41
CA ILE D 355 -7.94 -14.63 23.29
C ILE D 355 -7.08 -14.38 22.08
N LYS D 356 -7.29 -15.19 21.04
CA LYS D 356 -6.51 -15.08 19.81
C LYS D 356 -7.40 -14.74 18.62
N SER D 357 -6.81 -14.06 17.65
CA SER D 357 -7.52 -13.66 16.43
C SER D 357 -8.02 -14.88 15.70
N GLY D 358 -9.26 -14.80 15.23
CA GLY D 358 -9.89 -15.89 14.52
C GLY D 358 -10.52 -16.96 15.40
N ALA D 359 -10.38 -16.87 16.72
CA ALA D 359 -10.95 -17.91 17.58
C ALA D 359 -12.46 -17.67 17.81
N CYS D 360 -13.17 -18.75 18.18
CA CYS D 360 -14.61 -18.68 18.40
C CYS D 360 -15.01 -18.99 19.85
N GLY D 361 -14.10 -18.70 20.79
CA GLY D 361 -14.46 -18.80 22.19
C GLY D 361 -14.02 -20.12 22.80
N THR D 362 -14.30 -20.23 24.09
CA THR D 362 -14.06 -21.44 24.86
C THR D 362 -15.40 -22.05 25.27
N VAL D 363 -15.47 -23.39 25.26
CA VAL D 363 -16.71 -24.07 25.61
C VAL D 363 -17.24 -23.55 26.93
N VAL D 364 -18.57 -23.44 27.02
CA VAL D 364 -19.21 -22.92 28.24
C VAL D 364 -18.95 -23.87 29.41
N ARG D 365 -18.90 -23.28 30.59
CA ARG D 365 -18.85 -23.97 31.87
C ARG D 365 -20.10 -24.84 32.06
N ASN D 366 -20.01 -25.81 32.98
CA ASN D 366 -21.09 -26.78 33.20
C ASN D 366 -21.51 -27.48 31.90
N ALA D 367 -20.52 -27.83 31.07
CA ALA D 367 -20.73 -28.58 29.84
C ALA D 367 -19.49 -29.38 29.53
N GLU D 368 -19.60 -30.23 28.50
CA GLU D 368 -18.46 -30.96 27.96
C GLU D 368 -18.44 -30.86 26.43
N MET D 369 -17.24 -30.84 25.87
CA MET D 369 -17.08 -30.76 24.43
C MET D 369 -16.06 -31.79 23.98
N LYS D 370 -16.31 -32.37 22.81
CA LYS D 370 -15.34 -33.25 22.18
C LYS D 370 -15.34 -32.96 20.69
N ILE D 371 -14.25 -33.37 20.06
CA ILE D 371 -14.02 -33.22 18.62
C ILE D 371 -13.92 -34.61 18.03
N VAL D 372 -14.86 -34.96 17.17
CA VAL D 372 -15.01 -36.32 16.69
C VAL D 372 -14.51 -36.36 15.26
N ASP D 373 -13.71 -37.35 14.98
CA ASP D 373 -13.16 -37.52 13.66
C ASP D 373 -14.28 -38.06 12.78
N PRO D 374 -14.57 -37.45 11.63
CA PRO D 374 -15.63 -37.97 10.77
C PRO D 374 -15.31 -39.32 10.14
N LYS D 375 -14.03 -39.65 9.93
CA LYS D 375 -13.66 -41.02 9.56
C LYS D 375 -14.19 -42.01 10.57
N THR D 376 -13.62 -41.97 11.77
CA THR D 376 -13.72 -43.04 12.76
C THR D 376 -14.93 -42.91 13.69
N GLY D 377 -15.29 -41.69 14.11
CA GLY D 377 -16.28 -41.51 15.15
C GLY D 377 -15.70 -41.45 16.55
N ASN D 378 -14.38 -41.32 16.67
CA ASN D 378 -13.68 -41.33 17.93
C ASN D 378 -13.13 -39.94 18.25
N SER D 379 -13.04 -39.65 19.55
CA SER D 379 -12.61 -38.32 19.98
C SER D 379 -11.15 -38.08 19.63
N LEU D 380 -10.85 -36.85 19.23
CA LEU D 380 -9.53 -36.42 18.78
C LEU D 380 -8.84 -35.51 19.77
N PRO D 381 -7.49 -35.44 19.71
CA PRO D 381 -6.72 -34.52 20.59
C PRO D 381 -6.87 -33.05 20.22
N ARG D 382 -6.15 -32.16 20.92
CA ARG D 382 -6.11 -30.76 20.53
C ARG D 382 -5.41 -30.57 19.18
N ASN D 383 -5.67 -29.41 18.57
CA ASN D 383 -5.04 -28.98 17.31
C ASN D 383 -5.30 -29.94 16.15
N GLN D 384 -6.42 -30.66 16.21
CA GLN D 384 -6.81 -31.56 15.13
C GLN D 384 -8.29 -31.40 14.81
N SER D 385 -8.61 -31.46 13.52
CA SER D 385 -9.91 -31.05 13.03
C SER D 385 -10.93 -32.18 13.02
N GLY D 386 -12.15 -31.85 13.42
CA GLY D 386 -13.23 -32.82 13.40
C GLY D 386 -14.53 -32.17 13.84
N GLU D 387 -15.57 -32.99 13.90
CA GLU D 387 -16.92 -32.51 14.17
C GLU D 387 -17.08 -32.10 15.63
N ILE D 388 -17.49 -30.86 15.87
CA ILE D 388 -17.68 -30.40 17.23
C ILE D 388 -18.95 -31.00 17.82
N CYS D 389 -18.85 -31.51 19.05
CA CYS D 389 -19.97 -32.08 19.78
C CYS D 389 -20.03 -31.47 21.19
N ILE D 390 -21.24 -31.34 21.73
CA ILE D 390 -21.39 -30.75 23.05
C ILE D 390 -22.43 -31.54 23.84
N ARG D 391 -22.25 -31.58 25.15
CA ARG D 391 -23.19 -32.25 26.04
C ARG D 391 -23.41 -31.39 27.27
N GLY D 392 -24.65 -31.28 27.71
CA GLY D 392 -24.97 -30.53 28.90
C GLY D 392 -26.46 -30.28 28.96
N ASP D 393 -26.91 -29.69 30.10
CA ASP D 393 -28.34 -29.47 30.29
C ASP D 393 -28.88 -28.32 29.48
N GLN D 394 -28.01 -27.57 28.78
CA GLN D 394 -28.47 -26.40 28.05
C GLN D 394 -28.98 -26.75 26.66
N ILE D 395 -28.79 -27.99 26.20
CA ILE D 395 -29.12 -28.28 24.81
C ILE D 395 -30.61 -28.56 24.66
N MET D 396 -31.10 -28.52 23.42
CA MET D 396 -32.51 -28.77 23.12
C MET D 396 -32.99 -30.10 23.71
N LYS D 397 -34.29 -30.19 23.89
CA LYS D 397 -34.90 -31.46 24.27
C LYS D 397 -35.10 -32.34 23.04
N GLY D 398 -35.22 -31.74 21.87
CA GLY D 398 -35.38 -32.50 20.65
C GLY D 398 -36.15 -31.67 19.64
N TYR D 399 -36.31 -32.23 18.45
CA TYR D 399 -37.18 -31.63 17.46
C TYR D 399 -38.62 -32.05 17.71
N LEU D 400 -39.54 -31.12 17.49
CA LEU D 400 -40.94 -31.38 17.80
C LEU D 400 -41.50 -32.45 16.85
N ASN D 401 -42.15 -33.47 17.42
CA ASN D 401 -42.78 -34.55 16.64
C ASN D 401 -41.84 -35.18 15.61
N ASP D 402 -40.56 -35.22 15.90
CA ASP D 402 -39.58 -35.83 15.00
C ASP D 402 -38.54 -36.53 15.85
N PRO D 403 -38.93 -37.62 16.52
CA PRO D 403 -37.97 -38.31 17.39
C PRO D 403 -36.80 -38.88 16.62
N GLU D 404 -36.98 -39.22 15.36
CA GLU D 404 -35.88 -39.80 14.59
C GLU D 404 -34.86 -38.75 14.19
N ALA D 405 -35.28 -37.55 13.78
CA ALA D 405 -34.27 -36.51 13.54
C ALA D 405 -33.52 -36.21 14.83
N THR D 406 -34.24 -36.23 15.96
CA THR D 406 -33.58 -36.04 17.25
C THR D 406 -32.51 -37.12 17.46
N ALA D 407 -32.82 -38.39 17.14
CA ALA D 407 -31.86 -39.46 17.39
C ALA D 407 -30.66 -39.42 16.43
N ARG D 408 -30.75 -38.75 15.29
CA ARG D 408 -29.57 -38.58 14.42
C ARG D 408 -28.70 -37.38 14.82
N THR D 409 -29.16 -36.58 15.77
CA THR D 409 -28.50 -35.35 16.20
C THR D 409 -27.96 -35.39 17.63
N ILE D 410 -28.68 -36.03 18.54
CA ILE D 410 -28.23 -36.26 19.90
C ILE D 410 -28.14 -37.75 20.12
N ASP D 411 -26.98 -38.22 20.56
CA ASP D 411 -26.81 -39.66 20.66
C ASP D 411 -27.30 -40.13 22.03
N LYS D 412 -27.13 -41.42 22.29
CA LYS D 412 -27.69 -41.99 23.52
C LYS D 412 -26.94 -41.50 24.75
N GLU D 413 -25.65 -41.20 24.62
CA GLU D 413 -24.89 -40.71 25.77
C GLU D 413 -25.14 -39.23 26.05
N GLY D 414 -25.90 -38.54 25.21
CA GLY D 414 -26.24 -37.12 25.41
C GLY D 414 -25.47 -36.12 24.57
N TRP D 415 -24.63 -36.58 23.65
CA TRP D 415 -23.80 -35.70 22.83
C TRP D 415 -24.61 -35.10 21.67
N LEU D 416 -24.57 -33.78 21.53
CA LEU D 416 -25.19 -33.10 20.40
C LEU D 416 -24.16 -32.90 19.29
N TYR D 417 -24.49 -33.37 18.09
CA TYR D 417 -23.57 -33.31 16.95
C TYR D 417 -23.91 -32.09 16.09
N THR D 418 -23.01 -31.10 16.07
CA THR D 418 -23.27 -29.80 15.47
C THR D 418 -23.21 -29.83 13.94
N GLY D 419 -22.55 -30.82 13.35
CA GLY D 419 -22.34 -30.88 11.91
C GLY D 419 -21.30 -29.92 11.37
N ASP D 420 -20.63 -29.16 12.23
CA ASP D 420 -19.57 -28.21 11.91
C ASP D 420 -18.22 -28.84 12.29
N ILE D 421 -17.18 -28.35 11.66
CA ILE D 421 -15.86 -28.93 11.77
C ILE D 421 -14.92 -27.89 12.38
N GLY D 422 -14.22 -28.28 13.44
CA GLY D 422 -13.33 -27.37 14.10
C GLY D 422 -12.28 -28.08 14.94
N TYR D 423 -11.51 -27.30 15.69
CA TYR D 423 -10.47 -27.87 16.53
C TYR D 423 -10.28 -26.98 17.75
N ILE D 424 -9.69 -27.56 18.78
CA ILE D 424 -9.39 -26.83 20.01
C ILE D 424 -7.88 -26.82 20.17
N ASP D 425 -7.34 -25.67 20.52
CA ASP D 425 -5.90 -25.47 20.56
C ASP D 425 -5.41 -25.62 21.98
N ASP D 426 -4.13 -25.33 22.19
CA ASP D 426 -3.51 -25.50 23.50
C ASP D 426 -4.10 -24.57 24.55
N ASP D 427 -4.65 -23.42 24.15
CA ASP D 427 -5.26 -22.48 25.09
C ASP D 427 -6.77 -22.69 25.29
N ASP D 428 -7.30 -23.84 24.86
CA ASP D 428 -8.73 -24.17 24.93
C ASP D 428 -9.59 -23.11 24.26
N GLU D 429 -9.13 -22.58 23.13
CA GLU D 429 -9.95 -21.76 22.26
C GLU D 429 -10.39 -22.62 21.07
N LEU D 430 -11.66 -22.53 20.74
CA LEU D 430 -12.21 -23.28 19.61
C LEU D 430 -11.97 -22.51 18.32
N PHE D 431 -11.62 -23.23 17.26
CA PHE D 431 -11.48 -22.69 15.90
C PHE D 431 -12.38 -23.49 14.98
N ILE D 432 -13.17 -22.80 14.16
CA ILE D 432 -14.11 -23.44 13.24
C ILE D 432 -13.55 -23.33 11.82
N VAL D 433 -13.48 -24.45 11.10
CA VAL D 433 -12.89 -24.45 9.76
C VAL D 433 -13.91 -24.68 8.66
N ASP D 434 -15.06 -25.28 8.95
CA ASP D 434 -16.08 -25.51 7.91
C ASP D 434 -17.45 -25.53 8.59
N ARG D 435 -18.26 -24.51 8.35
CA ARG D 435 -19.63 -24.48 8.87
C ARG D 435 -20.63 -24.84 7.80
N LEU D 436 -20.21 -24.79 6.55
CA LEU D 436 -21.03 -25.16 5.42
C LEU D 436 -21.22 -26.66 5.41
N LYS D 437 -22.41 -27.13 5.75
CA LYS D 437 -22.66 -28.56 5.75
C LYS D 437 -22.48 -29.12 4.34
N GLU D 438 -22.21 -30.39 4.24
CA GLU D 438 -21.96 -30.91 2.93
C GLU D 438 -23.09 -30.51 2.01
N LEU D 439 -22.75 -30.01 0.85
CA LEU D 439 -23.75 -29.60 -0.11
C LEU D 439 -23.30 -29.82 -1.54
N ILE D 440 -24.03 -30.64 -2.27
CA ILE D 440 -23.70 -30.93 -3.65
C ILE D 440 -24.10 -29.82 -4.59
N LYS D 443 -25.52 -29.69 -11.77
CA LYS D 443 -25.48 -28.41 -12.48
C LYS D 443 -25.57 -27.28 -11.46
N GLY D 444 -25.42 -26.05 -11.93
CA GLY D 444 -25.56 -24.84 -11.14
C GLY D 444 -26.69 -24.72 -10.14
N PHE D 445 -27.20 -25.82 -9.56
CA PHE D 445 -28.11 -25.81 -8.40
C PHE D 445 -27.43 -26.65 -7.28
N GLN D 446 -27.95 -26.60 -6.07
CA GLN D 446 -27.37 -27.39 -5.00
C GLN D 446 -28.43 -28.33 -4.46
N VAL D 447 -28.07 -29.12 -3.47
CA VAL D 447 -28.93 -30.11 -2.86
C VAL D 447 -28.20 -30.42 -1.58
N ALA D 448 -28.92 -30.35 -0.46
CA ALA D 448 -28.34 -30.64 0.82
C ALA D 448 -28.50 -32.15 1.02
N PRO D 449 -27.41 -32.93 1.03
CA PRO D 449 -27.54 -34.37 1.31
C PRO D 449 -28.38 -34.61 2.54
N ALA D 450 -28.21 -33.75 3.55
CA ALA D 450 -29.02 -33.84 4.77
C ALA D 450 -30.49 -33.66 4.48
N GLU D 451 -30.85 -32.89 3.44
CA GLU D 451 -32.27 -32.80 3.09
C GLU D 451 -32.79 -34.16 2.67
N LEU D 452 -32.14 -34.81 1.71
CA LEU D 452 -32.70 -36.03 1.13
C LEU D 452 -32.67 -37.22 2.07
N GLU D 453 -31.67 -37.32 2.94
CA GLU D 453 -31.68 -38.40 3.92
C GLU D 453 -32.90 -38.32 4.81
N ALA D 454 -33.29 -37.09 5.20
CA ALA D 454 -34.48 -36.91 6.03
C ALA D 454 -35.75 -37.43 5.35
N LEU D 455 -35.82 -37.35 4.01
CA LEU D 455 -36.98 -37.89 3.29
C LEU D 455 -36.83 -39.37 2.96
N LEU D 456 -35.63 -39.82 2.58
CA LEU D 456 -35.39 -41.26 2.48
C LEU D 456 -35.66 -41.98 3.80
N LEU D 457 -35.45 -41.29 4.94
CA LEU D 457 -35.64 -41.95 6.23
C LEU D 457 -37.11 -42.07 6.61
N ASN D 458 -37.92 -41.05 6.30
CA ASN D 458 -39.35 -41.13 6.60
C ASN D 458 -40.07 -42.17 5.73
N HIS D 459 -39.35 -42.87 4.85
CA HIS D 459 -39.88 -44.05 4.16
C HIS D 459 -39.74 -45.27 5.07
N PRO D 460 -40.84 -45.99 5.37
CA PRO D 460 -40.75 -47.12 6.31
C PRO D 460 -39.66 -48.14 6.02
N ASN D 461 -39.69 -48.77 4.84
CA ASN D 461 -38.75 -49.86 4.58
C ASN D 461 -37.34 -49.34 4.29
N ILE D 462 -36.86 -48.38 5.08
CA ILE D 462 -35.48 -47.87 5.04
C ILE D 462 -35.06 -47.48 6.45
N SER D 463 -34.33 -48.36 7.14
CA SER D 463 -34.08 -48.18 8.56
C SER D 463 -32.96 -47.20 8.88
N ASP D 464 -32.25 -46.71 7.86
CA ASP D 464 -31.02 -45.94 8.05
C ASP D 464 -30.45 -45.54 6.69
N ALA D 465 -30.14 -44.26 6.49
CA ALA D 465 -29.79 -43.77 5.16
C ALA D 465 -28.69 -42.73 5.24
N ALA D 466 -28.01 -42.54 4.11
CA ALA D 466 -26.99 -41.50 3.95
C ALA D 466 -26.78 -41.27 2.45
N VAL D 467 -26.80 -40.00 2.04
CA VAL D 467 -26.64 -39.61 0.63
C VAL D 467 -25.30 -38.91 0.45
N VAL D 468 -24.63 -39.23 -0.66
CA VAL D 468 -23.30 -38.69 -0.97
C VAL D 468 -23.26 -38.31 -2.45
N PRO D 469 -22.29 -37.50 -2.85
CA PRO D 469 -22.07 -37.26 -4.28
C PRO D 469 -21.45 -38.47 -4.96
N MET D 470 -21.49 -38.43 -6.29
CA MET D 470 -20.90 -39.49 -7.11
C MET D 470 -20.63 -38.97 -8.52
N VAL D 478 -23.50 -35.15 -8.53
CA VAL D 478 -24.85 -35.68 -8.64
C VAL D 478 -25.17 -36.60 -7.43
N PRO D 479 -26.37 -36.47 -6.87
CA PRO D 479 -26.70 -37.17 -5.62
C PRO D 479 -26.85 -38.68 -5.79
N VAL D 480 -26.40 -39.42 -4.77
CA VAL D 480 -26.43 -40.89 -4.76
C VAL D 480 -26.61 -41.34 -3.32
N ALA D 481 -27.47 -42.35 -3.12
CA ALA D 481 -27.89 -42.79 -1.79
C ALA D 481 -27.49 -44.23 -1.52
N PHE D 482 -27.32 -44.54 -0.23
CA PHE D 482 -27.19 -45.91 0.28
C PHE D 482 -28.24 -46.10 1.36
N VAL D 483 -29.14 -47.06 1.18
CA VAL D 483 -30.20 -47.28 2.15
C VAL D 483 -30.10 -48.70 2.70
N VAL D 484 -30.70 -48.90 3.87
CA VAL D 484 -30.51 -50.13 4.63
C VAL D 484 -31.77 -50.98 4.74
N ARG D 485 -32.93 -50.46 4.35
CA ARG D 485 -34.18 -51.25 4.27
C ARG D 485 -34.72 -51.68 5.64
N THR D 490 -39.20 -56.19 -0.50
CA THR D 490 -38.50 -56.05 -1.77
C THR D 490 -38.49 -54.58 -2.20
N ILE D 491 -37.53 -53.86 -1.66
CA ILE D 491 -37.40 -52.42 -1.86
C ILE D 491 -36.38 -52.24 -2.99
N THR D 492 -36.88 -52.05 -4.22
CA THR D 492 -36.08 -52.03 -5.43
C THR D 492 -35.36 -50.67 -5.59
N GLU D 493 -34.42 -50.59 -6.53
CA GLU D 493 -33.75 -49.31 -6.77
C GLU D 493 -34.69 -48.26 -7.36
N ASP D 494 -35.33 -48.55 -8.48
CA ASP D 494 -36.14 -47.53 -9.16
C ASP D 494 -37.35 -47.08 -8.35
N GLU D 495 -37.71 -47.80 -7.28
CA GLU D 495 -38.86 -47.41 -6.47
C GLU D 495 -38.47 -46.58 -5.25
N VAL D 496 -37.21 -46.60 -4.83
CA VAL D 496 -36.68 -45.58 -3.93
C VAL D 496 -36.51 -44.27 -4.67
N LYS D 497 -36.06 -44.33 -5.93
CA LYS D 497 -35.82 -43.14 -6.73
C LYS D 497 -37.13 -42.48 -7.18
N ASP D 498 -38.07 -43.28 -7.69
CA ASP D 498 -39.36 -42.70 -8.05
C ASP D 498 -40.15 -42.32 -6.81
N PHE D 499 -39.86 -42.93 -5.66
CA PHE D 499 -40.45 -42.48 -4.41
C PHE D 499 -39.92 -41.10 -4.04
N ILE D 500 -38.65 -40.83 -4.30
CA ILE D 500 -38.07 -39.52 -3.94
C ILE D 500 -38.34 -38.49 -5.03
N SER D 501 -38.29 -38.89 -6.30
CA SER D 501 -38.41 -37.92 -7.38
C SER D 501 -39.77 -37.22 -7.38
N LYS D 502 -40.78 -37.77 -6.68
CA LYS D 502 -42.05 -37.09 -6.60
C LYS D 502 -42.13 -36.06 -5.46
N GLN D 503 -41.25 -36.14 -4.45
CA GLN D 503 -41.21 -35.10 -3.41
C GLN D 503 -40.55 -33.80 -3.84
N VAL D 504 -39.56 -33.84 -4.75
CA VAL D 504 -38.66 -32.70 -4.89
C VAL D 504 -38.58 -32.20 -6.32
N ILE D 505 -38.17 -30.94 -6.45
CA ILE D 505 -37.82 -30.39 -7.74
C ILE D 505 -36.67 -31.19 -8.37
N PHE D 506 -36.61 -31.15 -9.70
CA PHE D 506 -35.80 -32.09 -10.45
C PHE D 506 -34.33 -32.11 -10.02
N TYR D 507 -33.74 -30.94 -9.73
CA TYR D 507 -32.30 -30.93 -9.52
C TYR D 507 -31.86 -31.54 -8.18
N LYS D 508 -32.77 -31.83 -7.25
CA LYS D 508 -32.37 -32.50 -6.02
C LYS D 508 -32.76 -33.97 -5.99
N ARG D 509 -33.01 -34.58 -7.13
CA ARG D 509 -33.39 -35.98 -7.14
C ARG D 509 -32.15 -36.87 -7.11
N ILE D 510 -32.30 -38.00 -6.45
CA ILE D 510 -31.22 -38.98 -6.35
C ILE D 510 -31.16 -39.73 -7.67
N LYS D 511 -29.97 -39.83 -8.26
CA LYS D 511 -29.82 -40.50 -9.55
C LYS D 511 -29.42 -41.97 -9.44
N ARG D 512 -28.93 -42.42 -8.29
CA ARG D 512 -28.54 -43.81 -8.11
C ARG D 512 -28.60 -44.16 -6.63
N VAL D 513 -29.02 -45.38 -6.33
CA VAL D 513 -29.16 -45.85 -4.95
C VAL D 513 -28.60 -47.26 -4.85
N PHE D 514 -28.00 -47.59 -3.70
CA PHE D 514 -27.66 -48.98 -3.40
C PHE D 514 -28.13 -49.36 -1.99
N PHE D 515 -27.78 -50.56 -1.55
CA PHE D 515 -28.40 -51.24 -0.42
C PHE D 515 -27.32 -51.92 0.40
N VAL D 516 -27.18 -51.53 1.67
CA VAL D 516 -26.04 -51.96 2.48
C VAL D 516 -26.48 -52.83 3.66
N ASP D 517 -25.49 -53.50 4.25
CA ASP D 517 -25.65 -54.05 5.59
C ASP D 517 -25.73 -52.92 6.61
N ALA D 518 -24.71 -52.05 6.58
CA ALA D 518 -24.55 -50.94 7.50
C ALA D 518 -23.59 -49.92 6.85
N ILE D 519 -23.58 -48.72 7.44
CA ILE D 519 -22.89 -47.54 6.98
C ILE D 519 -21.80 -47.11 7.92
N PRO D 520 -20.95 -46.15 7.48
CA PRO D 520 -20.13 -45.38 8.39
C PRO D 520 -20.97 -44.94 9.62
N LYS D 521 -21.07 -45.78 10.63
CA LYS D 521 -21.77 -45.31 11.82
C LYS D 521 -20.76 -44.98 12.91
N SER D 522 -20.22 -46.03 13.57
CA SER D 522 -19.21 -45.99 14.63
C SER D 522 -19.82 -45.85 16.03
N PRO D 523 -19.02 -45.95 17.12
CA PRO D 523 -19.60 -45.74 18.45
C PRO D 523 -20.06 -44.30 18.69
#